data_2OAX
#
_entry.id   2OAX
#
_cell.length_a   122.198
_cell.length_b   122.198
_cell.length_c   91.808
_cell.angle_alpha   90.00
_cell.angle_beta   90.00
_cell.angle_gamma   120.00
#
_symmetry.space_group_name_H-M   'P 32'
#
loop_
_entity.id
_entity.type
_entity.pdbx_description
1 polymer 'Mineralocorticoid receptor'
2 non-polymer SPIRONOLACTONE
3 water water
#
_entity_poly.entity_id   1
_entity_poly.type   'polypeptide(L)'
_entity_poly.pdbx_seq_one_letter_code
;GSSRALTPSPVMVLENIEPEIVYAGYDSSKPDTAENLLSTLNRLAGKQMIQVVKWAKVLPGFKNLPLEDQITLIQYSWMC
LLSFALSWRSYKHTNSQFLYFAPDLVFNEEKMHQSAMYELCQGMHQISLQFVRLQLTFEEYTIMKVLLLLSTIPKDGLKS
QAAFEEMRTNYIKELRKMVTKAPNNSGQSWQRFYQLTKLLDSMHDLVSDLLEFCFYTFRESHALKVEFPAMLVEIISDQL
PKVESGNAKPLYFHRK
;
_entity_poly.pdbx_strand_id   A,B,C,D,E,F
#
# COMPACT_ATOMS: atom_id res chain seq x y z
N PRO A 10 -21.53 27.00 -45.71
CA PRO A 10 -20.30 27.08 -46.55
C PRO A 10 -19.90 25.69 -47.01
N VAL A 11 -19.45 24.86 -46.07
CA VAL A 11 -19.04 23.48 -46.37
C VAL A 11 -20.23 22.69 -46.90
N MET A 12 -21.37 22.83 -46.24
CA MET A 12 -22.62 22.16 -46.63
C MET A 12 -22.92 22.50 -48.08
N VAL A 13 -22.99 23.80 -48.39
CA VAL A 13 -23.30 24.26 -49.74
C VAL A 13 -22.32 23.73 -50.76
N LEU A 14 -21.04 23.86 -50.47
CA LEU A 14 -20.00 23.39 -51.37
C LEU A 14 -20.14 21.93 -51.73
N GLU A 15 -20.43 21.07 -50.76
CA GLU A 15 -20.56 19.66 -51.06
C GLU A 15 -21.80 19.36 -51.88
N ASN A 16 -22.85 20.17 -51.68
CA ASN A 16 -24.09 19.99 -52.42
C ASN A 16 -23.98 20.46 -53.86
N ILE A 17 -23.20 21.51 -54.10
CA ILE A 17 -23.08 22.02 -55.46
C ILE A 17 -21.94 21.44 -56.26
N GLU A 18 -21.28 20.40 -55.74
CA GLU A 18 -20.17 19.77 -56.47
C GLU A 18 -20.77 19.20 -57.77
N PRO A 19 -20.02 19.20 -58.87
CA PRO A 19 -20.52 18.68 -60.15
C PRO A 19 -20.85 17.20 -60.18
N GLU A 20 -21.68 16.80 -61.14
CA GLU A 20 -22.05 15.40 -61.28
C GLU A 20 -21.01 14.67 -62.11
N ILE A 21 -21.10 13.34 -62.11
CA ILE A 21 -20.18 12.49 -62.87
C ILE A 21 -20.23 12.86 -64.34
N VAL A 22 -19.08 12.98 -64.99
CA VAL A 22 -19.03 13.30 -66.40
C VAL A 22 -18.31 12.16 -67.11
N TYR A 23 -18.93 11.61 -68.15
CA TYR A 23 -18.35 10.51 -68.92
C TYR A 23 -17.53 11.03 -70.07
N ALA A 24 -16.52 10.26 -70.47
CA ALA A 24 -15.66 10.66 -71.59
C ALA A 24 -16.27 10.25 -72.92
N GLY A 25 -17.25 9.35 -72.87
CA GLY A 25 -17.89 8.88 -74.08
C GLY A 25 -16.89 8.10 -74.93
N TYR A 26 -15.90 7.53 -74.26
CA TYR A 26 -14.86 6.76 -74.94
C TYR A 26 -15.43 5.63 -75.79
N ASP A 27 -15.04 5.57 -77.06
CA ASP A 27 -15.51 4.55 -77.98
C ASP A 27 -14.38 3.65 -78.52
N SER A 28 -14.21 2.48 -77.91
CA SER A 28 -13.17 1.57 -78.34
C SER A 28 -13.65 0.72 -79.51
N ASP A 32 -7.61 3.99 -81.03
CA ASP A 32 -6.77 4.21 -79.85
C ASP A 32 -5.48 4.94 -80.22
N THR A 33 -5.59 5.87 -81.17
CA THR A 33 -4.44 6.63 -81.62
C THR A 33 -4.22 7.86 -80.73
N ALA A 34 -2.99 8.38 -80.72
CA ALA A 34 -2.64 9.54 -79.93
C ALA A 34 -3.63 10.69 -80.13
N GLU A 35 -4.07 10.86 -81.37
CA GLU A 35 -5.02 11.89 -81.74
C GLU A 35 -6.31 11.68 -80.98
N ASN A 36 -6.74 10.42 -80.92
CA ASN A 36 -7.98 10.07 -80.22
C ASN A 36 -7.96 10.46 -78.74
N LEU A 37 -7.01 9.91 -77.99
CA LEU A 37 -6.91 10.20 -76.55
C LEU A 37 -7.02 11.69 -76.25
N LEU A 38 -6.18 12.48 -76.90
CA LEU A 38 -6.15 13.92 -76.67
C LEU A 38 -7.45 14.60 -77.06
N SER A 39 -8.04 14.22 -78.20
CA SER A 39 -9.30 14.81 -78.63
C SER A 39 -10.38 14.42 -77.63
N THR A 40 -10.33 13.17 -77.17
CA THR A 40 -11.30 12.68 -76.20
C THR A 40 -11.13 13.48 -74.92
N LEU A 41 -9.88 13.67 -74.49
CA LEU A 41 -9.62 14.44 -73.29
C LEU A 41 -10.09 15.89 -73.49
N ASN A 42 -9.87 16.46 -74.66
CA ASN A 42 -10.30 17.83 -74.91
C ASN A 42 -11.83 17.95 -74.85
N ARG A 43 -12.51 16.96 -75.41
CA ARG A 43 -13.96 16.96 -75.38
C ARG A 43 -14.37 16.75 -73.94
N LEU A 44 -13.69 15.84 -73.25
CA LEU A 44 -13.98 15.60 -71.84
C LEU A 44 -13.88 16.97 -71.16
N ALA A 45 -12.80 17.69 -71.46
CA ALA A 45 -12.55 19.01 -70.90
C ALA A 45 -13.71 19.95 -71.15
N GLY A 46 -14.19 19.98 -72.39
CA GLY A 46 -15.30 20.87 -72.72
C GLY A 46 -16.52 20.53 -71.90
N LYS A 47 -16.75 19.25 -71.67
CA LYS A 47 -17.90 18.79 -70.89
C LYS A 47 -17.78 19.21 -69.42
N GLN A 48 -16.62 19.00 -68.81
CA GLN A 48 -16.44 19.37 -67.40
C GLN A 48 -16.57 20.88 -67.20
N MET A 49 -16.08 21.66 -68.16
CA MET A 49 -16.17 23.11 -68.03
C MET A 49 -17.64 23.56 -67.93
N ILE A 50 -18.53 22.81 -68.57
CA ILE A 50 -19.94 23.15 -68.50
C ILE A 50 -20.37 23.06 -67.04
N GLN A 51 -19.90 22.02 -66.35
CA GLN A 51 -20.21 21.84 -64.93
C GLN A 51 -19.55 22.95 -64.08
N VAL A 52 -18.37 23.40 -64.50
CA VAL A 52 -17.66 24.45 -63.77
C VAL A 52 -18.48 25.74 -63.80
N VAL A 53 -18.98 26.08 -64.98
CA VAL A 53 -19.80 27.29 -65.19
C VAL A 53 -21.03 27.25 -64.28
N LYS A 54 -21.73 26.13 -64.30
CA LYS A 54 -22.92 25.98 -63.46
C LYS A 54 -22.50 26.05 -62.00
N TRP A 55 -21.38 25.42 -61.67
CA TRP A 55 -20.86 25.41 -60.30
C TRP A 55 -20.60 26.85 -59.84
N ALA A 56 -19.88 27.61 -60.66
CA ALA A 56 -19.54 28.99 -60.33
C ALA A 56 -20.71 29.93 -60.05
N LYS A 57 -21.82 29.79 -60.76
CA LYS A 57 -22.95 30.69 -60.54
C LYS A 57 -23.60 30.50 -59.19
N VAL A 58 -23.39 29.34 -58.55
CA VAL A 58 -23.99 29.09 -57.25
C VAL A 58 -22.98 29.03 -56.10
N LEU A 59 -21.73 29.36 -56.42
CA LEU A 59 -20.65 29.34 -55.43
C LEU A 59 -20.77 30.52 -54.48
N PRO A 60 -20.84 30.26 -53.17
CA PRO A 60 -20.96 31.29 -52.14
C PRO A 60 -19.88 32.36 -52.27
N GLY A 61 -20.29 33.62 -52.33
CA GLY A 61 -19.35 34.72 -52.43
C GLY A 61 -18.98 35.09 -53.85
N PHE A 62 -18.67 34.08 -54.65
CA PHE A 62 -18.25 34.27 -56.04
C PHE A 62 -19.35 34.90 -56.89
N LYS A 63 -20.53 34.30 -56.83
CA LYS A 63 -21.67 34.76 -57.60
C LYS A 63 -22.03 36.21 -57.33
N ASN A 64 -21.26 36.86 -56.47
CA ASN A 64 -21.50 38.26 -56.14
C ASN A 64 -20.77 39.19 -57.09
N LEU A 65 -19.44 39.09 -57.14
CA LEU A 65 -18.61 39.93 -58.01
C LEU A 65 -19.25 40.01 -59.38
N PRO A 66 -18.96 41.08 -60.14
CA PRO A 66 -19.51 41.29 -61.49
C PRO A 66 -19.12 40.17 -62.47
N LEU A 67 -20.06 39.78 -63.32
CA LEU A 67 -19.83 38.70 -64.27
C LEU A 67 -18.51 38.81 -65.02
N GLU A 68 -18.08 40.02 -65.32
CA GLU A 68 -16.81 40.23 -66.02
C GLU A 68 -15.74 39.48 -65.26
N ASP A 69 -15.49 39.91 -64.05
CA ASP A 69 -14.48 39.27 -63.23
C ASP A 69 -14.76 37.78 -63.04
N GLN A 70 -16.04 37.41 -63.00
CA GLN A 70 -16.40 36.01 -62.82
C GLN A 70 -15.95 35.19 -64.02
N ILE A 71 -16.23 35.67 -65.22
CA ILE A 71 -15.82 34.95 -66.43
C ILE A 71 -14.29 34.95 -66.48
N THR A 72 -13.68 36.04 -66.05
CA THR A 72 -12.23 36.17 -66.06
C THR A 72 -11.52 35.19 -65.14
N LEU A 73 -12.00 35.06 -63.91
CA LEU A 73 -11.37 34.16 -62.97
C LEU A 73 -11.51 32.72 -63.44
N ILE A 74 -12.59 32.43 -64.15
CA ILE A 74 -12.84 31.08 -64.65
C ILE A 74 -11.94 30.77 -65.86
N GLN A 75 -11.66 31.77 -66.67
CA GLN A 75 -10.81 31.59 -67.84
C GLN A 75 -9.33 31.48 -67.52
N TYR A 76 -8.90 32.02 -66.39
CA TYR A 76 -7.48 31.93 -66.01
C TYR A 76 -7.13 30.73 -65.13
N SER A 77 -8.13 30.17 -64.46
CA SER A 77 -7.90 29.04 -63.57
C SER A 77 -8.52 27.70 -63.98
N TRP A 78 -9.05 27.62 -65.20
CA TRP A 78 -9.69 26.38 -65.68
C TRP A 78 -8.79 25.16 -65.60
N MET A 79 -7.52 25.32 -65.95
CA MET A 79 -6.57 24.19 -65.89
C MET A 79 -6.31 23.76 -64.45
N CYS A 80 -6.22 24.72 -63.52
CA CYS A 80 -5.99 24.40 -62.12
C CYS A 80 -7.15 23.58 -61.63
N LEU A 81 -8.36 24.08 -61.91
CA LEU A 81 -9.60 23.43 -61.51
C LEU A 81 -9.77 22.01 -62.03
N LEU A 82 -9.64 21.80 -63.34
CA LEU A 82 -9.84 20.46 -63.86
C LEU A 82 -8.76 19.47 -63.44
N SER A 83 -7.51 19.91 -63.37
CA SER A 83 -6.43 19.00 -62.99
C SER A 83 -6.49 18.60 -61.52
N PHE A 84 -6.87 19.54 -60.66
CA PHE A 84 -7.00 19.28 -59.23
C PHE A 84 -8.17 18.30 -59.07
N ALA A 85 -9.20 18.48 -59.89
CA ALA A 85 -10.35 17.60 -59.78
C ALA A 85 -9.97 16.19 -60.26
N LEU A 86 -9.13 16.11 -61.28
CA LEU A 86 -8.69 14.82 -61.76
C LEU A 86 -7.96 14.13 -60.62
N SER A 87 -7.09 14.90 -59.96
CA SER A 87 -6.32 14.42 -58.84
C SER A 87 -7.23 13.86 -57.75
N TRP A 88 -8.35 14.54 -57.49
CA TRP A 88 -9.31 14.10 -56.47
C TRP A 88 -9.97 12.77 -56.82
N ARG A 89 -10.50 12.67 -58.03
CA ARG A 89 -11.16 11.45 -58.49
C ARG A 89 -10.17 10.27 -58.43
N SER A 90 -8.96 10.49 -58.94
CA SER A 90 -7.91 9.45 -58.95
C SER A 90 -7.59 8.96 -57.53
N TYR A 91 -7.69 9.86 -56.57
CA TYR A 91 -7.42 9.54 -55.17
C TYR A 91 -8.61 8.81 -54.54
N LYS A 92 -9.81 9.36 -54.74
CA LYS A 92 -11.02 8.76 -54.18
C LYS A 92 -11.34 7.37 -54.76
N HIS A 93 -11.27 7.25 -56.08
CA HIS A 93 -11.60 5.99 -56.76
C HIS A 93 -10.52 4.89 -56.88
N THR A 94 -9.27 5.27 -57.06
CA THR A 94 -8.20 4.27 -57.21
C THR A 94 -7.06 4.46 -56.23
N ASN A 95 -7.33 5.21 -55.17
CA ASN A 95 -6.32 5.48 -54.15
C ASN A 95 -5.02 6.00 -54.77
N SER A 96 -5.17 6.89 -55.75
CA SER A 96 -4.05 7.51 -56.46
C SER A 96 -3.11 6.49 -57.10
N GLN A 97 -3.67 5.46 -57.71
CA GLN A 97 -2.87 4.42 -58.36
C GLN A 97 -2.89 4.65 -59.87
N PHE A 98 -4.02 5.13 -60.38
CA PHE A 98 -4.21 5.42 -61.81
C PHE A 98 -4.76 6.82 -61.92
N LEU A 99 -4.97 7.28 -63.15
CA LEU A 99 -5.54 8.61 -63.38
C LEU A 99 -6.98 8.47 -63.85
N TYR A 100 -7.88 8.79 -62.93
CA TYR A 100 -9.32 8.67 -63.12
C TYR A 100 -9.97 9.90 -63.76
N PHE A 101 -9.87 9.99 -65.09
CA PHE A 101 -10.45 11.13 -65.82
C PHE A 101 -11.96 11.06 -65.80
N ALA A 102 -12.47 9.84 -65.91
CA ALA A 102 -13.91 9.58 -65.92
C ALA A 102 -14.17 8.10 -65.70
N PRO A 103 -15.38 7.74 -65.24
CA PRO A 103 -15.72 6.32 -65.01
C PRO A 103 -15.31 5.47 -66.21
N ASP A 104 -15.62 5.95 -67.41
CA ASP A 104 -15.29 5.23 -68.64
C ASP A 104 -13.92 5.60 -69.24
N LEU A 105 -13.08 6.29 -68.47
CA LEU A 105 -11.76 6.67 -68.95
C LEU A 105 -10.75 6.76 -67.81
N VAL A 106 -10.18 5.61 -67.44
CA VAL A 106 -9.19 5.52 -66.38
C VAL A 106 -7.86 5.19 -67.05
N PHE A 107 -6.84 6.02 -66.81
CA PHE A 107 -5.54 5.81 -67.43
C PHE A 107 -4.55 4.97 -66.65
N ASN A 108 -3.79 4.17 -67.39
CA ASN A 108 -2.77 3.33 -66.80
C ASN A 108 -1.45 3.75 -67.45
N GLU A 109 -0.35 3.10 -67.09
CA GLU A 109 0.95 3.44 -67.64
C GLU A 109 0.96 3.40 -69.16
N GLU A 110 0.18 2.50 -69.74
CA GLU A 110 0.08 2.36 -71.19
C GLU A 110 -0.71 3.51 -71.79
N LYS A 111 -1.92 3.74 -71.26
CA LYS A 111 -2.75 4.84 -71.74
C LYS A 111 -1.97 6.14 -71.56
N MET A 112 -1.15 6.18 -70.50
CA MET A 112 -0.30 7.34 -70.21
C MET A 112 0.70 7.51 -71.36
N HIS A 113 1.04 6.41 -72.03
CA HIS A 113 1.97 6.42 -73.15
C HIS A 113 1.30 6.67 -74.49
N GLN A 114 0.13 6.08 -74.70
CA GLN A 114 -0.62 6.22 -75.95
C GLN A 114 -0.89 7.69 -76.25
N SER A 115 -1.36 8.40 -75.24
CA SER A 115 -1.69 9.82 -75.35
C SER A 115 -0.46 10.69 -75.58
N ALA A 116 0.72 10.09 -75.53
CA ALA A 116 1.98 10.80 -75.72
C ALA A 116 2.05 12.00 -74.77
N MET A 117 1.76 11.75 -73.51
CA MET A 117 1.71 12.79 -72.50
C MET A 117 2.17 12.19 -71.17
N TYR A 118 3.09 11.23 -71.27
CA TYR A 118 3.59 10.49 -70.10
C TYR A 118 4.13 11.21 -68.86
N GLU A 119 5.14 12.05 -69.02
CA GLU A 119 5.71 12.75 -67.88
C GLU A 119 4.67 13.69 -67.29
N LEU A 120 3.86 14.26 -68.17
CA LEU A 120 2.80 15.18 -67.79
C LEU A 120 1.74 14.43 -66.99
N CYS A 121 1.52 13.16 -67.32
CA CYS A 121 0.54 12.35 -66.62
C CYS A 121 1.14 11.94 -65.29
N GLN A 122 2.44 11.65 -65.32
CA GLN A 122 3.16 11.24 -64.13
C GLN A 122 3.17 12.43 -63.16
N GLY A 123 3.22 13.63 -63.72
CA GLY A 123 3.24 14.82 -62.91
C GLY A 123 2.01 14.95 -62.04
N MET A 124 0.83 14.85 -62.65
CA MET A 124 -0.42 14.96 -61.91
C MET A 124 -0.58 13.73 -61.04
N HIS A 125 -0.11 12.58 -61.53
CA HIS A 125 -0.17 11.34 -60.77
C HIS A 125 0.53 11.55 -59.43
N GLN A 126 1.61 12.34 -59.45
CA GLN A 126 2.36 12.63 -58.22
C GLN A 126 1.57 13.54 -57.29
N ILE A 127 0.77 14.46 -57.84
CA ILE A 127 -0.03 15.33 -57.00
C ILE A 127 -1.00 14.46 -56.21
N SER A 128 -1.71 13.60 -56.93
CA SER A 128 -2.69 12.70 -56.32
C SER A 128 -2.07 11.80 -55.28
N LEU A 129 -0.80 11.46 -55.45
CA LEU A 129 -0.13 10.61 -54.46
C LEU A 129 -0.01 11.39 -53.14
N GLN A 130 0.14 12.71 -53.26
CA GLN A 130 0.24 13.57 -52.08
C GLN A 130 -1.11 13.64 -51.37
N PHE A 131 -2.17 13.31 -52.11
CA PHE A 131 -3.51 13.31 -51.52
C PHE A 131 -3.56 12.17 -50.51
N VAL A 132 -3.00 11.03 -50.88
CA VAL A 132 -2.98 9.86 -50.03
C VAL A 132 -2.12 10.11 -48.80
N ARG A 133 -0.89 10.55 -49.01
CA ARG A 133 0.01 10.82 -47.89
C ARG A 133 -0.64 11.76 -46.87
N LEU A 134 -1.23 12.85 -47.35
CA LEU A 134 -1.89 13.82 -46.47
C LEU A 134 -3.28 13.38 -46.04
N GLN A 135 -3.81 12.35 -46.71
CA GLN A 135 -5.13 11.85 -46.37
C GLN A 135 -6.12 13.03 -46.52
N LEU A 136 -6.07 13.70 -47.67
CA LEU A 136 -6.93 14.86 -47.94
C LEU A 136 -8.42 14.53 -47.77
N THR A 137 -9.16 15.38 -47.07
CA THR A 137 -10.60 15.19 -46.85
C THR A 137 -11.42 15.94 -47.87
N PHE A 138 -12.66 15.49 -48.06
CA PHE A 138 -13.58 16.09 -49.02
C PHE A 138 -13.85 17.57 -48.79
N GLU A 139 -14.07 17.96 -47.54
CA GLU A 139 -14.34 19.35 -47.23
C GLU A 139 -13.11 20.24 -47.40
N GLU A 140 -11.91 19.66 -47.33
CA GLU A 140 -10.68 20.45 -47.54
C GLU A 140 -10.56 20.61 -49.05
N TYR A 141 -10.88 19.55 -49.78
CA TYR A 141 -10.83 19.58 -51.24
C TYR A 141 -11.74 20.69 -51.77
N THR A 142 -13.00 20.71 -51.33
CA THR A 142 -13.94 21.74 -51.78
C THR A 142 -13.47 23.18 -51.57
N ILE A 143 -12.91 23.48 -50.40
CA ILE A 143 -12.43 24.83 -50.11
C ILE A 143 -11.14 25.11 -50.88
N MET A 144 -10.30 24.10 -51.03
CA MET A 144 -9.05 24.25 -51.79
C MET A 144 -9.33 24.51 -53.26
N LYS A 145 -10.40 23.92 -53.79
CA LYS A 145 -10.75 24.13 -55.20
C LYS A 145 -11.19 25.57 -55.46
N VAL A 146 -11.95 26.14 -54.53
CA VAL A 146 -12.40 27.52 -54.67
C VAL A 146 -11.17 28.46 -54.68
N LEU A 147 -10.21 28.21 -53.80
CA LEU A 147 -8.99 29.00 -53.74
C LEU A 147 -8.21 28.93 -55.04
N LEU A 148 -8.29 27.80 -55.74
CA LEU A 148 -7.59 27.69 -57.02
C LEU A 148 -8.37 28.54 -58.04
N LEU A 149 -9.66 28.69 -57.83
CA LEU A 149 -10.48 29.49 -58.75
C LEU A 149 -10.05 30.95 -58.61
N LEU A 150 -9.58 31.29 -57.42
CA LEU A 150 -9.15 32.65 -57.13
C LEU A 150 -7.62 32.72 -56.98
N SER A 151 -6.91 31.87 -57.72
CA SER A 151 -5.46 31.81 -57.64
C SER A 151 -4.74 32.61 -58.70
N THR A 152 -5.42 32.81 -59.81
CA THR A 152 -4.82 33.53 -60.91
C THR A 152 -5.65 34.74 -61.33
N ILE A 153 -4.95 35.83 -61.63
CA ILE A 153 -5.60 37.08 -62.02
C ILE A 153 -4.78 37.77 -63.12
N PRO A 154 -5.44 38.60 -63.94
CA PRO A 154 -4.77 39.33 -65.02
C PRO A 154 -3.76 40.28 -64.39
N LYS A 155 -2.57 40.39 -64.98
CA LYS A 155 -1.52 41.26 -64.45
C LYS A 155 -2.00 42.69 -64.22
N ASP A 156 -2.90 43.15 -65.08
CA ASP A 156 -3.46 44.50 -64.99
C ASP A 156 -4.43 44.62 -63.80
N GLY A 157 -5.45 43.78 -63.78
CA GLY A 157 -6.41 43.81 -62.69
C GLY A 157 -7.84 43.51 -63.06
N LEU A 158 -8.65 43.26 -62.03
CA LEU A 158 -10.07 42.96 -62.19
C LEU A 158 -10.86 44.25 -61.97
N LYS A 159 -12.12 44.26 -62.40
CA LYS A 159 -12.97 45.44 -62.21
C LYS A 159 -13.04 45.73 -60.71
N SER A 160 -13.44 44.74 -59.92
CA SER A 160 -13.53 44.90 -58.47
C SER A 160 -12.43 44.11 -57.74
N GLN A 161 -11.24 44.69 -57.71
CA GLN A 161 -10.09 44.06 -57.05
C GLN A 161 -10.28 43.95 -55.54
N ALA A 162 -11.23 44.71 -54.99
CA ALA A 162 -11.50 44.69 -53.56
C ALA A 162 -12.51 43.60 -53.20
N ALA A 163 -13.40 43.28 -54.14
CA ALA A 163 -14.41 42.26 -53.91
C ALA A 163 -13.74 40.89 -53.97
N PHE A 164 -12.72 40.79 -54.82
CA PHE A 164 -11.95 39.55 -55.00
C PHE A 164 -11.16 39.26 -53.73
N GLU A 165 -10.36 40.24 -53.30
CA GLU A 165 -9.54 40.07 -52.10
C GLU A 165 -10.38 39.60 -50.92
N GLU A 166 -11.58 40.15 -50.79
CA GLU A 166 -12.46 39.77 -49.68
C GLU A 166 -12.90 38.31 -49.75
N MET A 167 -13.34 37.87 -50.91
CA MET A 167 -13.77 36.49 -51.06
C MET A 167 -12.59 35.53 -50.84
N ARG A 168 -11.42 35.91 -51.36
CA ARG A 168 -10.24 35.06 -51.20
C ARG A 168 -9.83 34.96 -49.73
N THR A 169 -9.69 36.09 -49.05
CA THR A 169 -9.31 36.05 -47.64
C THR A 169 -10.37 35.32 -46.83
N ASN A 170 -11.62 35.38 -47.29
CA ASN A 170 -12.70 34.68 -46.61
C ASN A 170 -12.47 33.19 -46.71
N TYR A 171 -12.37 32.68 -47.93
CA TYR A 171 -12.13 31.26 -48.11
C TYR A 171 -10.81 30.80 -47.45
N ILE A 172 -9.81 31.67 -47.42
CA ILE A 172 -8.54 31.32 -46.78
C ILE A 172 -8.80 31.08 -45.29
N LYS A 173 -9.38 32.09 -44.63
CA LYS A 173 -9.70 31.98 -43.21
C LYS A 173 -10.67 30.82 -43.00
N GLU A 174 -11.34 30.41 -44.06
CA GLU A 174 -12.29 29.30 -44.00
C GLU A 174 -11.53 27.96 -43.91
N LEU A 175 -10.40 27.86 -44.62
CA LEU A 175 -9.58 26.66 -44.58
C LEU A 175 -8.90 26.60 -43.22
N ARG A 176 -8.52 27.76 -42.68
CA ARG A 176 -7.87 27.84 -41.37
C ARG A 176 -8.78 27.23 -40.33
N LYS A 177 -10.03 27.71 -40.29
CA LYS A 177 -11.02 27.21 -39.35
C LYS A 177 -11.25 25.73 -39.64
N MET A 178 -11.16 25.37 -40.92
CA MET A 178 -11.34 23.99 -41.33
C MET A 178 -10.24 23.11 -40.73
N VAL A 179 -9.01 23.63 -40.73
CA VAL A 179 -7.86 22.89 -40.23
C VAL A 179 -7.71 22.93 -38.70
N THR A 180 -7.95 24.09 -38.12
CA THR A 180 -7.84 24.29 -36.67
C THR A 180 -8.76 23.37 -35.87
N TRP A 190 -2.11 25.21 -37.10
CA TRP A 190 -0.98 25.47 -37.98
C TRP A 190 -0.27 24.16 -38.22
N GLN A 191 -0.82 23.33 -39.09
CA GLN A 191 -0.21 22.04 -39.36
C GLN A 191 -0.37 21.67 -40.84
N ARG A 192 -1.50 21.11 -41.20
CA ARG A 192 -1.69 20.75 -42.58
C ARG A 192 -2.04 21.97 -43.42
N PHE A 193 -2.40 23.07 -42.78
CA PHE A 193 -2.73 24.29 -43.51
C PHE A 193 -1.53 24.66 -44.38
N TYR A 194 -0.34 24.48 -43.80
CA TYR A 194 0.92 24.78 -44.51
C TYR A 194 1.08 23.75 -45.62
N GLN A 195 0.77 22.50 -45.31
CA GLN A 195 0.89 21.42 -46.28
C GLN A 195 -0.09 21.60 -47.42
N LEU A 196 -1.34 21.94 -47.07
CA LEU A 196 -2.39 22.13 -48.05
C LEU A 196 -2.09 23.31 -48.98
N THR A 197 -1.70 24.44 -48.42
CA THR A 197 -1.38 25.60 -49.23
C THR A 197 -0.11 25.41 -50.05
N LYS A 198 0.81 24.62 -49.53
CA LYS A 198 2.07 24.34 -50.22
C LYS A 198 1.72 23.57 -51.50
N LEU A 199 0.76 22.66 -51.35
CA LEU A 199 0.28 21.83 -52.45
C LEU A 199 -0.41 22.71 -53.49
N LEU A 200 -1.24 23.65 -53.04
CA LEU A 200 -1.90 24.55 -53.98
C LEU A 200 -0.85 25.34 -54.75
N ASP A 201 0.21 25.74 -54.06
CA ASP A 201 1.30 26.47 -54.69
C ASP A 201 1.99 25.58 -55.74
N SER A 202 2.18 24.31 -55.42
CA SER A 202 2.83 23.40 -56.36
C SER A 202 1.95 23.08 -57.58
N MET A 203 0.63 23.30 -57.46
CA MET A 203 -0.30 23.07 -58.57
C MET A 203 0.02 24.02 -59.72
N HIS A 204 0.38 25.25 -59.40
CA HIS A 204 0.71 26.22 -60.44
C HIS A 204 1.88 25.77 -61.30
N ASP A 205 2.87 25.12 -60.68
CA ASP A 205 4.06 24.64 -61.36
C ASP A 205 3.70 23.65 -62.47
N LEU A 206 2.81 22.72 -62.13
CA LEU A 206 2.36 21.69 -63.07
C LEU A 206 1.43 22.31 -64.12
N VAL A 207 0.50 23.14 -63.68
CA VAL A 207 -0.44 23.76 -64.60
C VAL A 207 0.28 24.51 -65.72
N SER A 208 1.38 25.18 -65.37
CA SER A 208 2.17 25.90 -66.36
C SER A 208 2.63 24.93 -67.42
N ASP A 209 3.16 23.80 -66.98
CA ASP A 209 3.62 22.77 -67.91
C ASP A 209 2.47 22.24 -68.75
N LEU A 210 1.33 21.97 -68.11
CA LEU A 210 0.17 21.44 -68.83
C LEU A 210 -0.37 22.47 -69.82
N LEU A 211 -0.34 23.73 -69.44
CA LEU A 211 -0.85 24.78 -70.31
C LEU A 211 0.00 24.98 -71.57
N GLU A 212 1.32 25.03 -71.40
CA GLU A 212 2.20 25.24 -72.56
C GLU A 212 2.12 24.08 -73.54
N PHE A 213 1.88 22.89 -73.02
CA PHE A 213 1.75 21.72 -73.87
C PHE A 213 0.42 21.84 -74.61
N CYS A 214 -0.55 22.40 -73.92
CA CYS A 214 -1.88 22.59 -74.49
C CYS A 214 -1.79 23.61 -75.63
N PHE A 215 -1.05 24.69 -75.41
CA PHE A 215 -0.92 25.72 -76.44
C PHE A 215 -0.24 25.21 -77.69
N TYR A 216 0.73 24.31 -77.52
CA TYR A 216 1.45 23.75 -78.64
C TYR A 216 0.52 22.88 -79.48
N THR A 217 -0.16 21.93 -78.82
CA THR A 217 -1.09 21.03 -79.50
C THR A 217 -2.14 21.83 -80.26
N PHE A 218 -2.56 22.96 -79.70
CA PHE A 218 -3.56 23.81 -80.32
C PHE A 218 -3.00 24.51 -81.56
N ARG A 219 -1.88 25.21 -81.38
CA ARG A 219 -1.25 25.93 -82.50
C ARG A 219 -0.67 24.98 -83.54
N GLU A 220 -0.91 23.68 -83.36
CA GLU A 220 -0.39 22.68 -84.29
C GLU A 220 -1.46 21.62 -84.57
N SER A 221 -2.60 21.74 -83.92
CA SER A 221 -3.68 20.79 -84.11
C SER A 221 -4.08 20.78 -85.58
N HIS A 222 -3.59 21.76 -86.31
CA HIS A 222 -3.86 21.91 -87.74
C HIS A 222 -3.41 20.65 -88.47
N ALA A 223 -2.46 19.93 -87.87
CA ALA A 223 -1.93 18.71 -88.45
C ALA A 223 -2.05 17.53 -87.49
N LEU A 224 -1.92 17.80 -86.20
CA LEU A 224 -2.02 16.76 -85.16
C LEU A 224 -3.40 16.12 -85.18
N LYS A 225 -4.34 16.80 -85.82
CA LYS A 225 -5.71 16.31 -85.90
C LYS A 225 -6.37 16.14 -84.52
N VAL A 226 -5.99 16.99 -83.58
CA VAL A 226 -6.56 16.95 -82.24
C VAL A 226 -7.67 17.98 -82.25
N GLU A 227 -8.90 17.55 -81.98
CA GLU A 227 -10.01 18.49 -81.99
C GLU A 227 -10.12 19.22 -80.65
N PHE A 228 -10.66 20.43 -80.68
CA PHE A 228 -10.83 21.24 -79.48
C PHE A 228 -12.26 21.78 -79.43
N PRO A 229 -13.00 21.43 -78.37
CA PRO A 229 -14.38 21.92 -78.24
C PRO A 229 -14.39 23.43 -78.32
N ALA A 230 -15.53 24.00 -78.69
CA ALA A 230 -15.68 25.45 -78.80
C ALA A 230 -15.30 26.15 -77.51
N MET A 231 -15.58 25.51 -76.37
CA MET A 231 -15.26 26.11 -75.08
C MET A 231 -13.76 26.31 -74.91
N LEU A 232 -12.99 25.27 -75.21
CA LEU A 232 -11.54 25.35 -75.09
C LEU A 232 -10.96 26.36 -76.07
N VAL A 233 -11.42 26.31 -77.32
CA VAL A 233 -10.95 27.23 -78.33
C VAL A 233 -11.03 28.67 -77.84
N GLU A 234 -12.17 29.06 -77.27
CA GLU A 234 -12.31 30.44 -76.78
C GLU A 234 -11.41 30.76 -75.59
N ILE A 235 -11.28 29.80 -74.67
CA ILE A 235 -10.45 30.02 -73.50
C ILE A 235 -8.98 30.08 -73.90
N ILE A 236 -8.52 29.07 -74.63
CA ILE A 236 -7.13 29.02 -75.07
C ILE A 236 -6.77 30.23 -75.91
N SER A 237 -7.52 30.49 -76.98
CA SER A 237 -7.26 31.61 -77.85
C SER A 237 -7.42 32.95 -77.16
N ASP A 238 -7.66 32.91 -75.88
CA ASP A 238 -7.88 34.10 -75.06
C ASP A 238 -6.75 34.23 -74.06
N GLN A 239 -6.36 33.08 -73.54
CA GLN A 239 -5.28 32.97 -72.55
C GLN A 239 -3.94 32.97 -73.26
N LEU A 240 -3.83 32.13 -74.28
CA LEU A 240 -2.61 32.00 -75.06
C LEU A 240 -2.21 33.30 -75.76
N PRO A 241 -3.08 33.83 -76.62
CA PRO A 241 -2.78 35.06 -77.36
C PRO A 241 -2.09 36.12 -76.53
N LYS A 242 -2.88 36.94 -75.84
CA LYS A 242 -2.32 38.00 -75.03
C LYS A 242 -1.68 37.53 -73.73
N VAL A 243 -2.45 36.86 -72.88
CA VAL A 243 -1.94 36.41 -71.59
C VAL A 243 -0.92 35.27 -71.60
N GLU A 244 -0.04 35.27 -72.60
CA GLU A 244 1.01 34.26 -72.68
C GLU A 244 2.13 34.78 -71.81
N SER A 245 2.42 36.06 -71.98
CA SER A 245 3.46 36.75 -71.22
C SER A 245 3.06 36.84 -69.75
N GLY A 246 3.70 37.74 -69.02
CA GLY A 246 3.39 37.91 -67.60
C GLY A 246 2.10 38.69 -67.36
N ASN A 247 1.05 38.29 -68.06
CA ASN A 247 -0.26 38.95 -67.93
C ASN A 247 -1.18 38.13 -67.03
N ALA A 248 -0.60 37.13 -66.36
CA ALA A 248 -1.35 36.26 -65.45
C ALA A 248 -0.55 36.06 -64.17
N LYS A 249 -0.84 36.89 -63.15
CA LYS A 249 -0.15 36.84 -61.86
C LYS A 249 -0.66 35.79 -60.88
N PRO A 250 0.11 34.69 -60.70
CA PRO A 250 -0.24 33.59 -59.79
C PRO A 250 -0.08 34.00 -58.32
N LEU A 251 -1.10 33.74 -57.52
CA LEU A 251 -1.05 34.05 -56.09
C LEU A 251 -0.52 32.86 -55.31
N TYR A 252 0.59 33.06 -54.60
CA TYR A 252 1.23 32.02 -53.82
C TYR A 252 0.99 32.20 -52.32
N PHE A 253 1.11 31.12 -51.57
CA PHE A 253 0.94 31.15 -50.11
C PHE A 253 2.30 31.12 -49.43
N HIS A 254 3.34 30.76 -50.18
CA HIS A 254 4.69 30.68 -49.62
C HIS A 254 5.74 31.24 -50.57
N VAL B 11 -14.31 -20.26 44.37
CA VAL B 11 -13.69 -21.61 44.18
C VAL B 11 -14.68 -22.65 43.63
N MET B 12 -15.91 -22.64 44.12
CA MET B 12 -16.91 -23.59 43.64
C MET B 12 -17.33 -23.26 42.21
N VAL B 13 -17.31 -21.98 41.84
CA VAL B 13 -17.68 -21.59 40.48
C VAL B 13 -16.57 -22.02 39.51
N LEU B 14 -15.32 -21.88 39.93
CA LEU B 14 -14.21 -22.30 39.08
C LEU B 14 -14.30 -23.81 38.85
N GLU B 15 -14.48 -24.58 39.93
CA GLU B 15 -14.58 -26.03 39.77
C GLU B 15 -15.77 -26.39 38.90
N ASN B 16 -16.84 -25.62 39.00
CA ASN B 16 -18.02 -25.89 38.19
C ASN B 16 -17.77 -25.65 36.71
N ILE B 17 -17.09 -24.55 36.38
CA ILE B 17 -16.86 -24.21 34.98
C ILE B 17 -15.65 -24.85 34.29
N GLU B 18 -14.91 -25.68 35.01
CA GLU B 18 -13.75 -26.35 34.43
C GLU B 18 -14.16 -27.06 33.13
N PRO B 19 -13.36 -26.94 32.06
CA PRO B 19 -13.75 -27.61 30.81
C PRO B 19 -13.93 -29.10 31.03
N GLU B 20 -14.53 -29.76 30.05
CA GLU B 20 -14.76 -31.20 30.14
C GLU B 20 -13.90 -32.00 29.17
N ILE B 21 -14.08 -33.31 29.19
CA ILE B 21 -13.33 -34.23 28.33
C ILE B 21 -13.30 -33.78 26.88
N VAL B 22 -12.12 -33.93 26.27
CA VAL B 22 -11.93 -33.59 24.87
C VAL B 22 -11.13 -34.72 24.21
N TYR B 23 -11.63 -35.23 23.10
CA TYR B 23 -10.99 -36.33 22.37
C TYR B 23 -10.05 -35.85 21.28
N ALA B 24 -8.91 -36.52 21.16
CA ALA B 24 -7.93 -36.17 20.15
C ALA B 24 -8.31 -36.78 18.81
N GLY B 25 -9.21 -37.75 18.86
CA GLY B 25 -9.64 -38.41 17.64
C GLY B 25 -8.51 -39.29 17.11
N TYR B 26 -7.77 -39.92 18.02
CA TYR B 26 -6.66 -40.80 17.64
C TYR B 26 -7.20 -42.00 16.84
N ASP B 27 -6.53 -42.32 15.75
CA ASP B 27 -6.91 -43.41 14.88
C ASP B 27 -5.78 -44.43 14.80
N SER B 28 -6.01 -45.62 15.35
CA SER B 28 -5.00 -46.68 15.37
C SER B 28 -4.74 -47.37 14.04
N SER B 29 -5.39 -46.91 12.96
CA SER B 29 -5.20 -47.53 11.65
C SER B 29 -3.99 -46.93 10.95
N LYS B 30 -3.64 -45.70 11.34
CA LYS B 30 -2.49 -45.05 10.74
C LYS B 30 -1.23 -45.41 11.50
N PRO B 31 -0.08 -45.13 10.88
CA PRO B 31 1.20 -45.41 11.51
C PRO B 31 1.49 -44.20 12.42
N ASP B 32 2.04 -44.47 13.61
CA ASP B 32 2.38 -43.41 14.57
C ASP B 32 3.60 -42.63 14.13
N THR B 33 3.48 -41.98 12.98
CA THR B 33 4.56 -41.20 12.41
C THR B 33 4.57 -39.77 12.96
N ALA B 34 5.75 -39.14 12.99
CA ALA B 34 5.92 -37.77 13.48
C ALA B 34 4.90 -36.81 12.86
N GLU B 35 4.61 -37.02 11.58
CA GLU B 35 3.65 -36.18 10.87
C GLU B 35 2.23 -36.31 11.44
N ASN B 36 1.75 -37.54 11.58
CA ASN B 36 0.41 -37.79 12.10
C ASN B 36 0.22 -37.25 13.52
N LEU B 37 1.11 -37.67 14.42
CA LEU B 37 1.09 -37.27 15.83
C LEU B 37 0.97 -35.77 16.06
N LEU B 38 1.81 -34.99 15.39
CA LEU B 38 1.78 -33.55 15.58
C LEU B 38 0.50 -32.95 15.04
N SER B 39 0.05 -33.43 13.89
CA SER B 39 -1.19 -32.94 13.31
C SER B 39 -2.34 -33.20 14.27
N THR B 40 -2.30 -34.37 14.94
CA THR B 40 -3.35 -34.75 15.88
C THR B 40 -3.32 -33.80 17.07
N LEU B 41 -2.11 -33.56 17.57
CA LEU B 41 -1.93 -32.66 18.70
C LEU B 41 -2.47 -31.27 18.36
N ASN B 42 -2.28 -30.82 17.11
CA ASN B 42 -2.78 -29.50 16.73
C ASN B 42 -4.31 -29.47 16.73
N ARG B 43 -4.94 -30.50 16.16
CA ARG B 43 -6.40 -30.56 16.13
C ARG B 43 -6.92 -30.59 17.57
N LEU B 44 -6.31 -31.41 18.41
CA LEU B 44 -6.74 -31.48 19.80
C LEU B 44 -6.65 -30.09 20.42
N ALA B 45 -5.59 -29.36 20.06
CA ALA B 45 -5.37 -28.00 20.55
C ALA B 45 -6.53 -27.07 20.19
N GLY B 46 -6.93 -27.09 18.92
CA GLY B 46 -8.03 -26.26 18.46
C GLY B 46 -9.28 -26.61 19.25
N LYS B 47 -9.52 -27.90 19.42
CA LYS B 47 -10.68 -28.38 20.17
C LYS B 47 -10.69 -27.79 21.57
N GLN B 48 -9.55 -27.92 22.24
CA GLN B 48 -9.43 -27.41 23.60
C GLN B 48 -9.62 -25.90 23.66
N MET B 49 -9.15 -25.18 22.64
CA MET B 49 -9.30 -23.71 22.63
C MET B 49 -10.77 -23.31 22.61
N ILE B 50 -11.61 -24.13 21.98
CA ILE B 50 -13.03 -23.83 21.94
C ILE B 50 -13.49 -23.90 23.38
N GLN B 51 -13.08 -24.93 24.10
CA GLN B 51 -13.45 -25.03 25.51
C GLN B 51 -12.85 -23.88 26.30
N VAL B 52 -11.59 -23.53 26.03
CA VAL B 52 -10.95 -22.44 26.75
C VAL B 52 -11.73 -21.13 26.65
N VAL B 53 -12.25 -20.83 25.47
CA VAL B 53 -13.03 -19.60 25.23
C VAL B 53 -14.37 -19.67 26.01
N LYS B 54 -14.98 -20.86 26.02
CA LYS B 54 -16.23 -21.02 26.75
C LYS B 54 -15.95 -20.87 28.25
N TRP B 55 -14.78 -21.30 28.68
CA TRP B 55 -14.40 -21.19 30.09
C TRP B 55 -14.10 -19.74 30.47
N ALA B 56 -13.33 -19.05 29.63
CA ALA B 56 -13.03 -17.66 29.91
C ALA B 56 -14.33 -16.82 29.98
N LYS B 57 -15.26 -17.07 29.06
CA LYS B 57 -16.53 -16.32 29.02
C LYS B 57 -17.32 -16.22 30.32
N VAL B 58 -17.34 -17.28 31.13
CA VAL B 58 -18.06 -17.24 32.39
C VAL B 58 -17.13 -17.25 33.59
N LEU B 59 -15.91 -16.78 33.37
CA LEU B 59 -14.90 -16.71 34.41
C LEU B 59 -15.15 -15.48 35.28
N PRO B 60 -15.25 -15.65 36.61
CA PRO B 60 -15.51 -14.54 37.51
C PRO B 60 -14.48 -13.41 37.39
N GLY B 61 -14.98 -12.19 37.22
CA GLY B 61 -14.09 -11.03 37.10
C GLY B 61 -13.63 -10.78 35.67
N PHE B 62 -12.96 -11.78 35.10
CA PHE B 62 -12.44 -11.70 33.75
C PHE B 62 -13.49 -11.27 32.74
N LYS B 63 -14.66 -11.89 32.85
CA LYS B 63 -15.80 -11.67 31.95
C LYS B 63 -16.34 -10.25 31.92
N ASN B 64 -15.78 -9.37 32.75
CA ASN B 64 -16.24 -7.99 32.78
C ASN B 64 -15.26 -7.03 32.13
N LEU B 65 -13.99 -7.43 32.04
CA LEU B 65 -12.97 -6.60 31.43
C LEU B 65 -13.37 -6.35 29.98
N PRO B 66 -12.81 -5.30 29.34
CA PRO B 66 -13.18 -5.08 27.94
C PRO B 66 -12.85 -6.27 27.05
N LEU B 67 -13.86 -6.70 26.27
CA LEU B 67 -13.76 -7.82 25.34
C LEU B 67 -12.39 -7.84 24.68
N GLU B 68 -11.93 -6.66 24.25
CA GLU B 68 -10.63 -6.51 23.60
C GLU B 68 -9.53 -7.13 24.45
N ASP B 69 -9.51 -6.80 25.73
CA ASP B 69 -8.48 -7.33 26.64
C ASP B 69 -8.67 -8.84 26.85
N GLN B 70 -9.91 -9.27 26.96
CA GLN B 70 -10.21 -10.69 27.15
C GLN B 70 -9.58 -11.53 26.04
N ILE B 71 -9.80 -11.11 24.80
CA ILE B 71 -9.23 -11.82 23.66
C ILE B 71 -7.72 -11.78 23.68
N THR B 72 -7.15 -10.62 23.98
CA THR B 72 -5.70 -10.46 24.05
C THR B 72 -5.05 -11.33 25.13
N LEU B 73 -5.67 -11.45 26.29
CA LEU B 73 -5.09 -12.29 27.35
C LEU B 73 -5.13 -13.78 26.95
N ILE B 74 -6.20 -14.19 26.29
CA ILE B 74 -6.35 -15.57 25.85
C ILE B 74 -5.31 -15.95 24.79
N GLN B 75 -5.08 -15.07 23.83
CA GLN B 75 -4.11 -15.29 22.75
C GLN B 75 -2.65 -15.29 23.24
N TYR B 76 -2.35 -14.51 24.27
CA TYR B 76 -0.99 -14.45 24.79
C TYR B 76 -0.66 -15.57 25.77
N SER B 77 -1.69 -16.26 26.27
CA SER B 77 -1.44 -17.32 27.25
C SER B 77 -2.04 -18.69 26.93
N TRP B 78 -2.59 -18.86 25.74
CA TRP B 78 -3.21 -20.14 25.38
C TRP B 78 -2.29 -21.35 25.58
N MET B 79 -0.99 -21.18 25.38
CA MET B 79 -0.05 -22.28 25.55
C MET B 79 0.18 -22.55 27.04
N CYS B 80 0.16 -21.50 27.86
CA CYS B 80 0.32 -21.65 29.31
C CYS B 80 -0.88 -22.44 29.84
N LEU B 81 -2.07 -22.08 29.36
CA LEU B 81 -3.29 -22.75 29.79
C LEU B 81 -3.33 -24.23 29.44
N LEU B 82 -3.16 -24.55 28.17
CA LEU B 82 -3.21 -25.93 27.72
C LEU B 82 -2.07 -26.81 28.26
N SER B 83 -0.86 -26.27 28.37
CA SER B 83 0.26 -27.06 28.89
C SER B 83 0.06 -27.34 30.38
N PHE B 84 -0.39 -26.33 31.12
CA PHE B 84 -0.64 -26.47 32.54
C PHE B 84 -1.76 -27.50 32.75
N ALA B 85 -2.73 -27.48 31.85
CA ALA B 85 -3.84 -28.41 31.94
C ALA B 85 -3.37 -29.83 31.65
N LEU B 86 -2.47 -29.97 30.66
CA LEU B 86 -1.93 -31.28 30.29
C LEU B 86 -1.27 -31.87 31.51
N SER B 87 -0.40 -31.09 32.13
CA SER B 87 0.30 -31.54 33.33
C SER B 87 -0.68 -32.02 34.40
N TRP B 88 -1.70 -31.20 34.70
CA TRP B 88 -2.72 -31.56 35.69
C TRP B 88 -3.39 -32.89 35.35
N ARG B 89 -3.85 -33.03 34.10
CA ARG B 89 -4.50 -34.26 33.66
C ARG B 89 -3.57 -35.45 33.76
N SER B 90 -2.29 -35.23 33.46
CA SER B 90 -1.31 -36.30 33.51
C SER B 90 -1.12 -36.71 34.97
N TYR B 91 -1.34 -35.77 35.86
CA TYR B 91 -1.22 -35.98 37.29
C TYR B 91 -2.37 -36.78 37.91
N LYS B 92 -3.60 -36.41 37.56
CA LYS B 92 -4.79 -37.07 38.10
C LYS B 92 -5.11 -38.43 37.51
N HIS B 93 -4.75 -38.65 36.25
CA HIS B 93 -5.06 -39.91 35.59
C HIS B 93 -3.96 -40.94 35.48
N THR B 94 -2.69 -40.52 35.57
CA THR B 94 -1.60 -41.47 35.47
C THR B 94 -0.57 -41.22 36.56
N ASN B 95 -0.97 -40.42 37.55
CA ASN B 95 -0.09 -40.08 38.65
C ASN B 95 1.23 -39.51 38.14
N SER B 96 1.18 -38.72 37.07
CA SER B 96 2.37 -38.10 36.49
C SER B 96 3.39 -39.08 35.90
N GLN B 97 2.90 -40.17 35.31
CA GLN B 97 3.76 -41.18 34.72
C GLN B 97 3.84 -41.00 33.21
N PHE B 98 2.70 -40.69 32.61
CA PHE B 98 2.61 -40.43 31.17
C PHE B 98 2.02 -39.03 30.97
N LEU B 99 1.96 -38.60 29.71
CA LEU B 99 1.38 -37.31 29.39
C LEU B 99 0.01 -37.63 28.84
N TYR B 100 -1.01 -37.27 29.60
CA TYR B 100 -2.40 -37.52 29.28
C TYR B 100 -2.98 -36.37 28.44
N PHE B 101 -2.65 -36.38 27.15
CA PHE B 101 -3.15 -35.35 26.26
C PHE B 101 -4.66 -35.48 26.15
N ALA B 102 -5.15 -36.71 26.18
CA ALA B 102 -6.58 -36.96 26.09
C ALA B 102 -6.87 -38.43 26.38
N PRO B 103 -8.15 -38.77 26.60
CA PRO B 103 -8.50 -40.16 26.88
C PRO B 103 -7.97 -41.12 25.81
N ASP B 104 -8.12 -40.76 24.53
CA ASP B 104 -7.65 -41.61 23.44
C ASP B 104 -6.22 -41.34 23.00
N LEU B 105 -5.44 -40.61 23.79
CA LEU B 105 -4.06 -40.29 23.44
C LEU B 105 -3.21 -39.96 24.66
N VAL B 106 -2.58 -41.00 25.20
CA VAL B 106 -1.71 -40.89 26.34
C VAL B 106 -0.29 -41.17 25.83
N PHE B 107 0.62 -40.24 26.10
CA PHE B 107 1.99 -40.35 25.65
C PHE B 107 2.89 -41.20 26.52
N ASN B 108 3.42 -42.25 25.91
CA ASN B 108 4.33 -43.19 26.53
C ASN B 108 5.72 -42.61 26.25
N GLU B 109 6.78 -43.32 26.65
CA GLU B 109 8.13 -42.84 26.38
C GLU B 109 8.40 -42.91 24.88
N GLU B 110 7.90 -43.95 24.24
CA GLU B 110 8.10 -44.10 22.80
C GLU B 110 7.31 -43.04 22.01
N LYS B 111 6.08 -42.76 22.44
CA LYS B 111 5.25 -41.75 21.78
C LYS B 111 5.98 -40.40 21.84
N MET B 112 6.63 -40.15 22.97
CA MET B 112 7.37 -38.90 23.14
C MET B 112 8.48 -38.85 22.08
N HIS B 113 9.12 -39.99 21.84
CA HIS B 113 10.21 -40.10 20.85
C HIS B 113 9.70 -40.01 19.41
N GLN B 114 8.64 -40.75 19.10
CA GLN B 114 8.08 -40.77 17.75
C GLN B 114 7.54 -39.42 17.28
N SER B 115 7.22 -38.53 18.22
CA SER B 115 6.67 -37.22 17.88
C SER B 115 7.75 -36.17 17.69
N ALA B 116 9.00 -36.60 17.76
CA ALA B 116 10.12 -35.68 17.60
C ALA B 116 9.99 -34.55 18.62
N MET B 117 9.35 -34.84 19.74
CA MET B 117 9.13 -33.83 20.76
C MET B 117 9.60 -34.25 22.15
N TYR B 118 10.58 -35.16 22.21
CA TYR B 118 11.11 -35.59 23.49
C TYR B 118 11.78 -34.32 24.02
N GLU B 119 12.22 -34.32 25.26
CA GLU B 119 12.85 -33.13 25.81
C GLU B 119 11.74 -32.15 26.09
N LEU B 120 10.99 -31.80 25.05
CA LEU B 120 9.88 -30.86 25.18
C LEU B 120 8.79 -31.50 26.04
N CYS B 121 8.56 -32.80 25.85
CA CYS B 121 7.58 -33.51 26.64
C CYS B 121 8.04 -33.65 28.08
N GLN B 122 9.35 -33.78 28.26
CA GLN B 122 9.94 -33.91 29.59
C GLN B 122 9.71 -32.62 30.37
N GLY B 123 9.58 -31.51 29.65
CA GLY B 123 9.37 -30.23 30.29
C GLY B 123 8.13 -30.23 31.20
N MET B 124 6.98 -30.52 30.61
CA MET B 124 5.75 -30.54 31.37
C MET B 124 5.64 -31.80 32.21
N HIS B 125 6.24 -32.90 31.74
CA HIS B 125 6.21 -34.15 32.50
C HIS B 125 6.87 -33.90 33.85
N GLN B 126 7.82 -32.97 33.89
CA GLN B 126 8.50 -32.62 35.14
C GLN B 126 7.64 -31.68 35.97
N ILE B 127 6.76 -30.91 35.33
CA ILE B 127 5.87 -30.01 36.07
C ILE B 127 4.89 -30.95 36.78
N SER B 128 4.41 -31.95 36.05
CA SER B 128 3.48 -32.96 36.58
C SER B 128 4.04 -33.65 37.83
N LEU B 129 5.32 -33.99 37.79
CA LEU B 129 5.94 -34.64 38.93
C LEU B 129 5.84 -33.72 40.14
N GLN B 130 6.12 -32.44 39.94
CA GLN B 130 6.05 -31.47 41.03
C GLN B 130 4.66 -31.50 41.65
N PHE B 131 3.65 -31.62 40.80
CA PHE B 131 2.27 -31.69 41.27
C PHE B 131 2.16 -32.88 42.25
N VAL B 132 2.84 -33.97 41.94
CA VAL B 132 2.79 -35.14 42.82
C VAL B 132 3.56 -34.92 44.13
N ARG B 133 4.75 -34.33 44.04
CA ARG B 133 5.55 -34.11 45.25
C ARG B 133 5.00 -32.99 46.12
N LEU B 134 4.20 -32.11 45.51
CA LEU B 134 3.62 -31.00 46.24
C LEU B 134 2.19 -31.32 46.62
N GLN B 135 1.68 -32.43 46.10
CA GLN B 135 0.31 -32.81 46.39
C GLN B 135 -0.62 -31.65 46.03
N LEU B 136 -0.53 -31.10 44.86
CA LEU B 136 -1.38 -29.97 44.45
C LEU B 136 -2.86 -30.35 44.52
N THR B 137 -3.71 -29.44 45.00
CA THR B 137 -5.14 -29.71 45.10
C THR B 137 -5.87 -29.10 43.90
N PHE B 138 -7.08 -29.56 43.65
CA PHE B 138 -7.89 -29.08 42.54
C PHE B 138 -8.30 -27.61 42.70
N GLU B 139 -8.42 -27.17 43.95
CA GLU B 139 -8.78 -25.80 44.27
C GLU B 139 -7.56 -24.92 44.04
N GLU B 140 -6.37 -25.51 44.13
CA GLU B 140 -5.17 -24.72 43.92
C GLU B 140 -4.89 -24.69 42.41
N TYR B 141 -5.21 -25.78 41.74
CA TYR B 141 -4.98 -25.88 40.30
C TYR B 141 -5.84 -24.84 39.59
N THR B 142 -7.09 -24.78 40.01
CA THR B 142 -8.08 -23.89 39.45
C THR B 142 -7.77 -22.39 39.60
N ILE B 143 -7.18 -22.01 40.72
CA ILE B 143 -6.83 -20.61 40.93
C ILE B 143 -5.59 -20.30 40.11
N MET B 144 -4.61 -21.20 40.16
CA MET B 144 -3.37 -21.03 39.42
C MET B 144 -3.59 -20.92 37.92
N LYS B 145 -4.59 -21.63 37.41
CA LYS B 145 -4.85 -21.59 35.99
C LYS B 145 -5.27 -20.16 35.59
N VAL B 146 -6.14 -19.55 36.40
CA VAL B 146 -6.58 -18.18 36.12
C VAL B 146 -5.37 -17.24 36.13
N LEU B 147 -4.46 -17.40 37.10
CA LEU B 147 -3.28 -16.55 37.17
C LEU B 147 -2.43 -16.65 35.90
N LEU B 148 -2.32 -17.84 35.32
CA LEU B 148 -1.55 -18.02 34.10
C LEU B 148 -2.25 -17.28 32.95
N LEU B 149 -3.58 -17.20 33.02
CA LEU B 149 -4.35 -16.49 31.99
C LEU B 149 -4.03 -15.00 32.10
N LEU B 150 -3.47 -14.62 33.25
CA LEU B 150 -3.16 -13.23 33.55
C LEU B 150 -1.68 -12.92 33.72
N SER B 151 -0.81 -13.81 33.26
CA SER B 151 0.62 -13.60 33.42
C SER B 151 1.44 -13.20 32.20
N THR B 152 0.76 -12.83 31.11
CA THR B 152 1.47 -12.41 29.91
C THR B 152 0.63 -11.33 29.24
N ILE B 153 1.05 -10.09 29.36
CA ILE B 153 0.30 -8.98 28.77
C ILE B 153 1.08 -8.27 27.68
N PRO B 154 0.41 -7.43 26.89
CA PRO B 154 1.08 -6.69 25.80
C PRO B 154 2.03 -5.68 26.44
N LYS B 155 3.28 -5.64 25.98
CA LYS B 155 4.22 -4.68 26.54
C LYS B 155 3.71 -3.27 26.32
N ASP B 156 2.73 -3.13 25.43
CA ASP B 156 2.12 -1.83 25.11
C ASP B 156 1.01 -1.47 26.10
N GLY B 157 0.61 -2.44 26.91
CA GLY B 157 -0.45 -2.20 27.89
C GLY B 157 -1.83 -2.55 27.34
N LEU B 158 -2.72 -3.00 28.21
CA LEU B 158 -4.07 -3.37 27.82
C LEU B 158 -4.93 -2.12 27.69
N LYS B 159 -6.10 -2.27 27.07
CA LYS B 159 -6.99 -1.13 26.91
C LYS B 159 -7.50 -0.66 28.28
N SER B 160 -7.31 -1.49 29.29
CA SER B 160 -7.73 -1.14 30.65
C SER B 160 -6.84 -1.83 31.68
N GLN B 161 -5.61 -1.32 31.81
CA GLN B 161 -4.64 -1.86 32.74
C GLN B 161 -5.17 -1.88 34.17
N ALA B 162 -5.97 -0.88 34.51
CA ALA B 162 -6.54 -0.77 35.85
C ALA B 162 -7.37 -1.99 36.26
N ALA B 163 -8.41 -2.26 35.49
CA ALA B 163 -9.30 -3.38 35.76
C ALA B 163 -8.53 -4.70 35.81
N PHE B 164 -7.37 -4.75 35.15
CA PHE B 164 -6.54 -5.95 35.11
C PHE B 164 -5.65 -6.13 36.35
N GLU B 165 -5.20 -5.02 36.94
CA GLU B 165 -4.37 -5.09 38.14
C GLU B 165 -5.27 -5.58 39.27
N GLU B 166 -6.44 -4.97 39.38
CA GLU B 166 -7.41 -5.35 40.40
C GLU B 166 -7.65 -6.84 40.31
N MET B 167 -8.24 -7.25 39.18
CA MET B 167 -8.57 -8.65 38.93
C MET B 167 -7.43 -9.62 39.26
N ARG B 168 -6.23 -9.34 38.76
CA ARG B 168 -5.09 -10.22 39.02
C ARG B 168 -4.65 -10.21 40.49
N THR B 169 -4.87 -9.10 41.19
CA THR B 169 -4.50 -9.00 42.59
C THR B 169 -5.53 -9.77 43.38
N ASN B 170 -6.77 -9.73 42.92
CA ASN B 170 -7.83 -10.45 43.59
C ASN B 170 -7.47 -11.94 43.58
N TYR B 171 -7.29 -12.51 42.40
CA TYR B 171 -6.95 -13.93 42.33
C TYR B 171 -5.68 -14.30 43.10
N ILE B 172 -4.69 -13.41 43.12
CA ILE B 172 -3.47 -13.69 43.88
C ILE B 172 -3.84 -13.87 45.35
N LYS B 173 -4.76 -13.01 45.82
CA LYS B 173 -5.23 -13.06 47.19
C LYS B 173 -6.09 -14.29 47.41
N GLU B 174 -6.82 -14.69 46.38
CA GLU B 174 -7.68 -15.86 46.46
C GLU B 174 -6.81 -17.10 46.65
N LEU B 175 -5.59 -17.05 46.10
CA LEU B 175 -4.65 -18.16 46.21
C LEU B 175 -3.89 -18.00 47.52
N ARG B 176 -3.66 -16.76 47.92
CA ARG B 176 -2.94 -16.45 49.15
C ARG B 176 -3.74 -16.94 50.35
N LYS B 177 -5.02 -16.56 50.39
CA LYS B 177 -5.86 -16.96 51.50
C LYS B 177 -6.00 -18.48 51.49
N MET B 178 -6.11 -19.05 50.29
CA MET B 178 -6.26 -20.50 50.16
C MET B 178 -5.03 -21.25 50.64
N VAL B 179 -3.86 -20.76 50.22
CA VAL B 179 -2.60 -21.38 50.60
C VAL B 179 -1.85 -20.48 51.58
N GLN B 191 4.46 -20.88 53.59
CA GLN B 191 5.62 -21.26 52.79
C GLN B 191 5.25 -22.03 51.51
N ARG B 192 4.01 -22.53 51.44
CA ARG B 192 3.56 -23.29 50.27
C ARG B 192 3.28 -22.32 49.13
N PHE B 193 2.85 -21.12 49.51
CA PHE B 193 2.54 -20.05 48.57
C PHE B 193 3.78 -19.73 47.73
N TYR B 194 4.93 -19.72 48.39
CA TYR B 194 6.19 -19.44 47.74
C TYR B 194 6.48 -20.48 46.67
N GLN B 195 6.14 -21.74 46.96
CA GLN B 195 6.36 -22.83 46.01
C GLN B 195 5.39 -22.85 44.84
N LEU B 196 4.17 -22.39 45.07
CA LEU B 196 3.17 -22.34 44.02
C LEU B 196 3.50 -21.22 43.04
N THR B 197 3.57 -19.99 43.53
CA THR B 197 3.90 -18.85 42.68
C THR B 197 5.21 -19.07 41.95
N LYS B 198 6.11 -19.84 42.55
CA LYS B 198 7.41 -20.12 41.94
C LYS B 198 7.29 -21.18 40.85
N LEU B 199 6.25 -22.01 40.95
CA LEU B 199 6.02 -23.03 39.95
C LEU B 199 5.32 -22.31 38.78
N LEU B 200 4.56 -21.27 39.12
CA LEU B 200 3.87 -20.48 38.11
C LEU B 200 4.95 -19.76 37.33
N ASP B 201 5.90 -19.16 38.06
CA ASP B 201 7.01 -18.44 37.44
C ASP B 201 7.71 -19.29 36.37
N SER B 202 8.06 -20.53 36.71
CA SER B 202 8.76 -21.43 35.79
C SER B 202 8.04 -21.78 34.47
N MET B 203 6.72 -21.65 34.43
CA MET B 203 6.00 -21.97 33.20
C MET B 203 6.51 -21.16 32.02
N HIS B 204 6.83 -19.89 32.25
CA HIS B 204 7.31 -19.01 31.17
C HIS B 204 8.39 -19.60 30.26
N ASP B 205 9.49 -20.09 30.84
CA ASP B 205 10.55 -20.67 30.02
C ASP B 205 10.07 -21.92 29.33
N LEU B 206 9.22 -22.69 30.01
CA LEU B 206 8.66 -23.89 29.43
C LEU B 206 7.82 -23.51 28.22
N VAL B 207 6.91 -22.58 28.41
CA VAL B 207 6.05 -22.13 27.32
C VAL B 207 6.83 -21.53 26.15
N SER B 208 7.92 -20.83 26.41
CA SER B 208 8.73 -20.25 25.35
C SER B 208 9.25 -21.36 24.43
N ASP B 209 9.83 -22.41 25.01
CA ASP B 209 10.35 -23.51 24.20
C ASP B 209 9.21 -24.17 23.40
N LEU B 210 8.05 -24.35 24.04
CA LEU B 210 6.91 -24.96 23.37
C LEU B 210 6.48 -24.09 22.20
N LEU B 211 6.43 -22.78 22.42
CA LEU B 211 6.02 -21.90 21.35
C LEU B 211 7.02 -21.88 20.18
N GLU B 212 8.31 -21.96 20.47
CA GLU B 212 9.27 -21.94 19.36
C GLU B 212 9.17 -23.21 18.53
N PHE B 213 8.89 -24.34 19.18
CA PHE B 213 8.72 -25.56 18.42
C PHE B 213 7.52 -25.28 17.50
N CYS B 214 6.46 -24.77 18.11
CA CYS B 214 5.21 -24.43 17.42
C CYS B 214 5.38 -23.42 16.27
N PHE B 215 6.05 -22.30 16.54
CA PHE B 215 6.23 -21.29 15.49
C PHE B 215 6.99 -21.84 14.28
N TYR B 216 8.01 -22.63 14.53
CA TYR B 216 8.79 -23.21 13.44
C TYR B 216 7.96 -24.21 12.63
N THR B 217 7.41 -25.21 13.30
CA THR B 217 6.60 -26.21 12.59
C THR B 217 5.53 -25.49 11.78
N PHE B 218 5.10 -24.33 12.28
CA PHE B 218 4.09 -23.53 11.61
C PHE B 218 4.63 -22.94 10.29
N ARG B 219 5.80 -22.33 10.35
CA ARG B 219 6.45 -21.73 9.18
C ARG B 219 6.68 -22.79 8.10
N GLU B 220 7.29 -23.89 8.51
CA GLU B 220 7.62 -25.00 7.62
C GLU B 220 6.48 -26.01 7.47
N SER B 221 5.32 -25.63 7.98
CA SER B 221 4.13 -26.47 7.93
C SER B 221 3.90 -27.22 6.63
N HIS B 222 4.10 -26.55 5.50
CA HIS B 222 3.90 -27.16 4.19
C HIS B 222 4.94 -28.22 3.84
N ALA B 223 6.17 -28.01 4.30
CA ALA B 223 7.25 -28.95 4.03
C ALA B 223 7.23 -30.11 5.02
N LEU B 224 6.81 -29.82 6.25
CA LEU B 224 6.78 -30.81 7.30
C LEU B 224 5.51 -31.68 7.25
N LYS B 225 4.54 -31.28 6.45
CA LYS B 225 3.30 -32.02 6.32
C LYS B 225 2.55 -32.10 7.66
N VAL B 226 2.67 -31.04 8.46
CA VAL B 226 2.00 -30.94 9.74
C VAL B 226 0.87 -29.94 9.58
N GLU B 227 -0.35 -30.36 9.92
CA GLU B 227 -1.50 -29.49 9.78
C GLU B 227 -1.87 -28.72 11.04
N PHE B 228 -2.48 -27.56 10.84
CA PHE B 228 -2.93 -26.70 11.94
C PHE B 228 -4.37 -26.32 11.71
N PRO B 229 -5.25 -26.48 12.72
CA PRO B 229 -6.66 -26.11 12.56
C PRO B 229 -6.75 -24.64 12.25
N ALA B 230 -7.91 -24.20 11.76
CA ALA B 230 -8.11 -22.81 11.41
C ALA B 230 -7.79 -21.89 12.59
N MET B 231 -8.44 -22.16 13.72
CA MET B 231 -8.23 -21.36 14.92
C MET B 231 -6.77 -21.22 15.31
N LEU B 232 -6.04 -22.32 15.33
CA LEU B 232 -4.63 -22.30 15.69
C LEU B 232 -3.88 -21.40 14.71
N VAL B 233 -4.20 -21.53 13.42
CA VAL B 233 -3.56 -20.73 12.38
C VAL B 233 -3.78 -19.26 12.69
N GLU B 234 -4.99 -18.94 13.15
CA GLU B 234 -5.35 -17.58 13.48
C GLU B 234 -4.51 -17.10 14.68
N ILE B 235 -4.50 -17.86 15.77
CA ILE B 235 -3.74 -17.50 16.96
C ILE B 235 -2.23 -17.41 16.75
N ILE B 236 -1.65 -18.37 16.05
CA ILE B 236 -0.20 -18.36 15.81
C ILE B 236 0.23 -17.25 14.87
N SER B 237 -0.49 -17.11 13.77
CA SER B 237 -0.21 -16.09 12.77
C SER B 237 -0.28 -14.67 13.32
N ASP B 238 -0.78 -14.53 14.54
CA ASP B 238 -0.88 -13.21 15.20
C ASP B 238 0.13 -13.12 16.34
N GLN B 239 0.22 -14.19 17.11
CA GLN B 239 1.12 -14.25 18.25
C GLN B 239 2.58 -14.28 17.80
N LEU B 240 2.84 -14.96 16.68
CA LEU B 240 4.19 -15.11 16.17
C LEU B 240 4.83 -13.88 15.51
N PRO B 241 4.14 -13.24 14.57
CA PRO B 241 4.63 -12.06 13.85
C PRO B 241 5.09 -10.87 14.71
N LYS B 242 4.35 -9.78 14.61
CA LYS B 242 4.65 -8.54 15.33
C LYS B 242 4.58 -8.72 16.84
N VAL B 243 4.83 -9.94 17.30
CA VAL B 243 4.80 -10.23 18.73
C VAL B 243 5.96 -11.11 19.16
N GLU B 244 6.86 -11.40 18.22
CA GLU B 244 8.06 -12.21 18.49
C GLU B 244 9.17 -11.19 18.70
N SER B 245 8.81 -9.93 18.51
CA SER B 245 9.70 -8.81 18.68
C SER B 245 9.57 -8.29 20.10
N GLY B 246 9.85 -9.16 21.06
CA GLY B 246 9.77 -8.83 22.47
C GLY B 246 8.60 -7.94 22.88
N ASN B 247 7.38 -8.43 22.66
CA ASN B 247 6.17 -7.67 23.01
C ASN B 247 5.33 -8.40 24.05
N ALA B 248 5.54 -9.70 24.21
CA ALA B 248 4.80 -10.47 25.19
C ALA B 248 5.50 -10.38 26.55
N LYS B 249 5.09 -9.40 27.34
CA LYS B 249 5.67 -9.17 28.66
C LYS B 249 5.25 -10.20 29.71
N PRO B 250 6.20 -11.04 30.14
CA PRO B 250 5.94 -12.09 31.14
C PRO B 250 5.89 -11.51 32.55
N LEU B 251 4.79 -11.76 33.26
CA LEU B 251 4.67 -11.26 34.63
C LEU B 251 5.22 -12.34 35.57
N TYR B 252 6.14 -11.95 36.45
CA TYR B 252 6.76 -12.87 37.40
C TYR B 252 6.39 -12.51 38.83
N PHE B 253 6.32 -13.54 39.69
CA PHE B 253 6.00 -13.33 41.10
C PHE B 253 7.28 -12.97 41.86
N HIS B 254 8.40 -13.55 41.43
CA HIS B 254 9.69 -13.30 42.04
C HIS B 254 10.67 -12.62 41.08
N PRO C 10 -20.96 14.85 107.62
CA PRO C 10 -20.15 14.73 106.37
C PRO C 10 -19.89 13.27 106.03
N VAL C 11 -19.38 12.52 106.99
CA VAL C 11 -19.09 11.09 106.80
C VAL C 11 -20.29 10.30 106.28
N MET C 12 -21.40 10.33 107.03
CA MET C 12 -22.62 9.61 106.67
C MET C 12 -23.10 9.93 105.24
N VAL C 13 -23.04 11.21 104.85
CA VAL C 13 -23.45 11.63 103.52
C VAL C 13 -22.54 11.07 102.42
N LEU C 14 -21.24 11.13 102.64
CA LEU C 14 -20.30 10.61 101.65
C LEU C 14 -20.54 9.13 101.42
N GLU C 15 -20.52 8.35 102.50
CA GLU C 15 -20.73 6.92 102.36
C GLU C 15 -22.06 6.60 101.66
N ASN C 16 -23.03 7.48 101.83
CA ASN C 16 -24.37 7.34 101.26
C ASN C 16 -24.52 7.69 99.77
N ILE C 17 -23.70 8.60 99.25
CA ILE C 17 -23.79 8.98 97.84
C ILE C 17 -22.72 8.29 97.03
N GLU C 18 -21.97 7.40 97.68
CA GLU C 18 -20.91 6.66 97.02
C GLU C 18 -21.55 6.06 95.77
N PRO C 19 -20.91 6.23 94.60
CA PRO C 19 -21.48 5.67 93.37
C PRO C 19 -21.80 4.21 93.50
N GLU C 20 -22.64 3.70 92.60
CA GLU C 20 -23.00 2.30 92.67
C GLU C 20 -22.27 1.50 91.60
N ILE C 21 -22.15 0.19 91.82
CA ILE C 21 -21.44 -0.69 90.91
C ILE C 21 -21.71 -0.39 89.44
N VAL C 22 -20.66 -0.54 88.62
CA VAL C 22 -20.77 -0.29 87.20
C VAL C 22 -20.16 -1.48 86.48
N TYR C 23 -20.86 -2.02 85.50
CA TYR C 23 -20.35 -3.17 84.78
C TYR C 23 -19.54 -2.75 83.58
N ALA C 24 -18.71 -3.67 83.11
CA ALA C 24 -17.85 -3.45 81.97
C ALA C 24 -18.46 -4.00 80.68
N GLY C 25 -18.95 -5.23 80.75
CA GLY C 25 -19.54 -5.86 79.58
C GLY C 25 -18.58 -6.86 78.94
N TYR C 26 -17.90 -7.64 79.78
CA TYR C 26 -16.94 -8.63 79.30
C TYR C 26 -17.58 -9.58 78.29
N ASP C 27 -17.01 -9.61 77.08
CA ASP C 27 -17.50 -10.45 76.00
C ASP C 27 -16.40 -11.36 75.48
N SER C 28 -16.77 -12.60 75.15
CA SER C 28 -15.80 -13.58 74.65
C SER C 28 -16.51 -14.79 74.02
N ASP C 32 -8.92 -12.24 73.99
CA ASP C 32 -8.16 -11.47 74.96
C ASP C 32 -6.91 -10.87 74.33
N THR C 33 -7.11 -9.86 73.49
CA THR C 33 -6.02 -9.18 72.82
C THR C 33 -5.81 -7.80 73.45
N ALA C 34 -4.70 -7.14 73.12
CA ALA C 34 -4.43 -5.81 73.65
C ALA C 34 -5.53 -4.87 73.17
N GLU C 35 -5.89 -5.00 71.90
CA GLU C 35 -6.93 -4.21 71.28
C GLU C 35 -8.20 -4.28 72.12
N ASN C 36 -8.56 -5.50 72.53
CA ASN C 36 -9.76 -5.73 73.34
C ASN C 36 -9.74 -5.11 74.73
N LEU C 37 -8.83 -5.57 75.59
CA LEU C 37 -8.73 -5.07 76.97
C LEU C 37 -8.82 -3.55 77.11
N LEU C 38 -7.95 -2.84 76.40
CA LEU C 38 -7.92 -1.39 76.50
C LEU C 38 -9.25 -0.74 76.08
N SER C 39 -9.82 -1.21 74.97
CA SER C 39 -11.11 -0.68 74.50
C SER C 39 -12.18 -0.93 75.55
N THR C 40 -12.21 -2.12 76.14
CA THR C 40 -13.23 -2.37 77.15
C THR C 40 -12.95 -1.48 78.35
N LEU C 41 -11.69 -1.16 78.61
CA LEU C 41 -11.38 -0.29 79.74
C LEU C 41 -11.83 1.15 79.43
N ASN C 42 -11.57 1.61 78.21
CA ASN C 42 -11.97 2.97 77.86
C ASN C 42 -13.48 3.11 77.90
N ARG C 43 -14.17 2.05 77.52
CA ARG C 43 -15.63 2.05 77.55
C ARG C 43 -16.11 2.02 79.00
N LEU C 44 -15.42 1.24 79.83
CA LEU C 44 -15.76 1.16 81.25
C LEU C 44 -15.58 2.54 81.86
N ALA C 45 -14.53 3.23 81.42
CA ALA C 45 -14.21 4.57 81.92
C ALA C 45 -15.35 5.54 81.62
N GLY C 46 -15.86 5.50 80.40
CA GLY C 46 -16.96 6.38 80.03
C GLY C 46 -18.13 6.17 80.96
N LYS C 47 -18.56 4.92 81.12
CA LYS C 47 -19.67 4.60 82.01
C LYS C 47 -19.42 5.00 83.46
N GLN C 48 -18.19 4.86 83.94
CA GLN C 48 -17.91 5.24 85.33
C GLN C 48 -17.99 6.76 85.51
N MET C 49 -17.65 7.50 84.46
CA MET C 49 -17.69 8.96 84.51
C MET C 49 -19.12 9.47 84.68
N ILE C 50 -20.10 8.72 84.19
CA ILE C 50 -21.49 9.14 84.34
C ILE C 50 -21.83 9.11 85.84
N GLN C 51 -21.28 8.12 86.54
CA GLN C 51 -21.52 7.99 87.96
C GLN C 51 -20.77 9.07 88.69
N VAL C 52 -19.59 9.42 88.20
CA VAL C 52 -18.81 10.48 88.85
C VAL C 52 -19.57 11.81 88.86
N VAL C 53 -20.25 12.13 87.75
CA VAL C 53 -21.02 13.38 87.63
C VAL C 53 -22.15 13.40 88.66
N LYS C 54 -22.95 12.34 88.68
CA LYS C 54 -24.05 12.22 89.64
C LYS C 54 -23.51 12.27 91.06
N TRP C 55 -22.41 11.56 91.32
CA TRP C 55 -21.83 11.57 92.66
C TRP C 55 -21.42 12.99 93.01
N ALA C 56 -20.65 13.62 92.15
CA ALA C 56 -20.18 14.98 92.39
C ALA C 56 -21.29 16.04 92.56
N LYS C 57 -22.42 15.81 91.90
CA LYS C 57 -23.54 16.74 91.97
C LYS C 57 -24.11 16.90 93.39
N VAL C 58 -23.98 15.87 94.21
CA VAL C 58 -24.50 15.93 95.57
C VAL C 58 -23.43 15.97 96.66
N LEU C 59 -22.19 16.26 96.26
CA LEU C 59 -21.08 16.33 97.20
C LEU C 59 -21.16 17.54 98.10
N PRO C 60 -21.16 17.33 99.42
CA PRO C 60 -21.24 18.42 100.38
C PRO C 60 -20.10 19.39 100.13
N GLY C 61 -20.43 20.69 100.10
CA GLY C 61 -19.41 21.70 99.87
C GLY C 61 -19.09 21.86 98.40
N PHE C 62 -18.63 20.79 97.76
CA PHE C 62 -18.29 20.83 96.34
C PHE C 62 -19.48 21.41 95.57
N LYS C 63 -20.64 20.81 95.79
CA LYS C 63 -21.87 21.23 95.14
C LYS C 63 -22.26 22.71 95.27
N ASN C 64 -21.73 23.42 96.27
CA ASN C 64 -22.08 24.82 96.40
C ASN C 64 -21.06 25.76 95.73
N LEU C 65 -20.19 25.17 94.91
CA LEU C 65 -19.20 25.93 94.15
C LEU C 65 -19.87 26.22 92.81
N PRO C 66 -19.35 27.20 92.04
CA PRO C 66 -19.97 27.52 90.74
C PRO C 66 -19.92 26.34 89.76
N LEU C 67 -21.07 26.01 89.17
CA LEU C 67 -21.19 24.87 88.25
C LEU C 67 -20.01 24.68 87.31
N GLU C 68 -19.68 25.72 86.54
CA GLU C 68 -18.58 25.65 85.59
C GLU C 68 -17.33 25.08 86.25
N ASP C 69 -17.09 25.47 87.50
CA ASP C 69 -15.93 24.97 88.21
C ASP C 69 -16.07 23.48 88.61
N GLN C 70 -17.26 23.10 89.08
CA GLN C 70 -17.51 21.70 89.46
C GLN C 70 -17.13 20.79 88.30
N ILE C 71 -17.62 21.13 87.11
CA ILE C 71 -17.36 20.37 85.89
C ILE C 71 -15.87 20.37 85.52
N THR C 72 -15.23 21.54 85.64
CA THR C 72 -13.81 21.63 85.35
C THR C 72 -13.01 20.74 86.31
N LEU C 73 -13.32 20.78 87.60
CA LEU C 73 -12.59 19.96 88.57
C LEU C 73 -12.79 18.47 88.28
N ILE C 74 -13.98 18.10 87.82
CA ILE C 74 -14.27 16.70 87.50
C ILE C 74 -13.46 16.28 86.27
N GLN C 75 -13.41 17.17 85.28
CA GLN C 75 -12.67 16.91 84.05
C GLN C 75 -11.15 16.76 84.27
N TYR C 76 -10.54 17.70 84.98
CA TYR C 76 -9.10 17.58 85.22
C TYR C 76 -8.69 16.37 86.07
N SER C 77 -9.52 15.99 87.05
CA SER C 77 -9.21 14.87 87.94
C SER C 77 -9.75 13.49 87.58
N TRP C 78 -10.47 13.35 86.47
CA TRP C 78 -11.06 12.06 86.13
C TRP C 78 -10.13 10.86 86.31
N MET C 79 -8.87 11.00 85.91
CA MET C 79 -7.93 9.89 86.03
C MET C 79 -7.56 9.58 87.49
N CYS C 80 -7.58 10.59 88.35
CA CYS C 80 -7.29 10.40 89.79
C CYS C 80 -8.43 9.65 90.44
N LEU C 81 -9.64 10.17 90.22
CA LEU C 81 -10.82 9.55 90.81
C LEU C 81 -10.99 8.11 90.34
N LEU C 82 -11.00 7.87 89.04
CA LEU C 82 -11.20 6.51 88.55
C LEU C 82 -10.10 5.55 89.01
N SER C 83 -8.86 6.03 89.10
CA SER C 83 -7.75 5.18 89.53
C SER C 83 -7.70 4.91 91.04
N PHE C 84 -8.03 5.90 91.86
CA PHE C 84 -8.03 5.71 93.31
C PHE C 84 -9.20 4.75 93.67
N ALA C 85 -10.30 4.84 92.91
CA ALA C 85 -11.47 3.99 93.15
C ALA C 85 -11.18 2.55 92.79
N LEU C 86 -10.38 2.34 91.74
CA LEU C 86 -9.98 1.02 91.31
C LEU C 86 -9.15 0.34 92.42
N SER C 87 -8.30 1.11 93.09
CA SER C 87 -7.47 0.58 94.18
C SER C 87 -8.36 0.19 95.35
N TRP C 88 -9.36 1.01 95.65
CA TRP C 88 -10.26 0.73 96.75
C TRP C 88 -11.06 -0.57 96.53
N ARG C 89 -11.62 -0.74 95.34
CA ARG C 89 -12.37 -1.95 95.02
C ARG C 89 -11.48 -3.21 95.03
N SER C 90 -10.24 -3.04 94.56
CA SER C 90 -9.30 -4.15 94.49
C SER C 90 -8.94 -4.60 95.91
N TYR C 91 -8.93 -3.63 96.82
CA TYR C 91 -8.62 -3.85 98.23
C TYR C 91 -9.78 -4.52 98.96
N LYS C 92 -10.99 -4.05 98.70
CA LYS C 92 -12.20 -4.55 99.35
C LYS C 92 -12.70 -5.92 98.88
N HIS C 93 -12.62 -6.18 97.57
CA HIS C 93 -13.10 -7.42 96.98
C HIS C 93 -12.09 -8.58 96.87
N THR C 94 -10.81 -8.27 96.68
CA THR C 94 -9.81 -9.33 96.52
C THR C 94 -8.62 -9.18 97.48
N ASN C 95 -8.73 -8.22 98.40
CA ASN C 95 -7.69 -7.93 99.37
C ASN C 95 -6.41 -7.45 98.68
N SER C 96 -6.58 -6.68 97.61
CA SER C 96 -5.46 -6.13 96.84
C SER C 96 -4.57 -7.19 96.21
N GLN C 97 -5.17 -8.29 95.79
CA GLN C 97 -4.45 -9.38 95.13
C GLN C 97 -4.52 -9.15 93.63
N PHE C 98 -5.70 -8.77 93.16
CA PHE C 98 -5.95 -8.49 91.75
C PHE C 98 -6.43 -7.05 91.55
N LEU C 99 -6.62 -6.69 90.28
CA LEU C 99 -7.08 -5.36 89.92
C LEU C 99 -8.55 -5.48 89.57
N TYR C 100 -9.39 -5.02 90.48
CA TYR C 100 -10.83 -5.10 90.34
C TYR C 100 -11.47 -3.89 89.66
N PHE C 101 -11.49 -3.94 88.33
CA PHE C 101 -12.08 -2.91 87.48
C PHE C 101 -13.61 -2.92 87.59
N ALA C 102 -14.20 -4.11 87.60
CA ALA C 102 -15.65 -4.28 87.70
C ALA C 102 -16.02 -5.71 88.06
N PRO C 103 -17.26 -5.93 88.54
CA PRO C 103 -17.71 -7.27 88.90
C PRO C 103 -17.39 -8.29 87.80
N ASP C 104 -17.50 -7.87 86.53
CA ASP C 104 -17.23 -8.79 85.42
C ASP C 104 -15.85 -8.64 84.77
N LEU C 105 -15.04 -7.70 85.27
CA LEU C 105 -13.70 -7.49 84.72
C LEU C 105 -12.72 -7.35 85.89
N VAL C 106 -11.87 -8.37 86.07
CA VAL C 106 -10.88 -8.37 87.14
C VAL C 106 -9.58 -8.88 86.50
N PHE C 107 -8.56 -8.03 86.46
CA PHE C 107 -7.32 -8.44 85.84
C PHE C 107 -6.44 -9.41 86.62
N ASN C 108 -5.91 -10.38 85.89
CA ASN C 108 -5.02 -11.40 86.40
C ASN C 108 -3.63 -10.78 86.26
N GLU C 109 -2.59 -11.58 86.45
CA GLU C 109 -1.22 -11.09 86.27
C GLU C 109 -1.05 -11.24 84.76
N GLU C 110 -1.83 -12.17 84.20
CA GLU C 110 -1.83 -12.44 82.77
C GLU C 110 -2.64 -11.38 82.03
N LYS C 111 -3.75 -10.95 82.64
CA LYS C 111 -4.58 -9.91 82.03
C LYS C 111 -3.73 -8.63 82.03
N MET C 112 -2.92 -8.50 83.08
CA MET C 112 -2.03 -7.35 83.22
C MET C 112 -0.97 -7.40 82.13
N HIS C 113 -0.44 -8.59 81.89
CA HIS C 113 0.59 -8.77 80.87
C HIS C 113 0.09 -8.50 79.46
N GLN C 114 -1.05 -9.09 79.13
CA GLN C 114 -1.63 -8.94 77.81
C GLN C 114 -2.31 -7.60 77.57
N SER C 115 -2.29 -6.72 78.57
CA SER C 115 -2.92 -5.43 78.42
C SER C 115 -1.99 -4.40 77.79
N ALA C 116 -0.72 -4.79 77.60
CA ALA C 116 0.29 -3.91 77.02
C ALA C 116 0.48 -2.75 78.00
N MET C 117 0.02 -2.99 79.21
CA MET C 117 0.07 -1.98 80.24
C MET C 117 0.50 -2.64 81.56
N TYR C 118 1.37 -3.65 81.48
CA TYR C 118 1.82 -4.38 82.67
C TYR C 118 2.28 -3.51 83.83
N GLU C 119 3.38 -2.80 83.64
CA GLU C 119 3.91 -1.94 84.69
C GLU C 119 2.91 -0.94 85.28
N LEU C 120 2.12 -0.30 84.43
CA LEU C 120 1.13 0.66 84.92
C LEU C 120 0.12 -0.06 85.80
N CYS C 121 -0.21 -1.31 85.44
CA CYS C 121 -1.13 -2.12 86.22
C CYS C 121 -0.48 -2.45 87.55
N GLN C 122 0.77 -2.91 87.49
CA GLN C 122 1.53 -3.27 88.67
C GLN C 122 1.70 -2.00 89.54
N GLY C 123 1.57 -0.83 88.91
CA GLY C 123 1.68 0.42 89.63
C GLY C 123 0.45 0.64 90.49
N MET C 124 -0.71 0.32 89.93
CA MET C 124 -1.96 0.46 90.68
C MET C 124 -2.00 -0.62 91.77
N HIS C 125 -1.56 -1.82 91.41
CA HIS C 125 -1.55 -2.94 92.35
C HIS C 125 -0.72 -2.59 93.58
N GLN C 126 0.40 -1.91 93.39
CA GLN C 126 1.22 -1.50 94.52
C GLN C 126 0.46 -0.47 95.34
N ILE C 127 -0.33 0.38 94.69
CA ILE C 127 -1.12 1.35 95.45
C ILE C 127 -2.16 0.61 96.30
N SER C 128 -2.80 -0.42 95.72
CA SER C 128 -3.81 -1.15 96.49
C SER C 128 -3.19 -1.91 97.65
N LEU C 129 -1.91 -2.25 97.52
CA LEU C 129 -1.20 -2.94 98.59
C LEU C 129 -1.08 -2.04 99.83
N GLN C 130 -0.72 -0.78 99.62
CA GLN C 130 -0.60 0.18 100.72
C GLN C 130 -1.92 0.30 101.47
N PHE C 131 -3.04 0.16 100.75
CA PHE C 131 -4.36 0.21 101.39
C PHE C 131 -4.42 -0.88 102.47
N VAL C 132 -3.88 -2.06 102.14
CA VAL C 132 -3.87 -3.20 103.05
C VAL C 132 -2.95 -2.95 104.24
N ARG C 133 -1.69 -2.65 103.95
CA ARG C 133 -0.71 -2.40 105.00
C ARG C 133 -1.08 -1.26 105.95
N LEU C 134 -1.87 -0.33 105.44
CA LEU C 134 -2.31 0.82 106.23
C LEU C 134 -3.70 0.60 106.80
N GLN C 135 -4.40 -0.41 106.31
CA GLN C 135 -5.75 -0.68 106.77
C GLN C 135 -6.63 0.56 106.54
N LEU C 136 -6.61 1.06 105.31
CA LEU C 136 -7.41 2.24 104.95
C LEU C 136 -8.86 1.96 105.28
N THR C 137 -9.55 2.92 105.90
CA THR C 137 -10.95 2.77 106.22
C THR C 137 -11.83 3.51 105.19
N PHE C 138 -13.08 3.07 105.06
CA PHE C 138 -14.02 3.64 104.11
C PHE C 138 -14.22 5.16 104.30
N GLU C 139 -14.13 5.62 105.54
CA GLU C 139 -14.32 7.04 105.80
C GLU C 139 -13.05 7.87 105.49
N GLU C 140 -11.88 7.23 105.48
CA GLU C 140 -10.64 7.95 105.14
C GLU C 140 -10.59 7.97 103.61
N TYR C 141 -10.98 6.84 103.02
CA TYR C 141 -11.04 6.68 101.57
C TYR C 141 -12.03 7.70 100.97
N THR C 142 -13.19 7.82 101.59
CA THR C 142 -14.22 8.75 101.13
C THR C 142 -13.74 10.21 101.13
N ILE C 143 -13.01 10.60 102.16
CA ILE C 143 -12.48 11.96 102.26
C ILE C 143 -11.28 12.17 101.32
N MET C 144 -10.42 11.16 101.21
CA MET C 144 -9.26 11.25 100.34
C MET C 144 -9.69 11.35 98.88
N LYS C 145 -10.85 10.77 98.57
CA LYS C 145 -11.39 10.84 97.20
C LYS C 145 -11.78 12.28 96.85
N VAL C 146 -12.44 12.98 97.77
CA VAL C 146 -12.83 14.37 97.54
C VAL C 146 -11.57 15.25 97.36
N LEU C 147 -10.50 14.91 98.08
CA LEU C 147 -9.24 15.65 97.99
C LEU C 147 -8.64 15.51 96.60
N LEU C 148 -8.85 14.35 95.98
CA LEU C 148 -8.31 14.13 94.64
C LEU C 148 -9.15 14.92 93.65
N LEU C 149 -10.42 15.13 93.97
CA LEU C 149 -11.26 15.93 93.10
C LEU C 149 -10.82 17.40 93.20
N LEU C 150 -10.12 17.73 94.29
CA LEU C 150 -9.68 19.10 94.54
C LEU C 150 -8.17 19.23 94.40
N SER C 151 -7.60 18.31 93.64
CA SER C 151 -6.16 18.27 93.42
C SER C 151 -5.63 18.94 92.16
N THR C 152 -6.35 18.82 91.06
CA THR C 152 -5.87 19.38 89.80
C THR C 152 -6.73 20.52 89.25
N ILE C 153 -6.12 21.69 89.18
CA ILE C 153 -6.76 22.92 88.72
C ILE C 153 -6.12 23.49 87.44
N PRO C 154 -6.74 24.53 86.85
CA PRO C 154 -6.25 25.18 85.63
C PRO C 154 -4.91 25.89 85.82
N LYS C 155 -4.28 26.28 84.72
CA LYS C 155 -3.01 26.99 84.79
C LYS C 155 -3.18 28.26 85.61
N ASP C 156 -4.05 29.15 85.16
CA ASP C 156 -4.27 30.41 85.87
C ASP C 156 -5.20 30.30 87.06
N GLY C 157 -6.46 29.96 86.81
CA GLY C 157 -7.39 29.83 87.91
C GLY C 157 -8.80 29.47 87.49
N LEU C 158 -9.68 29.35 88.48
CA LEU C 158 -11.08 29.01 88.24
C LEU C 158 -11.93 30.28 88.33
N LYS C 159 -13.20 30.17 87.93
CA LYS C 159 -14.12 31.29 87.97
C LYS C 159 -14.18 31.85 89.39
N SER C 160 -13.99 30.97 90.37
CA SER C 160 -13.98 31.37 91.77
C SER C 160 -12.86 30.64 92.50
N GLN C 161 -11.64 31.11 92.29
CA GLN C 161 -10.45 30.52 92.90
C GLN C 161 -10.52 30.52 94.43
N ALA C 162 -11.10 31.56 95.01
CA ALA C 162 -11.19 31.63 96.47
C ALA C 162 -12.21 30.63 97.01
N ALA C 163 -13.21 30.29 96.21
CA ALA C 163 -14.20 29.31 96.63
C ALA C 163 -13.55 27.92 96.67
N PHE C 164 -12.63 27.70 95.75
CA PHE C 164 -11.93 26.42 95.66
C PHE C 164 -10.98 26.16 96.84
N GLU C 165 -10.18 27.16 97.19
CA GLU C 165 -9.23 27.03 98.28
C GLU C 165 -9.90 26.72 99.61
N GLU C 166 -10.88 27.53 99.98
CA GLU C 166 -11.62 27.30 101.22
C GLU C 166 -12.21 25.90 101.28
N MET C 167 -12.72 25.43 100.15
CA MET C 167 -13.31 24.10 100.08
C MET C 167 -12.25 23.04 100.39
N ARG C 168 -11.20 23.02 99.58
CA ARG C 168 -10.11 22.06 99.75
C ARG C 168 -9.53 22.12 101.16
N THR C 169 -9.28 23.34 101.65
CA THR C 169 -8.73 23.50 102.98
C THR C 169 -9.69 22.95 104.03
N ASN C 170 -10.98 22.93 103.72
CA ASN C 170 -11.96 22.41 104.67
C ASN C 170 -11.91 20.89 104.72
N TYR C 171 -11.74 20.28 103.55
CA TYR C 171 -11.68 18.83 103.49
C TYR C 171 -10.37 18.31 104.06
N ILE C 172 -9.31 19.10 103.92
CA ILE C 172 -8.02 18.72 104.48
C ILE C 172 -8.17 18.71 106.01
N LYS C 173 -8.79 19.75 106.55
CA LYS C 173 -9.02 19.83 107.99
C LYS C 173 -9.94 18.68 108.46
N GLU C 174 -10.85 18.28 107.57
CA GLU C 174 -11.79 17.19 107.86
C GLU C 174 -11.00 15.89 108.03
N LEU C 175 -10.04 15.65 107.13
CA LEU C 175 -9.21 14.43 107.19
C LEU C 175 -8.31 14.49 108.43
N ARG C 176 -7.81 15.67 108.78
CA ARG C 176 -6.94 15.84 109.95
C ARG C 176 -7.75 15.50 111.19
N LYS C 177 -8.92 16.11 111.32
CA LYS C 177 -9.78 15.82 112.47
C LYS C 177 -10.04 14.32 112.50
N MET C 178 -10.34 13.78 111.33
CA MET C 178 -10.63 12.37 111.16
C MET C 178 -9.59 11.46 111.79
N VAL C 179 -8.32 11.77 111.64
CA VAL C 179 -7.42 10.82 112.23
C VAL C 179 -6.93 11.31 113.60
N THR C 180 -6.21 12.44 113.66
CA THR C 180 -5.72 13.06 114.91
C THR C 180 -5.08 12.18 115.98
N LYS C 181 -5.85 11.44 116.76
CA LYS C 181 -5.17 10.63 117.76
C LYS C 181 -5.89 9.32 118.01
N GLN C 191 0.72 10.53 112.87
CA GLN C 191 1.48 9.96 111.74
C GLN C 191 0.61 9.52 110.54
N ARG C 192 -0.65 9.19 110.79
CA ARG C 192 -1.53 8.70 109.72
C ARG C 192 -2.01 9.78 108.74
N PHE C 193 -2.00 11.04 109.16
CA PHE C 193 -2.38 12.13 108.26
C PHE C 193 -1.25 12.25 107.25
N TYR C 194 -0.05 11.94 107.71
CA TYR C 194 1.13 12.01 106.88
C TYR C 194 1.15 10.83 105.91
N GLN C 195 0.81 9.64 106.40
CA GLN C 195 0.82 8.48 105.52
C GLN C 195 -0.26 8.59 104.46
N LEU C 196 -1.41 9.17 104.83
CA LEU C 196 -2.53 9.33 103.90
C LEU C 196 -2.28 10.40 102.86
N THR C 197 -1.74 11.56 103.29
CA THR C 197 -1.43 12.63 102.36
C THR C 197 -0.29 12.16 101.44
N LYS C 198 0.65 11.42 102.01
CA LYS C 198 1.77 10.88 101.23
C LYS C 198 1.24 9.92 100.17
N LEU C 199 0.19 9.16 100.51
CA LEU C 199 -0.41 8.20 99.59
C LEU C 199 -1.02 8.94 98.40
N LEU C 200 -1.68 10.06 98.70
CA LEU C 200 -2.31 10.88 97.68
C LEU C 200 -1.25 11.51 96.79
N ASP C 201 -0.05 11.71 97.32
CA ASP C 201 1.06 12.28 96.52
C ASP C 201 1.58 11.22 95.55
N SER C 202 1.65 9.97 96.01
CA SER C 202 2.15 8.92 95.14
C SER C 202 1.10 8.56 94.09
N MET C 203 -0.15 8.92 94.34
CA MET C 203 -1.24 8.65 93.39
C MET C 203 -1.01 9.54 92.17
N HIS C 204 -0.77 10.82 92.43
CA HIS C 204 -0.52 11.77 91.36
C HIS C 204 0.68 11.33 90.54
N ASP C 205 1.64 10.69 91.22
CA ASP C 205 2.84 10.20 90.56
C ASP C 205 2.49 9.17 89.48
N LEU C 206 1.60 8.24 89.81
CA LEU C 206 1.18 7.19 88.87
C LEU C 206 0.21 7.76 87.81
N VAL C 207 -0.70 8.63 88.25
CA VAL C 207 -1.65 9.24 87.33
C VAL C 207 -0.91 9.93 86.19
N SER C 208 0.20 10.58 86.49
CA SER C 208 1.02 11.25 85.48
C SER C 208 1.38 10.24 84.40
N ASP C 209 1.84 9.06 84.81
CA ASP C 209 2.21 8.02 83.85
C ASP C 209 0.98 7.48 83.10
N LEU C 210 -0.15 7.34 83.80
CA LEU C 210 -1.34 6.81 83.17
C LEU C 210 -1.84 7.74 82.06
N LEU C 211 -1.72 9.04 82.28
CA LEU C 211 -2.14 10.02 81.29
C LEU C 211 -1.28 9.93 80.05
N GLU C 212 0.00 9.65 80.24
CA GLU C 212 0.92 9.51 79.13
C GLU C 212 0.52 8.35 78.24
N PHE C 213 0.27 7.19 78.83
CA PHE C 213 -0.13 6.02 78.06
C PHE C 213 -1.44 6.31 77.32
N CYS C 214 -2.36 6.95 78.03
CA CYS C 214 -3.66 7.29 77.49
C CYS C 214 -3.51 8.16 76.24
N PHE C 215 -2.86 9.30 76.41
CA PHE C 215 -2.66 10.25 75.33
C PHE C 215 -1.97 9.57 74.14
N TYR C 216 -0.94 8.78 74.41
CA TYR C 216 -0.25 8.09 73.33
C TYR C 216 -1.21 7.18 72.57
N THR C 217 -1.88 6.30 73.31
CA THR C 217 -2.83 5.37 72.73
C THR C 217 -3.90 6.15 71.97
N PHE C 218 -4.28 7.30 72.51
CA PHE C 218 -5.29 8.16 71.91
C PHE C 218 -4.89 8.65 70.52
N ARG C 219 -3.68 9.16 70.40
CA ARG C 219 -3.20 9.67 69.11
C ARG C 219 -2.80 8.57 68.13
N GLU C 220 -2.94 7.31 68.54
CA GLU C 220 -2.57 6.20 67.67
C GLU C 220 -3.64 5.08 67.77
N SER C 221 -4.88 5.45 68.04
CA SER C 221 -5.95 4.47 68.20
C SER C 221 -6.29 3.68 66.95
N HIS C 222 -6.08 4.29 65.78
CA HIS C 222 -6.35 3.61 64.51
C HIS C 222 -5.31 2.50 64.32
N ALA C 223 -4.04 2.86 64.50
CA ALA C 223 -2.93 1.94 64.36
C ALA C 223 -2.98 0.85 65.44
N LEU C 224 -3.31 1.26 66.66
CA LEU C 224 -3.38 0.33 67.77
C LEU C 224 -4.75 -0.36 67.83
N LYS C 225 -5.66 0.06 66.96
CA LYS C 225 -7.00 -0.54 66.93
C LYS C 225 -7.71 -0.48 68.29
N VAL C 226 -7.41 0.54 69.08
CA VAL C 226 -8.02 0.70 70.39
C VAL C 226 -9.09 1.79 70.29
N GLU C 227 -10.23 1.53 70.90
CA GLU C 227 -11.36 2.45 70.83
C GLU C 227 -11.55 3.38 72.01
N PHE C 228 -12.12 4.55 71.75
CA PHE C 228 -12.40 5.55 72.78
C PHE C 228 -13.86 6.03 72.69
N PRO C 229 -14.64 5.88 73.77
CA PRO C 229 -16.04 6.32 73.77
C PRO C 229 -16.05 7.83 73.49
N ALA C 230 -17.13 8.31 72.88
CA ALA C 230 -17.24 9.73 72.55
C ALA C 230 -16.91 10.61 73.75
N MET C 231 -17.38 10.19 74.92
CA MET C 231 -17.14 10.95 76.15
C MET C 231 -15.65 11.04 76.48
N LEU C 232 -14.93 9.93 76.32
CA LEU C 232 -13.51 9.94 76.61
C LEU C 232 -12.78 10.85 75.64
N VAL C 233 -13.17 10.81 74.38
CA VAL C 233 -12.56 11.64 73.33
C VAL C 233 -12.71 13.11 73.74
N GLU C 234 -13.88 13.41 74.31
CA GLU C 234 -14.20 14.75 74.76
C GLU C 234 -13.21 15.20 75.85
N ILE C 235 -13.13 14.40 76.91
CA ILE C 235 -12.25 14.73 78.02
C ILE C 235 -10.80 14.75 77.62
N ILE C 236 -10.33 13.68 76.98
CA ILE C 236 -8.95 13.59 76.55
C ILE C 236 -8.53 14.72 75.62
N SER C 237 -9.34 15.01 74.59
CA SER C 237 -8.98 16.06 73.66
C SER C 237 -9.03 17.44 74.29
N ASP C 238 -9.69 17.59 75.43
CA ASP C 238 -9.75 18.90 76.09
C ASP C 238 -8.66 19.00 77.15
N GLN C 239 -8.36 17.90 77.83
CA GLN C 239 -7.35 17.91 78.89
C GLN C 239 -5.89 17.80 78.42
N LEU C 240 -5.65 17.02 77.35
CA LEU C 240 -4.32 16.79 76.82
C LEU C 240 -3.45 18.04 76.64
N PRO C 241 -3.86 18.96 75.76
CA PRO C 241 -3.03 20.15 75.61
C PRO C 241 -2.73 20.82 76.94
N LYS C 242 -3.73 20.91 77.81
CA LYS C 242 -3.54 21.53 79.11
C LYS C 242 -2.52 20.78 79.95
N VAL C 243 -2.50 19.46 79.81
CA VAL C 243 -1.53 18.68 80.58
C VAL C 243 -0.15 18.71 79.90
N GLU C 244 -0.14 18.68 78.57
CA GLU C 244 1.11 18.71 77.80
C GLU C 244 2.02 19.85 78.26
N SER C 245 1.41 20.98 78.59
CA SER C 245 2.14 22.13 79.09
C SER C 245 1.87 22.11 80.60
N GLY C 246 2.55 22.94 81.38
CA GLY C 246 2.36 22.92 82.82
C GLY C 246 1.04 23.46 83.35
N ASN C 247 -0.04 23.30 82.57
CA ASN C 247 -1.34 23.79 82.98
C ASN C 247 -2.08 22.85 83.91
N ALA C 248 -1.58 21.62 84.05
CA ALA C 248 -2.19 20.61 84.91
C ALA C 248 -2.14 21.07 86.36
N LYS C 249 -0.94 21.34 86.85
CA LYS C 249 -0.74 21.83 88.21
C LYS C 249 -1.34 20.95 89.33
N PRO C 250 -0.81 19.73 89.49
CA PRO C 250 -1.32 18.84 90.55
C PRO C 250 -0.75 19.31 91.88
N LEU C 251 -1.64 19.62 92.83
CA LEU C 251 -1.21 20.08 94.15
C LEU C 251 -0.66 18.95 95.03
N TYR C 252 0.60 19.08 95.46
CA TYR C 252 1.25 18.07 96.31
C TYR C 252 1.26 18.47 97.78
N PHE C 253 0.97 17.50 98.64
CA PHE C 253 0.96 17.70 100.10
C PHE C 253 2.40 17.79 100.61
N HIS C 254 3.28 17.02 99.98
CA HIS C 254 4.68 16.98 100.36
C HIS C 254 5.59 17.06 99.13
N PRO D 10 -24.09 23.96 30.14
CA PRO D 10 -23.14 24.46 29.13
C PRO D 10 -22.31 23.31 28.57
N VAL D 11 -21.69 22.57 29.49
CA VAL D 11 -20.85 21.45 29.12
C VAL D 11 -21.70 20.27 28.64
N MET D 12 -22.91 20.15 29.18
CA MET D 12 -23.81 19.06 28.78
C MET D 12 -24.31 19.29 27.34
N VAL D 13 -24.51 20.55 26.96
CA VAL D 13 -24.94 20.88 25.60
C VAL D 13 -23.81 20.53 24.65
N LEU D 14 -22.59 20.88 25.03
CA LEU D 14 -21.45 20.59 24.19
C LEU D 14 -21.37 19.09 23.92
N GLU D 15 -21.44 18.29 24.99
CA GLU D 15 -21.37 16.83 24.86
C GLU D 15 -22.46 16.25 23.95
N ASN D 16 -23.62 16.88 23.94
CA ASN D 16 -24.74 16.43 23.10
C ASN D 16 -24.53 16.74 21.61
N ILE D 17 -23.91 17.88 21.32
CA ILE D 17 -23.70 18.28 19.93
C ILE D 17 -22.37 17.89 19.34
N GLU D 18 -21.76 16.86 19.91
CA GLU D 18 -20.48 16.35 19.42
C GLU D 18 -20.83 15.57 18.15
N PRO D 19 -20.02 15.69 17.08
CA PRO D 19 -20.29 14.98 15.83
C PRO D 19 -20.50 13.48 15.97
N GLU D 20 -21.23 12.91 15.01
CA GLU D 20 -21.49 11.49 15.03
C GLU D 20 -20.47 10.76 14.16
N ILE D 21 -20.42 9.44 14.31
CA ILE D 21 -19.48 8.59 13.58
C ILE D 21 -19.44 8.94 12.09
N VAL D 22 -18.23 9.10 11.57
CA VAL D 22 -18.05 9.42 10.14
C VAL D 22 -17.01 8.51 9.52
N TYR D 23 -17.41 7.77 8.49
CA TYR D 23 -16.52 6.86 7.78
C TYR D 23 -15.65 7.60 6.80
N ALA D 24 -14.51 6.99 6.44
CA ALA D 24 -13.58 7.59 5.51
C ALA D 24 -13.91 7.12 4.09
N GLY D 25 -14.39 5.89 4.00
CA GLY D 25 -14.73 5.32 2.70
C GLY D 25 -13.55 4.57 2.10
N TYR D 26 -12.78 3.89 2.95
CA TYR D 26 -11.62 3.12 2.50
C TYR D 26 -12.08 1.95 1.64
N ASP D 27 -11.55 1.86 0.42
CA ASP D 27 -11.89 0.79 -0.51
C ASP D 27 -10.66 -0.02 -0.93
N SER D 28 -10.58 -1.24 -0.42
CA SER D 28 -9.46 -2.13 -0.73
C SER D 28 -9.70 -2.94 -2.01
N ASP D 32 -3.38 1.66 -3.56
CA ASP D 32 -3.58 2.56 -2.44
C ASP D 32 -2.29 3.31 -2.08
N THR D 33 -1.63 3.85 -3.10
CA THR D 33 -0.40 4.59 -2.89
C THR D 33 -0.63 5.80 -1.99
N ALA D 34 0.43 6.55 -1.74
CA ALA D 34 0.36 7.74 -0.91
C ALA D 34 -0.67 8.66 -1.53
N GLU D 35 -0.71 8.65 -2.85
CA GLU D 35 -1.64 9.47 -3.62
C GLU D 35 -3.10 9.20 -3.21
N ASN D 36 -3.51 7.94 -3.21
CA ASN D 36 -4.88 7.57 -2.85
C ASN D 36 -5.22 7.88 -1.39
N LEU D 37 -4.29 7.57 -0.49
CA LEU D 37 -4.49 7.79 0.94
C LEU D 37 -4.78 9.25 1.29
N LEU D 38 -3.98 10.16 0.75
CA LEU D 38 -4.17 11.59 1.01
C LEU D 38 -5.54 12.06 0.52
N SER D 39 -6.03 11.46 -0.57
CA SER D 39 -7.33 11.80 -1.14
C SER D 39 -8.45 11.38 -0.19
N THR D 40 -8.23 10.24 0.47
CA THR D 40 -9.23 9.73 1.39
C THR D 40 -9.33 10.61 2.64
N LEU D 41 -8.20 11.14 3.09
CA LEU D 41 -8.18 12.00 4.27
C LEU D 41 -8.92 13.32 3.97
N ASN D 42 -8.65 13.88 2.80
CA ASN D 42 -9.33 15.13 2.40
C ASN D 42 -10.81 14.84 2.24
N ARG D 43 -11.11 13.64 1.73
CA ARG D 43 -12.49 13.23 1.57
C ARG D 43 -13.13 13.21 2.97
N LEU D 44 -12.43 12.59 3.92
CA LEU D 44 -12.92 12.53 5.29
C LEU D 44 -13.11 13.93 5.89
N ALA D 45 -12.17 14.82 5.57
CA ALA D 45 -12.17 16.21 6.04
C ALA D 45 -13.43 16.93 5.57
N GLY D 46 -13.84 16.65 4.33
CA GLY D 46 -15.03 17.27 3.77
C GLY D 46 -16.28 16.92 4.57
N LYS D 47 -16.45 15.64 4.87
CA LYS D 47 -17.62 15.20 5.65
C LYS D 47 -17.55 15.74 7.09
N GLN D 48 -16.36 15.80 7.67
CA GLN D 48 -16.25 16.31 9.03
C GLN D 48 -16.60 17.79 9.05
N MET D 49 -16.19 18.54 8.02
CA MET D 49 -16.51 19.96 7.96
C MET D 49 -18.02 20.22 7.99
N ILE D 50 -18.79 19.35 7.34
CA ILE D 50 -20.25 19.46 7.33
C ILE D 50 -20.68 19.35 8.79
N GLN D 51 -20.12 18.37 9.51
CA GLN D 51 -20.44 18.22 10.93
C GLN D 51 -20.02 19.46 11.71
N VAL D 52 -18.90 20.06 11.34
CA VAL D 52 -18.41 21.24 12.05
C VAL D 52 -19.33 22.46 11.94
N VAL D 53 -19.83 22.73 10.74
CA VAL D 53 -20.74 23.86 10.52
C VAL D 53 -21.99 23.63 11.37
N LYS D 54 -22.50 22.42 11.30
CA LYS D 54 -23.68 22.03 12.05
C LYS D 54 -23.44 22.16 13.56
N TRP D 55 -22.26 21.73 14.00
CA TRP D 55 -21.90 21.84 15.42
C TRP D 55 -21.78 23.31 15.77
N ALA D 56 -21.19 24.09 14.87
CA ALA D 56 -20.97 25.52 15.11
C ALA D 56 -22.24 26.36 15.25
N LYS D 57 -23.24 26.08 14.44
CA LYS D 57 -24.48 26.86 14.52
C LYS D 57 -25.25 26.63 15.83
N VAL D 58 -24.83 25.65 16.62
CA VAL D 58 -25.51 25.36 17.88
C VAL D 58 -24.64 25.57 19.12
N LEU D 59 -23.39 25.97 18.90
CA LEU D 59 -22.48 26.20 20.00
C LEU D 59 -22.94 27.43 20.78
N PRO D 60 -23.17 27.28 22.08
CA PRO D 60 -23.62 28.40 22.90
C PRO D 60 -22.69 29.61 22.83
N GLY D 61 -23.27 30.79 22.66
CA GLY D 61 -22.51 32.03 22.59
C GLY D 61 -21.77 32.34 21.30
N PHE D 62 -21.71 31.37 20.40
CA PHE D 62 -21.04 31.57 19.11
C PHE D 62 -22.11 31.87 18.08
N LYS D 63 -23.21 31.12 18.18
CA LYS D 63 -24.35 31.25 17.28
C LYS D 63 -24.96 32.65 17.23
N ASN D 64 -24.65 33.48 18.21
CA ASN D 64 -25.19 34.83 18.24
C ASN D 64 -24.25 35.82 17.56
N LEU D 65 -22.96 35.48 17.50
CA LEU D 65 -21.97 36.33 16.86
C LEU D 65 -22.40 36.56 15.42
N PRO D 66 -21.89 37.61 14.78
CA PRO D 66 -22.27 37.88 13.39
C PRO D 66 -21.71 36.85 12.40
N LEU D 67 -22.59 36.39 11.50
CA LEU D 67 -22.26 35.38 10.50
C LEU D 67 -20.84 35.46 9.90
N GLU D 68 -20.43 36.63 9.43
CA GLU D 68 -19.10 36.77 8.82
C GLU D 68 -17.98 36.37 9.79
N ASP D 69 -18.15 36.69 11.06
CA ASP D 69 -17.12 36.33 12.03
C ASP D 69 -17.17 34.84 12.34
N GLN D 70 -18.37 34.26 12.27
CA GLN D 70 -18.57 32.83 12.51
C GLN D 70 -17.80 32.04 11.46
N ILE D 71 -18.05 32.36 10.19
CA ILE D 71 -17.39 31.72 9.05
C ILE D 71 -15.88 31.94 9.16
N THR D 72 -15.49 33.18 9.45
CA THR D 72 -14.08 33.51 9.63
C THR D 72 -13.42 32.65 10.71
N LEU D 73 -14.06 32.53 11.88
CA LEU D 73 -13.49 31.70 12.94
C LEU D 73 -13.37 30.24 12.52
N ILE D 74 -14.33 29.74 11.74
CA ILE D 74 -14.31 28.36 11.26
C ILE D 74 -13.23 28.15 10.20
N GLN D 75 -13.05 29.13 9.31
CA GLN D 75 -12.04 29.04 8.27
C GLN D 75 -10.63 29.13 8.85
N TYR D 76 -10.42 30.03 9.79
CA TYR D 76 -9.09 30.17 10.39
C TYR D 76 -8.68 29.01 11.31
N SER D 77 -9.62 28.16 11.72
CA SER D 77 -9.25 27.08 12.65
C SER D 77 -9.84 25.69 12.44
N TRP D 78 -10.27 25.37 11.23
CA TRP D 78 -10.86 24.05 10.93
C TRP D 78 -9.85 22.95 11.21
N MET D 79 -8.58 23.27 10.99
CA MET D 79 -7.48 22.33 11.19
C MET D 79 -7.23 22.03 12.66
N CYS D 80 -7.35 23.06 13.51
CA CYS D 80 -7.14 22.88 14.95
C CYS D 80 -8.24 21.95 15.45
N LEU D 81 -9.45 22.23 15.01
CA LEU D 81 -10.65 21.48 15.39
C LEU D 81 -10.58 20.03 14.98
N LEU D 82 -10.38 19.77 13.69
CA LEU D 82 -10.32 18.41 13.21
C LEU D 82 -9.14 17.61 13.73
N SER D 83 -7.99 18.26 13.89
CA SER D 83 -6.80 17.57 14.40
C SER D 83 -6.88 17.28 15.91
N PHE D 84 -7.41 18.24 16.67
CA PHE D 84 -7.56 18.05 18.11
C PHE D 84 -8.60 16.95 18.34
N ALA D 85 -9.56 16.84 17.43
CA ALA D 85 -10.60 15.83 17.59
C ALA D 85 -10.02 14.46 17.22
N LEU D 86 -9.05 14.46 16.31
CA LEU D 86 -8.38 13.22 15.91
C LEU D 86 -7.60 12.62 17.10
N SER D 87 -6.81 13.44 17.78
CA SER D 87 -6.05 12.96 18.92
C SER D 87 -6.98 12.42 20.00
N TRP D 88 -8.20 12.97 20.09
CA TRP D 88 -9.18 12.55 21.09
C TRP D 88 -9.76 11.17 20.82
N ARG D 89 -10.12 10.91 19.57
CA ARG D 89 -10.67 9.61 19.21
C ARG D 89 -9.54 8.60 19.28
N SER D 90 -8.31 9.07 19.06
CA SER D 90 -7.14 8.19 19.11
C SER D 90 -6.88 7.77 20.56
N TYR D 91 -7.19 8.68 21.48
CA TYR D 91 -7.00 8.45 22.91
C TYR D 91 -8.12 7.62 23.53
N LYS D 92 -9.32 7.72 22.97
CA LYS D 92 -10.46 6.98 23.51
C LYS D 92 -10.54 5.55 23.05
N HIS D 93 -10.36 5.31 21.76
CA HIS D 93 -10.43 3.96 21.20
C HIS D 93 -9.15 3.13 21.29
N THR D 94 -8.00 3.75 21.06
CA THR D 94 -6.77 2.97 21.10
C THR D 94 -5.84 3.34 22.23
N ASN D 95 -6.30 4.21 23.11
CA ASN D 95 -5.47 4.68 24.22
C ASN D 95 -4.24 5.39 23.67
N SER D 96 -4.46 6.23 22.67
CA SER D 96 -3.41 7.00 22.03
C SER D 96 -2.24 6.21 21.48
N GLN D 97 -2.51 5.02 20.94
CA GLN D 97 -1.49 4.16 20.38
C GLN D 97 -1.40 4.37 18.87
N PHE D 98 -2.55 4.54 18.25
CA PHE D 98 -2.61 4.76 16.82
C PHE D 98 -3.39 6.05 16.56
N LEU D 99 -3.28 6.58 15.35
CA LEU D 99 -4.04 7.77 15.02
C LEU D 99 -5.35 7.20 14.48
N TYR D 100 -6.43 7.41 15.23
CA TYR D 100 -7.75 6.91 14.86
C TYR D 100 -8.52 7.95 14.04
N PHE D 101 -8.34 7.93 12.73
CA PHE D 101 -9.01 8.88 11.85
C PHE D 101 -10.50 8.60 11.72
N ALA D 102 -10.83 7.32 11.66
CA ALA D 102 -12.21 6.89 11.51
C ALA D 102 -12.34 5.38 11.72
N PRO D 103 -13.55 4.89 11.99
CA PRO D 103 -13.80 3.46 12.20
C PRO D 103 -13.04 2.60 11.21
N ASP D 104 -13.10 3.00 9.93
CA ASP D 104 -12.46 2.30 8.83
C ASP D 104 -11.10 2.90 8.43
N LEU D 105 -10.49 3.68 9.32
CA LEU D 105 -9.20 4.28 9.00
C LEU D 105 -8.40 4.62 10.26
N VAL D 106 -7.67 3.62 10.74
CA VAL D 106 -6.83 3.74 11.93
C VAL D 106 -5.41 3.63 11.39
N PHE D 107 -4.57 4.61 11.72
CA PHE D 107 -3.19 4.62 11.24
C PHE D 107 -2.19 3.84 12.06
N ASN D 108 -1.45 3.00 11.35
CA ASN D 108 -0.40 2.16 11.88
C ASN D 108 0.90 2.95 11.66
N GLU D 109 2.03 2.37 12.07
CA GLU D 109 3.32 3.02 11.90
C GLU D 109 3.60 3.12 10.40
N GLU D 110 3.37 2.03 9.67
CA GLU D 110 3.60 2.00 8.23
C GLU D 110 2.59 2.90 7.52
N LYS D 111 1.41 3.04 8.13
CA LYS D 111 0.34 3.87 7.58
C LYS D 111 0.77 5.32 7.64
N MET D 112 1.44 5.70 8.72
CA MET D 112 1.89 7.06 8.87
C MET D 112 2.94 7.39 7.80
N HIS D 113 3.79 6.41 7.49
CA HIS D 113 4.83 6.58 6.48
C HIS D 113 4.31 6.62 5.04
N GLN D 114 3.35 5.74 4.72
CA GLN D 114 2.80 5.71 3.36
C GLN D 114 1.99 6.96 3.02
N SER D 115 1.92 7.90 3.96
CA SER D 115 1.16 9.13 3.77
C SER D 115 2.08 10.32 3.48
N ALA D 116 3.39 10.09 3.54
CA ALA D 116 4.38 11.13 3.29
C ALA D 116 4.20 12.26 4.29
N MET D 117 3.38 12.00 5.29
CA MET D 117 3.10 12.97 6.34
C MET D 117 3.72 12.54 7.66
N TYR D 118 4.65 11.60 7.64
CA TYR D 118 5.26 11.16 8.89
C TYR D 118 5.81 12.40 9.58
N GLU D 119 6.07 12.29 10.87
CA GLU D 119 6.57 13.41 11.68
C GLU D 119 5.36 14.28 12.00
N LEU D 120 4.54 14.55 10.99
CA LEU D 120 3.32 15.33 11.20
C LEU D 120 2.33 14.41 11.93
N CYS D 121 2.33 13.13 11.56
CA CYS D 121 1.45 12.14 12.19
C CYS D 121 1.98 11.84 13.59
N GLN D 122 3.30 11.99 13.79
CA GLN D 122 3.90 11.76 15.10
C GLN D 122 3.59 12.94 16.00
N GLY D 123 3.42 14.11 15.38
CA GLY D 123 3.11 15.30 16.12
C GLY D 123 1.72 15.25 16.74
N MET D 124 0.74 14.77 16.00
CA MET D 124 -0.62 14.68 16.55
C MET D 124 -0.69 13.49 17.48
N HIS D 125 0.13 12.48 17.19
CA HIS D 125 0.20 11.28 18.00
C HIS D 125 0.74 11.67 19.39
N GLN D 126 1.73 12.56 19.43
CA GLN D 126 2.29 13.00 20.71
C GLN D 126 1.25 13.79 21.51
N ILE D 127 0.37 14.50 20.81
CA ILE D 127 -0.66 15.24 21.51
C ILE D 127 -1.60 14.24 22.17
N SER D 128 -1.93 13.15 21.47
CA SER D 128 -2.82 12.16 22.07
C SER D 128 -2.15 11.52 23.28
N LEU D 129 -0.82 11.39 23.23
CA LEU D 129 -0.09 10.80 24.35
C LEU D 129 -0.19 11.69 25.58
N GLN D 130 -0.33 13.01 25.38
CA GLN D 130 -0.47 13.91 26.50
C GLN D 130 -1.84 13.75 27.13
N PHE D 131 -2.83 13.40 26.33
CA PHE D 131 -4.18 13.18 26.85
C PHE D 131 -4.11 12.05 27.88
N VAL D 132 -3.32 11.01 27.59
CA VAL D 132 -3.17 9.87 28.49
C VAL D 132 -2.43 10.28 29.76
N ARG D 133 -1.41 11.11 29.59
CA ARG D 133 -0.58 11.59 30.67
C ARG D 133 -1.33 12.56 31.59
N LEU D 134 -2.34 13.23 31.04
CA LEU D 134 -3.14 14.17 31.83
C LEU D 134 -4.47 13.51 32.19
N GLN D 135 -4.78 12.40 31.54
CA GLN D 135 -6.05 11.75 31.79
C GLN D 135 -7.11 12.81 31.48
N LEU D 136 -7.03 13.39 30.29
CA LEU D 136 -7.97 14.44 29.87
C LEU D 136 -9.42 13.96 29.96
N THR D 137 -10.29 14.76 30.58
CA THR D 137 -11.71 14.41 30.72
C THR D 137 -12.54 14.92 29.54
N PHE D 138 -13.68 14.29 29.29
CA PHE D 138 -14.55 14.67 28.17
C PHE D 138 -15.08 16.08 28.38
N GLU D 139 -15.14 16.51 29.64
CA GLU D 139 -15.62 17.85 29.96
C GLU D 139 -14.57 18.89 29.57
N GLU D 140 -13.29 18.55 29.79
CA GLU D 140 -12.19 19.46 29.47
C GLU D 140 -11.98 19.53 27.96
N TYR D 141 -12.00 18.37 27.31
CA TYR D 141 -11.84 18.24 25.86
C TYR D 141 -12.85 19.13 25.10
N THR D 142 -14.12 18.85 25.32
CA THR D 142 -15.21 19.58 24.68
C THR D 142 -15.06 21.09 24.80
N ILE D 143 -14.51 21.55 25.92
CA ILE D 143 -14.34 22.99 26.13
C ILE D 143 -13.06 23.46 25.47
N MET D 144 -12.04 22.61 25.46
CA MET D 144 -10.78 22.98 24.83
C MET D 144 -10.99 23.13 23.32
N LYS D 145 -11.94 22.37 22.77
CA LYS D 145 -12.21 22.45 21.35
C LYS D 145 -12.91 23.76 20.99
N VAL D 146 -13.79 24.23 21.87
CA VAL D 146 -14.47 25.49 21.64
C VAL D 146 -13.43 26.62 21.71
N LEU D 147 -12.43 26.45 22.57
CA LEU D 147 -11.39 27.47 22.71
C LEU D 147 -10.53 27.56 21.45
N LEU D 148 -10.21 26.42 20.85
CA LEU D 148 -9.40 26.42 19.64
C LEU D 148 -10.16 27.16 18.53
N LEU D 149 -11.47 26.99 18.48
CA LEU D 149 -12.29 27.68 17.49
C LEU D 149 -12.11 29.18 17.67
N LEU D 150 -11.81 29.59 18.90
CA LEU D 150 -11.65 31.00 19.22
C LEU D 150 -10.20 31.33 19.46
N SER D 151 -9.33 30.62 18.75
CA SER D 151 -7.89 30.78 18.90
C SER D 151 -7.22 31.72 17.90
N THR D 152 -7.83 31.88 16.73
CA THR D 152 -7.22 32.69 15.69
C THR D 152 -8.18 33.73 15.09
N ILE D 153 -7.73 34.98 15.08
CA ILE D 153 -8.55 36.06 14.52
C ILE D 153 -7.75 36.91 13.54
N PRO D 154 -8.45 37.73 12.73
CA PRO D 154 -7.82 38.60 11.73
C PRO D 154 -6.93 39.63 12.40
N LYS D 155 -5.94 40.13 11.68
CA LYS D 155 -5.00 41.12 12.22
C LYS D 155 -5.72 42.30 12.87
N ASP D 156 -6.69 42.87 12.17
CA ASP D 156 -7.43 44.02 12.71
C ASP D 156 -8.74 43.67 13.41
N GLY D 157 -8.91 42.41 13.80
CA GLY D 157 -10.11 42.02 14.51
C GLY D 157 -11.24 41.56 13.61
N LEU D 158 -12.39 41.28 14.21
CA LEU D 158 -13.57 40.82 13.49
C LEU D 158 -14.60 41.95 13.48
N LYS D 159 -15.78 41.71 12.94
CA LYS D 159 -16.81 42.73 12.90
C LYS D 159 -17.29 43.11 14.30
N SER D 160 -17.54 42.10 15.14
CA SER D 160 -17.96 42.33 16.53
C SER D 160 -16.86 41.80 17.42
N GLN D 161 -15.76 42.54 17.53
CA GLN D 161 -14.63 42.13 18.33
C GLN D 161 -14.95 41.96 19.82
N ALA D 162 -15.62 42.95 20.39
CA ALA D 162 -15.98 42.93 21.80
C ALA D 162 -16.89 41.74 22.08
N ALA D 163 -17.77 41.41 21.14
CA ALA D 163 -18.69 40.28 21.31
C ALA D 163 -17.87 38.99 21.36
N PHE D 164 -16.80 38.94 20.57
CA PHE D 164 -15.92 37.79 20.51
C PHE D 164 -15.18 37.60 21.84
N GLU D 165 -14.39 38.60 22.24
CA GLU D 165 -13.63 38.55 23.48
C GLU D 165 -14.45 38.11 24.69
N GLU D 166 -15.64 38.66 24.84
CA GLU D 166 -16.52 38.32 25.95
C GLU D 166 -16.91 36.85 25.89
N MET D 167 -16.89 36.28 24.70
CA MET D 167 -17.23 34.89 24.53
C MET D 167 -16.04 34.01 24.91
N ARG D 168 -14.88 34.31 24.35
CA ARG D 168 -13.68 33.55 24.67
C ARG D 168 -13.45 33.55 26.18
N THR D 169 -13.49 34.74 26.77
CA THR D 169 -13.30 34.89 28.21
C THR D 169 -14.29 34.01 28.98
N ASN D 170 -15.52 33.90 28.48
CA ASN D 170 -16.52 33.06 29.14
C ASN D 170 -16.13 31.60 29.10
N TYR D 171 -15.74 31.12 27.92
CA TYR D 171 -15.35 29.73 27.83
C TYR D 171 -14.08 29.46 28.63
N ILE D 172 -13.20 30.45 28.73
CA ILE D 172 -12.00 30.29 29.51
C ILE D 172 -12.40 30.03 30.97
N LYS D 173 -13.34 30.84 31.45
CA LYS D 173 -13.86 30.74 32.80
C LYS D 173 -14.60 29.41 32.98
N GLU D 174 -15.08 28.84 31.88
CA GLU D 174 -15.78 27.57 31.96
C GLU D 174 -14.76 26.44 32.11
N LEU D 175 -13.56 26.65 31.58
CA LEU D 175 -12.51 25.64 31.68
C LEU D 175 -11.81 25.78 33.03
N ARG D 176 -11.69 27.02 33.49
CA ARG D 176 -11.07 27.32 34.77
C ARG D 176 -11.89 26.66 35.87
N LYS D 177 -13.10 26.23 35.52
CA LYS D 177 -14.00 25.59 36.46
C LYS D 177 -14.03 24.08 36.29
N MET D 178 -14.17 23.62 35.04
CA MET D 178 -14.22 22.19 34.75
C MET D 178 -12.92 21.50 35.16
N VAL D 179 -11.90 22.28 35.51
CA VAL D 179 -10.60 21.75 35.92
C VAL D 179 -10.40 21.94 37.42
N GLN D 188 -4.12 21.21 43.31
CA GLN D 188 -3.47 20.98 42.01
C GLN D 188 -4.52 21.34 40.96
N SER D 189 -5.45 22.20 41.36
CA SER D 189 -6.50 22.62 40.47
C SER D 189 -5.96 23.69 39.54
N TRP D 190 -5.27 24.69 40.08
CA TRP D 190 -4.78 25.67 39.14
C TRP D 190 -3.64 25.05 38.33
N GLN D 191 -2.87 24.13 38.90
CA GLN D 191 -1.77 23.57 38.13
C GLN D 191 -2.15 22.81 36.88
N ARG D 192 -3.31 22.15 36.90
CA ARG D 192 -3.76 21.41 35.72
C ARG D 192 -4.23 22.42 34.67
N PHE D 193 -4.76 23.54 35.14
CA PHE D 193 -5.24 24.58 34.24
C PHE D 193 -4.07 25.03 33.37
N TYR D 194 -2.92 25.20 34.01
CA TYR D 194 -1.71 25.62 33.31
C TYR D 194 -1.32 24.59 32.25
N GLN D 195 -1.48 23.31 32.59
CA GLN D 195 -1.15 22.22 31.66
C GLN D 195 -2.07 22.19 30.44
N LEU D 196 -3.35 22.47 30.65
CA LEU D 196 -4.28 22.48 29.53
C LEU D 196 -4.04 23.69 28.64
N THR D 197 -3.88 24.87 29.24
CA THR D 197 -3.64 26.05 28.44
C THR D 197 -2.32 25.93 27.67
N LYS D 198 -1.35 25.22 28.24
CA LYS D 198 -0.08 25.03 27.55
C LYS D 198 -0.29 24.11 26.36
N LEU D 199 -1.06 23.05 26.58
CA LEU D 199 -1.35 22.08 25.53
C LEU D 199 -2.07 22.81 24.40
N LEU D 200 -2.97 23.72 24.78
CA LEU D 200 -3.70 24.50 23.80
C LEU D 200 -2.71 25.32 23.00
N ASP D 201 -1.79 26.00 23.70
CA ASP D 201 -0.80 26.81 23.00
C ASP D 201 -0.02 26.02 21.96
N SER D 202 0.44 24.82 22.34
CA SER D 202 1.23 23.99 21.41
C SER D 202 0.49 23.54 20.13
N MET D 203 -0.82 23.74 20.07
CA MET D 203 -1.59 23.36 18.88
C MET D 203 -1.22 24.28 17.71
N HIS D 204 -1.01 25.56 17.99
CA HIS D 204 -0.64 26.53 16.95
C HIS D 204 0.59 26.12 16.14
N ASP D 205 1.64 25.66 16.81
CA ASP D 205 2.87 25.25 16.11
C ASP D 205 2.57 24.05 15.24
N LEU D 206 1.77 23.14 15.77
CA LEU D 206 1.37 21.92 15.06
C LEU D 206 0.52 22.26 13.83
N VAL D 207 -0.56 23.01 14.06
CA VAL D 207 -1.47 23.40 12.98
C VAL D 207 -0.75 24.12 11.85
N SER D 208 0.23 24.96 12.18
CA SER D 208 0.98 25.66 11.16
C SER D 208 1.62 24.63 10.24
N ASP D 209 2.28 23.64 10.82
CA ASP D 209 2.91 22.61 10.00
C ASP D 209 1.89 21.80 9.22
N LEU D 210 0.72 21.57 9.80
CA LEU D 210 -0.30 20.82 9.10
C LEU D 210 -0.78 21.62 7.90
N LEU D 211 -1.11 22.89 8.12
CA LEU D 211 -1.59 23.76 7.05
C LEU D 211 -0.57 23.88 5.91
N GLU D 212 0.71 24.02 6.26
CA GLU D 212 1.75 24.12 5.24
C GLU D 212 1.80 22.87 4.35
N PHE D 213 1.57 21.70 4.95
CA PHE D 213 1.58 20.48 4.15
C PHE D 213 0.37 20.46 3.25
N CYS D 214 -0.74 20.98 3.78
CA CYS D 214 -2.01 21.06 3.06
C CYS D 214 -1.90 22.00 1.87
N PHE D 215 -1.33 23.18 2.11
CA PHE D 215 -1.15 24.17 1.04
C PHE D 215 -0.28 23.60 -0.07
N TYR D 216 0.83 22.99 0.31
CA TYR D 216 1.73 22.41 -0.67
C TYR D 216 1.05 21.35 -1.53
N THR D 217 0.25 20.47 -0.93
CA THR D 217 -0.41 19.44 -1.72
C THR D 217 -1.52 20.03 -2.59
N PHE D 218 -1.99 21.22 -2.23
CA PHE D 218 -3.04 21.88 -2.99
C PHE D 218 -2.49 22.50 -4.26
N ARG D 219 -1.42 23.29 -4.12
CA ARG D 219 -0.78 23.93 -5.26
C ARG D 219 -0.31 22.88 -6.26
N GLU D 220 0.27 21.80 -5.73
CA GLU D 220 0.78 20.70 -6.53
C GLU D 220 -0.25 19.59 -6.70
N SER D 221 -1.52 19.89 -6.43
CA SER D 221 -2.59 18.90 -6.54
C SER D 221 -2.64 18.21 -7.91
N HIS D 222 -2.03 18.84 -8.91
CA HIS D 222 -2.00 18.29 -10.26
C HIS D 222 -1.09 17.06 -10.39
N ALA D 223 0.20 17.26 -10.17
CA ALA D 223 1.18 16.17 -10.26
C ALA D 223 0.93 15.10 -9.19
N LEU D 224 0.82 15.54 -7.94
CA LEU D 224 0.59 14.65 -6.82
C LEU D 224 -0.70 13.83 -7.03
N LYS D 225 -1.64 14.42 -7.78
CA LYS D 225 -2.93 13.77 -8.07
C LYS D 225 -3.76 13.52 -6.81
N VAL D 226 -3.93 14.55 -6.00
CA VAL D 226 -4.69 14.44 -4.74
C VAL D 226 -6.03 15.16 -4.87
N GLU D 227 -7.08 14.54 -4.35
CA GLU D 227 -8.44 15.09 -4.43
C GLU D 227 -8.81 16.02 -3.27
N PHE D 228 -9.55 17.09 -3.58
CA PHE D 228 -10.00 18.07 -2.59
C PHE D 228 -11.47 18.45 -2.76
N PRO D 229 -12.35 17.99 -1.86
CA PRO D 229 -13.76 18.34 -2.01
C PRO D 229 -13.98 19.86 -2.03
N ALA D 230 -15.17 20.25 -2.43
CA ALA D 230 -15.54 21.66 -2.53
C ALA D 230 -15.19 22.51 -1.32
N MET D 231 -15.68 22.12 -0.13
CA MET D 231 -15.41 22.90 1.07
C MET D 231 -13.93 23.08 1.39
N LEU D 232 -13.12 22.10 1.04
CA LEU D 232 -11.69 22.22 1.29
C LEU D 232 -11.13 23.22 0.30
N VAL D 233 -11.53 23.10 -0.97
CA VAL D 233 -11.05 24.04 -1.98
C VAL D 233 -11.43 25.43 -1.53
N GLU D 234 -12.69 25.62 -1.17
CA GLU D 234 -13.18 26.92 -0.73
C GLU D 234 -12.32 27.46 0.42
N ILE D 235 -12.16 26.66 1.47
CA ILE D 235 -11.37 27.06 2.62
C ILE D 235 -9.92 27.36 2.27
N ILE D 236 -9.22 26.35 1.76
CA ILE D 236 -7.82 26.49 1.41
C ILE D 236 -7.49 27.67 0.51
N SER D 237 -8.15 27.79 -0.63
CA SER D 237 -7.87 28.90 -1.51
C SER D 237 -8.26 30.24 -0.89
N ASP D 238 -9.02 30.19 0.19
CA ASP D 238 -9.42 31.42 0.89
C ASP D 238 -8.37 31.75 1.94
N GLN D 239 -7.99 30.76 2.74
CA GLN D 239 -6.98 30.97 3.78
C GLN D 239 -5.58 31.22 3.22
N LEU D 240 -5.08 30.28 2.41
CA LEU D 240 -3.73 30.32 1.82
C LEU D 240 -3.21 31.71 1.45
N PRO D 241 -4.10 32.56 0.97
CA PRO D 241 -3.80 33.93 0.58
C PRO D 241 -3.36 34.65 1.86
N LYS D 242 -4.36 34.90 2.70
CA LYS D 242 -4.21 35.56 3.97
C LYS D 242 -3.24 34.83 4.94
N VAL D 243 -3.19 33.49 4.90
CA VAL D 243 -2.22 32.75 5.72
C VAL D 243 -0.91 32.88 4.96
N GLU D 244 -0.77 33.72 3.96
CA GLU D 244 0.58 33.66 3.45
C GLU D 244 1.29 34.62 4.31
N SER D 245 0.64 35.74 4.58
CA SER D 245 1.23 36.73 5.42
C SER D 245 0.65 36.67 6.83
N GLY D 246 1.14 37.55 7.68
CA GLY D 246 0.72 37.59 9.07
C GLY D 246 -0.59 38.32 9.31
N ASN D 247 -1.64 37.91 8.61
CA ASN D 247 -2.95 38.52 8.76
C ASN D 247 -3.82 37.70 9.69
N ALA D 248 -3.28 36.56 10.12
CA ALA D 248 -3.98 35.67 11.04
C ALA D 248 -3.28 35.79 12.40
N LYS D 249 -3.92 36.45 13.36
CA LYS D 249 -3.33 36.62 14.69
C LYS D 249 -3.70 35.55 15.71
N PRO D 250 -2.76 34.61 15.99
CA PRO D 250 -2.95 33.52 16.95
C PRO D 250 -3.02 34.03 18.39
N LEU D 251 -3.97 33.52 19.16
CA LEU D 251 -4.12 33.93 20.55
C LEU D 251 -3.58 32.84 21.45
N TYR D 252 -2.53 33.15 22.21
CA TYR D 252 -1.91 32.18 23.13
C TYR D 252 -2.29 32.50 24.58
N PHE D 253 -2.07 31.54 25.47
CA PHE D 253 -2.37 31.74 26.88
C PHE D 253 -1.12 32.19 27.62
N HIS D 254 0.05 31.87 27.07
CA HIS D 254 1.32 32.24 27.68
C HIS D 254 2.25 32.94 26.71
N PRO E 10 -16.35 -14.82 -31.87
CA PRO E 10 -15.06 -14.71 -32.59
C PRO E 10 -14.43 -16.07 -32.87
N VAL E 11 -13.92 -16.72 -31.83
CA VAL E 11 -13.30 -18.02 -31.96
C VAL E 11 -14.25 -19.06 -32.56
N MET E 12 -15.47 -19.10 -32.02
CA MET E 12 -16.49 -20.03 -32.48
C MET E 12 -16.82 -19.87 -33.96
N VAL E 13 -16.94 -18.64 -34.43
CA VAL E 13 -17.25 -18.42 -35.84
C VAL E 13 -16.07 -18.85 -36.71
N LEU E 14 -14.85 -18.63 -36.23
CA LEU E 14 -13.67 -19.01 -36.99
C LEU E 14 -13.67 -20.50 -37.29
N GLU E 15 -13.79 -21.33 -36.25
CA GLU E 15 -13.80 -22.77 -36.45
C GLU E 15 -14.98 -23.20 -37.31
N ASN E 16 -16.04 -22.42 -37.28
CA ASN E 16 -17.21 -22.73 -38.08
C ASN E 16 -16.96 -22.43 -39.55
N ILE E 17 -16.35 -21.28 -39.83
CA ILE E 17 -16.10 -20.89 -41.21
C ILE E 17 -14.83 -21.48 -41.83
N GLU E 18 -14.18 -22.40 -41.13
CA GLU E 18 -12.97 -23.03 -41.66
C GLU E 18 -13.36 -23.71 -42.97
N PRO E 19 -12.48 -23.64 -43.99
CA PRO E 19 -12.77 -24.27 -45.30
C PRO E 19 -12.92 -25.77 -45.18
N GLU E 20 -13.57 -26.39 -46.16
CA GLU E 20 -13.77 -27.84 -46.13
C GLU E 20 -12.73 -28.59 -46.97
N ILE E 21 -12.76 -29.93 -46.86
CA ILE E 21 -11.84 -30.79 -47.57
C ILE E 21 -11.78 -30.51 -49.06
N VAL E 22 -10.57 -30.23 -49.55
CA VAL E 22 -10.34 -29.95 -50.96
C VAL E 22 -9.39 -31.01 -51.53
N TYR E 23 -9.73 -31.55 -52.70
CA TYR E 23 -8.89 -32.55 -53.37
C TYR E 23 -8.05 -31.93 -54.48
N ALA E 24 -6.93 -32.58 -54.82
CA ALA E 24 -6.06 -32.09 -55.88
C ALA E 24 -6.44 -32.79 -57.17
N GLY E 25 -7.27 -33.83 -57.04
CA GLY E 25 -7.71 -34.58 -58.19
C GLY E 25 -6.56 -35.35 -58.82
N TYR E 26 -5.76 -36.01 -57.99
CA TYR E 26 -4.64 -36.81 -58.46
C TYR E 26 -5.11 -38.06 -59.20
N ASP E 27 -4.31 -38.51 -60.16
CA ASP E 27 -4.64 -39.70 -60.95
C ASP E 27 -3.52 -40.70 -60.89
N SER E 28 -3.75 -41.83 -60.25
CA SER E 28 -2.71 -42.81 -60.20
C SER E 28 -2.21 -43.53 -61.53
N SER E 29 -2.64 -43.09 -62.75
CA SER E 29 -2.19 -43.66 -64.10
C SER E 29 -0.96 -42.90 -64.57
N LYS E 30 -1.06 -41.64 -64.22
CA LYS E 30 -0.03 -40.74 -64.53
C LYS E 30 1.13 -41.17 -63.80
N PRO E 31 2.22 -40.67 -64.28
CA PRO E 31 3.49 -40.98 -63.66
C PRO E 31 3.79 -39.76 -62.80
N ASP E 32 4.60 -40.07 -61.82
CA ASP E 32 5.05 -39.24 -60.74
C ASP E 32 6.22 -38.25 -60.99
N THR E 33 6.30 -37.66 -62.17
CA THR E 33 7.39 -36.73 -62.46
C THR E 33 7.14 -35.31 -61.95
N ALA E 34 8.19 -34.50 -61.94
CA ALA E 34 8.07 -33.12 -61.47
C ALA E 34 7.03 -32.37 -62.29
N GLU E 35 6.77 -32.86 -63.50
CA GLU E 35 5.80 -32.24 -64.40
C GLU E 35 4.37 -32.30 -63.85
N ASN E 36 3.79 -33.50 -63.88
CA ASN E 36 2.44 -33.74 -63.41
C ASN E 36 2.23 -33.23 -61.98
N LEU E 37 3.18 -33.51 -61.09
CA LEU E 37 3.10 -33.11 -59.70
C LEU E 37 3.05 -31.61 -59.46
N LEU E 38 4.04 -30.89 -59.98
CA LEU E 38 4.08 -29.44 -59.80
C LEU E 38 2.81 -28.78 -60.34
N SER E 39 2.21 -29.40 -61.34
CA SER E 39 0.99 -28.85 -61.90
C SER E 39 -0.18 -29.17 -60.98
N THR E 40 -0.21 -30.41 -60.50
CA THR E 40 -1.26 -30.86 -59.60
C THR E 40 -1.29 -29.96 -58.38
N LEU E 41 -0.10 -29.62 -57.87
CA LEU E 41 -0.02 -28.76 -56.70
C LEU E 41 -0.62 -27.40 -57.02
N ASN E 42 -0.45 -26.96 -58.26
CA ASN E 42 -1.00 -25.67 -58.68
C ASN E 42 -2.52 -25.79 -58.81
N ARG E 43 -3.00 -26.93 -59.30
CA ARG E 43 -4.45 -27.16 -59.43
C ARG E 43 -5.00 -27.03 -58.03
N LEU E 44 -4.38 -27.77 -57.11
CA LEU E 44 -4.78 -27.75 -55.71
C LEU E 44 -4.81 -26.32 -55.17
N ALA E 45 -3.80 -25.52 -55.52
CA ALA E 45 -3.74 -24.14 -55.07
C ALA E 45 -4.95 -23.37 -55.57
N GLY E 46 -5.31 -23.60 -56.83
CA GLY E 46 -6.47 -22.95 -57.39
C GLY E 46 -7.71 -23.28 -56.59
N LYS E 47 -7.98 -24.58 -56.43
CA LYS E 47 -9.13 -25.04 -55.67
C LYS E 47 -9.15 -24.44 -54.26
N GLN E 48 -8.04 -24.53 -53.53
CA GLN E 48 -7.94 -23.97 -52.19
C GLN E 48 -8.24 -22.48 -52.10
N MET E 49 -7.73 -21.69 -53.06
CA MET E 49 -7.95 -20.25 -53.05
C MET E 49 -9.43 -19.91 -53.20
N ILE E 50 -10.22 -20.86 -53.67
CA ILE E 50 -11.66 -20.63 -53.80
C ILE E 50 -12.20 -20.60 -52.35
N GLN E 51 -11.74 -21.54 -51.53
CA GLN E 51 -12.15 -21.60 -50.13
C GLN E 51 -11.59 -20.41 -49.36
N VAL E 52 -10.39 -19.97 -49.71
CA VAL E 52 -9.82 -18.83 -48.98
C VAL E 52 -10.69 -17.59 -49.14
N VAL E 53 -11.12 -17.33 -50.38
CA VAL E 53 -11.97 -16.19 -50.70
C VAL E 53 -13.33 -16.39 -50.00
N LYS E 54 -13.85 -17.61 -50.03
CA LYS E 54 -15.12 -17.91 -49.35
C LYS E 54 -15.00 -17.71 -47.83
N TRP E 55 -13.83 -18.06 -47.29
CA TRP E 55 -13.56 -17.91 -45.87
C TRP E 55 -13.40 -16.44 -45.48
N ALA E 56 -12.62 -15.72 -46.29
CA ALA E 56 -12.36 -14.31 -46.01
C ALA E 56 -13.57 -13.39 -46.02
N LYS E 57 -14.42 -13.52 -47.03
CA LYS E 57 -15.59 -12.65 -47.15
C LYS E 57 -16.58 -12.67 -45.98
N VAL E 58 -16.39 -13.60 -45.05
CA VAL E 58 -17.26 -13.69 -43.88
C VAL E 58 -16.42 -13.70 -42.60
N LEU E 59 -15.16 -13.32 -42.74
CA LEU E 59 -14.25 -13.28 -41.61
C LEU E 59 -14.67 -12.08 -40.77
N PRO E 60 -14.81 -12.26 -39.46
CA PRO E 60 -15.20 -11.14 -38.61
C PRO E 60 -14.19 -9.99 -38.72
N GLY E 61 -14.70 -8.77 -38.90
CA GLY E 61 -13.84 -7.59 -39.02
C GLY E 61 -13.39 -7.32 -40.43
N PHE E 62 -12.60 -8.26 -40.96
CA PHE E 62 -12.04 -8.18 -42.29
C PHE E 62 -13.14 -7.91 -43.32
N LYS E 63 -14.29 -8.54 -43.14
CA LYS E 63 -15.39 -8.40 -44.08
C LYS E 63 -16.04 -7.01 -44.18
N ASN E 64 -15.71 -6.13 -43.25
CA ASN E 64 -16.26 -4.78 -43.29
C ASN E 64 -15.32 -3.82 -44.01
N LEU E 65 -14.06 -4.22 -44.16
CA LEU E 65 -13.08 -3.36 -44.83
C LEU E 65 -13.43 -3.13 -46.30
N PRO E 66 -12.74 -2.18 -46.94
CA PRO E 66 -13.05 -1.93 -48.34
C PRO E 66 -12.54 -3.02 -49.30
N LEU E 67 -13.45 -3.47 -50.17
CA LEU E 67 -13.20 -4.51 -51.17
C LEU E 67 -11.79 -4.48 -51.76
N GLU E 68 -11.32 -3.31 -52.16
CA GLU E 68 -9.99 -3.21 -52.74
C GLU E 68 -8.95 -3.69 -51.74
N ASP E 69 -9.10 -3.26 -50.49
CA ASP E 69 -8.15 -3.68 -49.47
C ASP E 69 -8.26 -5.18 -49.19
N GLN E 70 -9.48 -5.72 -49.23
CA GLN E 70 -9.64 -7.16 -49.01
C GLN E 70 -8.88 -7.92 -50.10
N ILE E 71 -9.12 -7.55 -51.35
CA ILE E 71 -8.46 -8.20 -52.47
C ILE E 71 -6.94 -8.03 -52.33
N THR E 72 -6.52 -6.82 -52.00
CA THR E 72 -5.10 -6.54 -51.83
C THR E 72 -4.48 -7.45 -50.75
N LEU E 73 -5.11 -7.53 -49.59
CA LEU E 73 -4.58 -8.37 -48.52
C LEU E 73 -4.56 -9.86 -48.91
N ILE E 74 -5.55 -10.30 -49.69
CA ILE E 74 -5.62 -11.71 -50.10
C ILE E 74 -4.41 -12.06 -50.99
N GLN E 75 -4.11 -11.18 -51.96
CA GLN E 75 -3.02 -11.41 -52.89
C GLN E 75 -1.61 -11.36 -52.31
N TYR E 76 -1.38 -10.55 -51.28
CA TYR E 76 -0.05 -10.50 -50.70
C TYR E 76 0.24 -11.75 -49.85
N SER E 77 -0.75 -12.23 -49.11
CA SER E 77 -0.55 -13.38 -48.23
C SER E 77 -1.15 -14.73 -48.60
N TRP E 78 -1.50 -14.94 -49.87
CA TRP E 78 -2.07 -16.23 -50.26
C TRP E 78 -1.10 -17.36 -49.94
N MET E 79 0.20 -17.04 -49.90
CA MET E 79 1.22 -18.05 -49.58
C MET E 79 1.38 -18.24 -48.08
N CYS E 80 1.20 -17.19 -47.30
CA CYS E 80 1.32 -17.31 -45.85
C CYS E 80 0.15 -18.17 -45.36
N LEU E 81 -0.99 -18.07 -46.06
CA LEU E 81 -2.19 -18.80 -45.69
C LEU E 81 -2.17 -20.27 -46.09
N LEU E 82 -1.93 -20.55 -47.37
CA LEU E 82 -1.93 -21.93 -47.84
C LEU E 82 -0.75 -22.76 -47.35
N SER E 83 0.34 -22.11 -46.96
CA SER E 83 1.51 -22.82 -46.46
C SER E 83 1.28 -23.15 -44.99
N PHE E 84 0.74 -22.17 -44.26
CA PHE E 84 0.43 -22.36 -42.85
C PHE E 84 -0.60 -23.49 -42.75
N ALA E 85 -1.55 -23.53 -43.67
CA ALA E 85 -2.57 -24.56 -43.65
C ALA E 85 -1.95 -25.94 -43.89
N LEU E 86 -1.05 -26.04 -44.87
CA LEU E 86 -0.41 -27.32 -45.15
C LEU E 86 0.26 -27.81 -43.87
N SER E 87 1.01 -26.92 -43.24
CA SER E 87 1.68 -27.25 -42.00
C SER E 87 0.70 -27.82 -40.98
N TRP E 88 -0.46 -27.17 -40.84
CA TRP E 88 -1.49 -27.61 -39.91
C TRP E 88 -2.04 -28.99 -40.26
N ARG E 89 -2.43 -29.20 -41.51
CA ARG E 89 -2.96 -30.49 -41.94
C ARG E 89 -1.92 -31.59 -41.75
N SER E 90 -0.66 -31.25 -42.01
CA SER E 90 0.42 -32.22 -41.87
C SER E 90 0.57 -32.62 -40.40
N TYR E 91 0.33 -31.69 -39.50
CA TYR E 91 0.43 -31.92 -38.06
C TYR E 91 -0.78 -32.68 -37.48
N LYS E 92 -1.96 -32.51 -38.07
CA LYS E 92 -3.16 -33.18 -37.58
C LYS E 92 -3.35 -34.60 -38.14
N HIS E 93 -3.38 -34.72 -39.46
CA HIS E 93 -3.57 -36.02 -40.08
C HIS E 93 -2.40 -37.00 -39.94
N THR E 94 -1.18 -36.49 -39.92
CA THR E 94 -0.01 -37.36 -39.80
C THR E 94 1.03 -36.88 -38.80
N ASN E 95 0.57 -36.18 -37.77
CA ASN E 95 1.44 -35.65 -36.72
C ASN E 95 2.76 -35.06 -37.22
N SER E 96 2.75 -34.51 -38.42
CA SER E 96 3.92 -33.87 -39.03
C SER E 96 5.03 -34.81 -39.48
N GLN E 97 4.69 -36.04 -39.83
CA GLN E 97 5.69 -36.98 -40.27
C GLN E 97 5.88 -36.88 -41.77
N PHE E 98 4.89 -36.26 -42.42
CA PHE E 98 4.92 -36.08 -43.87
C PHE E 98 4.33 -34.71 -44.20
N LEU E 99 3.81 -34.55 -45.42
CA LEU E 99 3.20 -33.30 -45.86
C LEU E 99 1.86 -33.62 -46.50
N TYR E 100 0.79 -33.44 -45.73
CA TYR E 100 -0.58 -33.71 -46.16
C TYR E 100 -1.16 -32.56 -46.98
N PHE E 101 -1.01 -32.62 -48.30
CA PHE E 101 -1.55 -31.57 -49.15
C PHE E 101 -3.04 -31.75 -49.32
N ALA E 102 -3.46 -32.99 -49.57
CA ALA E 102 -4.86 -33.29 -49.76
C ALA E 102 -5.12 -34.77 -49.44
N PRO E 103 -6.40 -35.13 -49.21
CA PRO E 103 -6.75 -36.52 -48.91
C PRO E 103 -6.25 -37.47 -50.00
N ASP E 104 -6.11 -36.97 -51.23
CA ASP E 104 -5.64 -37.79 -52.34
C ASP E 104 -4.20 -37.47 -52.75
N LEU E 105 -3.42 -36.94 -51.81
CA LEU E 105 -2.02 -36.60 -52.07
C LEU E 105 -1.22 -36.30 -50.79
N VAL E 106 -0.61 -37.33 -50.22
CA VAL E 106 0.19 -37.16 -49.02
C VAL E 106 1.64 -37.28 -49.44
N PHE E 107 2.38 -36.17 -49.36
CA PHE E 107 3.77 -36.14 -49.77
C PHE E 107 4.76 -36.88 -48.89
N ASN E 108 5.43 -37.86 -49.52
CA ASN E 108 6.43 -38.68 -48.86
C ASN E 108 7.80 -38.27 -49.38
N GLU E 109 8.86 -38.57 -48.64
CA GLU E 109 10.20 -38.21 -49.08
C GLU E 109 10.44 -38.85 -50.44
N GLU E 110 9.57 -39.80 -50.79
CA GLU E 110 9.64 -40.50 -52.06
C GLU E 110 9.33 -39.53 -53.20
N LYS E 111 8.08 -39.07 -53.27
CA LYS E 111 7.68 -38.14 -54.31
C LYS E 111 8.13 -36.72 -54.00
N MET E 112 8.60 -36.51 -52.77
CA MET E 112 9.09 -35.19 -52.36
C MET E 112 10.41 -34.96 -53.10
N HIS E 113 10.96 -36.05 -53.61
CA HIS E 113 12.20 -36.03 -54.38
C HIS E 113 11.87 -36.21 -55.87
N GLN E 114 10.60 -36.47 -56.16
CA GLN E 114 10.16 -36.66 -57.55
C GLN E 114 9.52 -35.38 -58.08
N SER E 115 9.05 -34.54 -57.15
CA SER E 115 8.43 -33.27 -57.51
C SER E 115 9.51 -32.22 -57.72
N ALA E 116 10.77 -32.64 -57.61
CA ALA E 116 11.92 -31.76 -57.78
C ALA E 116 11.85 -30.61 -56.79
N MET E 117 11.01 -30.74 -55.78
CA MET E 117 10.85 -29.68 -54.79
C MET E 117 11.53 -29.97 -53.45
N TYR E 118 12.47 -30.90 -53.41
CA TYR E 118 13.13 -31.19 -52.16
C TYR E 118 13.91 -29.94 -51.72
N GLU E 119 14.24 -29.87 -50.44
CA GLU E 119 14.95 -28.73 -49.88
C GLU E 119 14.04 -27.52 -49.99
N LEU E 120 12.76 -27.77 -50.13
CA LEU E 120 11.77 -26.71 -50.22
C LEU E 120 10.56 -27.19 -49.43
N CYS E 121 10.20 -28.46 -49.62
CA CYS E 121 9.09 -29.07 -48.91
C CYS E 121 9.51 -29.17 -47.44
N GLN E 122 10.84 -29.19 -47.23
CA GLN E 122 11.43 -29.28 -45.90
C GLN E 122 11.11 -28.05 -45.06
N GLY E 123 11.04 -26.90 -45.71
CA GLY E 123 10.74 -25.67 -44.99
C GLY E 123 9.42 -25.78 -44.25
N MET E 124 8.37 -26.15 -44.97
CA MET E 124 7.06 -26.28 -44.36
C MET E 124 7.05 -27.43 -43.35
N HIS E 125 7.72 -28.53 -43.69
CA HIS E 125 7.77 -29.67 -42.78
C HIS E 125 8.41 -29.26 -41.46
N GLN E 126 9.35 -28.31 -41.53
CA GLN E 126 10.01 -27.79 -40.33
C GLN E 126 8.97 -27.04 -39.51
N ILE E 127 8.02 -26.43 -40.22
CA ILE E 127 6.96 -25.66 -39.59
C ILE E 127 5.99 -26.59 -38.86
N SER E 128 5.60 -27.68 -39.53
CA SER E 128 4.68 -28.64 -38.93
C SER E 128 5.31 -29.23 -37.68
N LEU E 129 6.64 -29.29 -37.66
CA LEU E 129 7.36 -29.84 -36.51
C LEU E 129 7.23 -28.90 -35.31
N GLN E 130 7.24 -27.60 -35.57
CA GLN E 130 7.09 -26.61 -34.52
C GLN E 130 5.74 -26.80 -33.81
N PHE E 131 4.71 -27.04 -34.62
CA PHE E 131 3.37 -27.23 -34.09
C PHE E 131 3.35 -28.41 -33.13
N VAL E 132 4.10 -29.46 -33.48
CA VAL E 132 4.18 -30.66 -32.66
C VAL E 132 4.90 -30.37 -31.35
N ARG E 133 5.91 -29.51 -31.41
CA ARG E 133 6.70 -29.18 -30.23
C ARG E 133 6.00 -28.18 -29.32
N LEU E 134 5.23 -27.28 -29.91
CA LEU E 134 4.52 -26.28 -29.11
C LEU E 134 3.13 -26.77 -28.75
N GLN E 135 2.74 -27.90 -29.32
CA GLN E 135 1.43 -28.47 -29.08
C GLN E 135 0.44 -27.35 -29.40
N LEU E 136 0.39 -26.98 -30.67
CA LEU E 136 -0.49 -25.89 -31.12
C LEU E 136 -1.96 -26.26 -31.15
N THR E 137 -2.79 -25.43 -30.50
CA THR E 137 -4.23 -25.64 -30.45
C THR E 137 -4.91 -25.02 -31.67
N PHE E 138 -5.98 -25.66 -32.11
CA PHE E 138 -6.74 -25.21 -33.27
C PHE E 138 -7.20 -23.76 -33.06
N GLU E 139 -7.40 -23.38 -31.80
CA GLU E 139 -7.84 -22.01 -31.47
C GLU E 139 -6.71 -21.01 -31.72
N GLU E 140 -5.48 -21.47 -31.54
CA GLU E 140 -4.33 -20.63 -31.78
C GLU E 140 -4.11 -20.58 -33.29
N TYR E 141 -4.28 -21.70 -33.95
CA TYR E 141 -4.11 -21.82 -35.41
C TYR E 141 -5.05 -20.94 -36.23
N THR E 142 -6.29 -20.79 -35.76
CA THR E 142 -7.27 -20.00 -36.49
C THR E 142 -7.11 -18.49 -36.33
N ILE E 143 -6.62 -18.05 -35.18
CA ILE E 143 -6.44 -16.62 -34.95
C ILE E 143 -5.10 -16.19 -35.57
N MET E 144 -4.15 -17.11 -35.60
CA MET E 144 -2.85 -16.84 -36.18
C MET E 144 -3.00 -16.69 -37.68
N LYS E 145 -3.84 -17.54 -38.27
CA LYS E 145 -4.08 -17.51 -39.70
C LYS E 145 -4.63 -16.14 -40.11
N VAL E 146 -5.55 -15.61 -39.29
CA VAL E 146 -6.14 -14.30 -39.57
C VAL E 146 -5.02 -13.26 -39.62
N LEU E 147 -4.11 -13.34 -38.66
CA LEU E 147 -2.98 -12.41 -38.58
C LEU E 147 -2.12 -12.50 -39.82
N LEU E 148 -1.91 -13.71 -40.32
CA LEU E 148 -1.11 -13.88 -41.54
C LEU E 148 -1.80 -13.17 -42.71
N LEU E 149 -3.14 -13.12 -42.68
CA LEU E 149 -3.89 -12.46 -43.75
C LEU E 149 -3.61 -10.95 -43.63
N LEU E 150 -3.17 -10.55 -42.45
CA LEU E 150 -2.88 -9.16 -42.19
C LEU E 150 -1.38 -8.97 -42.03
N SER E 151 -0.62 -9.88 -42.62
CA SER E 151 0.83 -9.84 -42.55
C SER E 151 1.48 -8.74 -43.39
N THR E 152 1.22 -8.77 -44.69
CA THR E 152 1.79 -7.81 -45.64
C THR E 152 0.84 -6.73 -46.12
N ILE E 153 1.38 -5.58 -46.48
CA ILE E 153 0.57 -4.48 -46.97
C ILE E 153 1.41 -3.68 -47.96
N PRO E 154 0.77 -2.80 -48.74
CA PRO E 154 1.49 -1.98 -49.72
C PRO E 154 2.37 -0.96 -49.01
N LYS E 155 3.55 -0.69 -49.54
CA LYS E 155 4.44 0.29 -48.91
C LYS E 155 3.65 1.60 -48.86
N ASP E 156 2.76 1.77 -49.82
CA ASP E 156 1.92 2.96 -49.93
C ASP E 156 0.74 2.97 -48.96
N GLY E 157 0.24 1.79 -48.59
CA GLY E 157 -0.87 1.74 -47.66
C GLY E 157 -2.16 1.27 -48.31
N LEU E 158 -3.22 1.18 -47.51
CA LEU E 158 -4.51 0.70 -47.98
C LEU E 158 -5.52 1.85 -48.05
N LYS E 159 -6.56 1.67 -48.86
CA LYS E 159 -7.59 2.68 -49.02
C LYS E 159 -8.28 2.99 -47.68
N SER E 160 -7.95 2.21 -46.66
CA SER E 160 -8.52 2.39 -45.33
C SER E 160 -7.56 1.87 -44.28
N GLN E 161 -6.35 2.44 -44.29
CA GLN E 161 -5.28 2.07 -43.37
C GLN E 161 -5.62 2.00 -41.88
N ALA E 162 -6.36 3.00 -41.38
CA ALA E 162 -6.71 3.02 -39.97
C ALA E 162 -7.74 1.94 -39.63
N ALA E 163 -8.73 1.77 -40.50
CA ALA E 163 -9.76 0.75 -40.29
C ALA E 163 -9.03 -0.59 -40.15
N PHE E 164 -8.00 -0.76 -40.96
CA PHE E 164 -7.16 -1.96 -40.95
C PHE E 164 -6.41 -2.06 -39.63
N GLU E 165 -5.64 -1.02 -39.30
CA GLU E 165 -4.86 -1.00 -38.06
C GLU E 165 -5.66 -1.45 -36.84
N GLU E 166 -6.86 -0.89 -36.67
CA GLU E 166 -7.72 -1.24 -35.54
C GLU E 166 -8.08 -2.72 -35.63
N MET E 167 -8.53 -3.13 -36.82
CA MET E 167 -8.92 -4.50 -37.09
C MET E 167 -7.83 -5.50 -36.68
N ARG E 168 -6.60 -5.27 -37.13
CA ARG E 168 -5.50 -6.17 -36.82
C ARG E 168 -5.22 -6.24 -35.33
N THR E 169 -5.12 -5.09 -34.68
CA THR E 169 -4.84 -5.05 -33.25
C THR E 169 -5.87 -5.84 -32.46
N ASN E 170 -7.14 -5.77 -32.85
CA ASN E 170 -8.19 -6.50 -32.16
C ASN E 170 -7.97 -8.00 -32.28
N TYR E 171 -7.39 -8.41 -33.41
CA TYR E 171 -7.12 -9.82 -33.63
C TYR E 171 -5.88 -10.20 -32.87
N ILE E 172 -5.08 -9.18 -32.56
CA ILE E 172 -3.85 -9.37 -31.80
C ILE E 172 -4.21 -9.62 -30.35
N LYS E 173 -5.06 -8.74 -29.81
CA LYS E 173 -5.52 -8.85 -28.44
C LYS E 173 -6.33 -10.14 -28.23
N GLU E 174 -6.89 -10.66 -29.32
CA GLU E 174 -7.67 -11.88 -29.28
C GLU E 174 -6.72 -13.04 -29.05
N LEU E 175 -5.58 -13.03 -29.75
CA LEU E 175 -4.58 -14.08 -29.62
C LEU E 175 -3.88 -13.99 -28.28
N ARG E 176 -3.65 -12.77 -27.82
CA ARG E 176 -2.96 -12.56 -26.54
C ARG E 176 -3.76 -13.19 -25.41
N LYS E 177 -5.07 -12.95 -25.41
CA LYS E 177 -5.96 -13.50 -24.38
C LYS E 177 -5.94 -15.03 -24.41
N MET E 178 -6.12 -15.59 -25.60
CA MET E 178 -6.11 -17.05 -25.78
C MET E 178 -4.83 -17.68 -25.24
N VAL E 179 -3.68 -17.20 -25.70
CA VAL E 179 -2.41 -17.74 -25.25
C VAL E 179 -2.34 -17.78 -23.73
N GLN E 191 4.06 -14.42 -22.31
CA GLN E 191 5.09 -15.44 -22.28
C GLN E 191 5.05 -16.31 -23.54
N ARG E 192 4.00 -17.11 -23.69
CA ARG E 192 3.83 -17.98 -24.85
C ARG E 192 3.37 -17.15 -26.05
N PHE E 193 2.83 -15.97 -25.75
CA PHE E 193 2.35 -15.05 -26.77
C PHE E 193 3.56 -14.56 -27.57
N TYR E 194 4.75 -14.86 -27.03
CA TYR E 194 6.00 -14.47 -27.67
C TYR E 194 6.41 -15.57 -28.66
N GLN E 195 6.37 -16.82 -28.21
CA GLN E 195 6.73 -17.96 -29.06
C GLN E 195 5.77 -18.15 -30.24
N LEU E 196 4.67 -17.41 -30.24
CA LEU E 196 3.69 -17.50 -31.30
C LEU E 196 3.84 -16.32 -32.25
N THR E 197 3.99 -15.13 -31.69
CA THR E 197 4.15 -13.92 -32.47
C THR E 197 5.48 -14.04 -33.21
N LYS E 198 6.32 -14.95 -32.72
CA LYS E 198 7.63 -15.19 -33.33
C LYS E 198 7.48 -16.24 -34.42
N LEU E 199 6.54 -17.17 -34.24
CA LEU E 199 6.32 -18.21 -35.22
C LEU E 199 5.78 -17.52 -36.48
N LEU E 200 5.01 -16.45 -36.26
CA LEU E 200 4.43 -15.69 -37.36
C LEU E 200 5.51 -14.94 -38.13
N ASP E 201 6.48 -14.39 -37.40
CA ASP E 201 7.60 -13.65 -38.02
C ASP E 201 8.37 -14.58 -38.97
N SER E 202 8.68 -15.78 -38.49
CA SER E 202 9.44 -16.77 -39.25
C SER E 202 8.77 -17.28 -40.52
N MET E 203 7.53 -16.87 -40.75
CA MET E 203 6.78 -17.29 -41.94
C MET E 203 7.13 -16.40 -43.14
N HIS E 204 7.24 -15.09 -42.88
CA HIS E 204 7.58 -14.15 -43.93
C HIS E 204 8.85 -14.60 -44.67
N ASP E 205 9.69 -15.35 -43.97
CA ASP E 205 10.93 -15.83 -44.54
C ASP E 205 10.68 -16.98 -45.52
N LEU E 206 10.06 -18.05 -45.02
CA LEU E 206 9.77 -19.22 -45.86
C LEU E 206 8.76 -18.95 -46.97
N VAL E 207 7.84 -18.02 -46.74
CA VAL E 207 6.85 -17.68 -47.76
C VAL E 207 7.62 -17.07 -48.93
N SER E 208 8.56 -16.17 -48.62
CA SER E 208 9.37 -15.51 -49.63
C SER E 208 10.11 -16.54 -50.48
N ASP E 209 10.73 -17.50 -49.82
CA ASP E 209 11.46 -18.54 -50.54
C ASP E 209 10.50 -19.28 -51.46
N LEU E 210 9.27 -19.52 -50.97
CA LEU E 210 8.26 -20.22 -51.75
C LEU E 210 7.85 -19.46 -52.99
N LEU E 211 7.59 -18.17 -52.83
CA LEU E 211 7.18 -17.32 -53.94
C LEU E 211 8.22 -17.33 -55.06
N GLU E 212 9.48 -17.29 -54.69
CA GLU E 212 10.55 -17.28 -55.69
C GLU E 212 10.53 -18.54 -56.54
N PHE E 213 10.20 -19.67 -55.93
CA PHE E 213 10.13 -20.91 -56.69
C PHE E 213 8.94 -20.77 -57.62
N CYS E 214 7.85 -20.23 -57.08
CA CYS E 214 6.64 -20.04 -57.85
C CYS E 214 6.93 -19.15 -59.05
N PHE E 215 7.34 -17.92 -58.76
CA PHE E 215 7.67 -16.94 -59.80
C PHE E 215 8.65 -17.50 -60.82
N TYR E 216 9.61 -18.30 -60.36
CA TYR E 216 10.60 -18.89 -61.24
C TYR E 216 9.99 -19.92 -62.20
N THR E 217 9.04 -20.72 -61.72
CA THR E 217 8.41 -21.74 -62.56
C THR E 217 7.27 -21.14 -63.39
N PHE E 218 6.76 -20.00 -62.93
CA PHE E 218 5.67 -19.33 -63.64
C PHE E 218 6.20 -18.76 -64.95
N ARG E 219 7.42 -18.24 -64.92
CA ARG E 219 8.01 -17.67 -66.12
C ARG E 219 8.49 -18.81 -67.02
N GLU E 220 9.06 -19.83 -66.42
CA GLU E 220 9.54 -20.99 -67.16
C GLU E 220 8.41 -22.01 -67.36
N SER E 221 7.19 -21.58 -67.06
CA SER E 221 6.01 -22.44 -67.20
C SER E 221 5.98 -23.12 -68.57
N HIS E 222 6.10 -22.32 -69.62
CA HIS E 222 6.10 -22.83 -70.98
C HIS E 222 7.14 -23.93 -71.18
N ALA E 223 8.29 -23.75 -70.51
CA ALA E 223 9.41 -24.70 -70.61
C ALA E 223 9.24 -25.94 -69.71
N LEU E 224 8.86 -25.73 -68.47
CA LEU E 224 8.65 -26.85 -67.55
C LEU E 224 7.29 -27.51 -67.77
N LYS E 225 6.57 -27.03 -68.77
CA LYS E 225 5.25 -27.57 -69.10
C LYS E 225 4.33 -27.67 -67.87
N VAL E 226 4.44 -26.70 -66.97
CA VAL E 226 3.62 -26.64 -65.76
C VAL E 226 2.45 -25.70 -65.98
N GLU E 227 1.25 -26.16 -65.65
CA GLU E 227 0.03 -25.38 -65.84
C GLU E 227 -0.39 -24.61 -64.58
N PHE E 228 -0.94 -23.42 -64.79
CA PHE E 228 -1.40 -22.57 -63.71
C PHE E 228 -2.85 -22.19 -63.88
N PRO E 229 -3.65 -22.30 -62.82
CA PRO E 229 -5.07 -21.95 -62.88
C PRO E 229 -5.18 -20.45 -63.09
N ALA E 230 -6.36 -20.00 -63.49
CA ALA E 230 -6.59 -18.59 -63.73
C ALA E 230 -6.31 -17.73 -62.50
N MET E 231 -6.86 -18.12 -61.36
CA MET E 231 -6.65 -17.35 -60.13
C MET E 231 -5.16 -17.22 -59.78
N LEU E 232 -4.40 -18.29 -60.04
CA LEU E 232 -2.98 -18.26 -59.74
C LEU E 232 -2.27 -17.35 -60.73
N VAL E 233 -2.69 -17.43 -61.99
CA VAL E 233 -2.12 -16.59 -63.04
C VAL E 233 -2.35 -15.14 -62.64
N GLU E 234 -3.60 -14.83 -62.28
CA GLU E 234 -3.98 -13.50 -61.84
C GLU E 234 -3.15 -13.00 -60.66
N ILE E 235 -3.10 -13.78 -59.58
CA ILE E 235 -2.33 -13.42 -58.39
C ILE E 235 -0.85 -13.16 -58.64
N ILE E 236 -0.20 -14.07 -59.35
CA ILE E 236 1.23 -13.97 -59.64
C ILE E 236 1.60 -12.83 -60.58
N SER E 237 0.90 -12.72 -61.70
CA SER E 237 1.21 -11.67 -62.66
C SER E 237 0.97 -10.30 -62.06
N ASP E 238 0.37 -10.26 -60.87
CA ASP E 238 0.12 -9.00 -60.18
C ASP E 238 1.11 -8.86 -59.02
N GLN E 239 1.35 -9.97 -58.34
CA GLN E 239 2.27 -10.03 -57.21
C GLN E 239 3.71 -10.05 -57.70
N LEU E 240 3.90 -10.30 -58.98
CA LEU E 240 5.23 -10.34 -59.59
C LEU E 240 5.78 -8.94 -59.85
N PRO E 241 5.12 -8.16 -60.72
CA PRO E 241 5.65 -6.82 -60.96
C PRO E 241 5.79 -6.05 -59.66
N LYS E 242 4.72 -6.06 -58.87
CA LYS E 242 4.71 -5.34 -57.60
C LYS E 242 5.92 -5.65 -56.73
N VAL E 243 5.87 -6.79 -56.03
CA VAL E 243 6.93 -7.20 -55.12
C VAL E 243 8.30 -7.44 -55.76
N GLU E 244 8.40 -7.25 -57.08
CA GLU E 244 9.69 -7.44 -57.73
C GLU E 244 10.62 -6.34 -57.21
N SER E 245 10.09 -5.12 -57.19
CA SER E 245 10.82 -3.95 -56.72
C SER E 245 11.04 -4.03 -55.21
N GLY E 246 9.95 -4.15 -54.46
CA GLY E 246 10.02 -4.23 -53.02
C GLY E 246 9.10 -3.22 -52.39
N ASN E 247 7.84 -3.21 -52.83
CA ASN E 247 6.85 -2.29 -52.30
C ASN E 247 5.96 -3.00 -51.30
N ALA E 248 6.12 -4.32 -51.22
CA ALA E 248 5.37 -5.13 -50.29
C ALA E 248 6.05 -4.94 -48.93
N LYS E 249 5.27 -4.56 -47.93
CA LYS E 249 5.83 -4.33 -46.60
C LYS E 249 5.39 -5.35 -45.55
N PRO E 250 6.22 -6.38 -45.29
CA PRO E 250 5.87 -7.40 -44.30
C PRO E 250 5.87 -6.82 -42.87
N LEU E 251 4.70 -6.80 -42.24
CA LEU E 251 4.57 -6.28 -40.88
C LEU E 251 5.14 -7.26 -39.87
N TYR E 252 5.90 -6.74 -38.90
CA TYR E 252 6.54 -7.56 -37.87
C TYR E 252 6.08 -7.17 -36.46
N PHE E 253 6.12 -8.14 -35.54
CA PHE E 253 5.73 -7.91 -34.16
C PHE E 253 6.86 -7.35 -33.32
N HIS E 254 8.09 -7.61 -33.77
CA HIS E 254 9.27 -7.14 -33.06
C HIS E 254 10.24 -6.46 -34.03
N PRO F 10 49.04 -3.58 -20.98
CA PRO F 10 47.59 -3.31 -21.13
C PRO F 10 46.72 -4.46 -20.65
N VAL F 11 47.12 -5.68 -21.02
CA VAL F 11 46.37 -6.86 -20.63
C VAL F 11 46.39 -7.07 -19.12
N MET F 12 47.50 -6.71 -18.48
CA MET F 12 47.64 -6.88 -17.05
C MET F 12 46.66 -6.03 -16.26
N VAL F 13 46.54 -4.73 -16.59
CA VAL F 13 45.57 -3.90 -15.88
C VAL F 13 44.16 -4.42 -16.11
N LEU F 14 43.89 -4.95 -17.31
CA LEU F 14 42.56 -5.49 -17.62
C LEU F 14 42.27 -6.64 -16.68
N GLU F 15 43.20 -7.58 -16.56
CA GLU F 15 43.01 -8.71 -15.67
C GLU F 15 42.80 -8.20 -14.25
N ASN F 16 43.49 -7.12 -13.92
CA ASN F 16 43.40 -6.53 -12.59
C ASN F 16 42.06 -5.86 -12.28
N ILE F 17 41.46 -5.23 -13.28
CA ILE F 17 40.22 -4.52 -13.05
C ILE F 17 38.91 -5.30 -13.23
N GLU F 18 39.02 -6.60 -13.48
CA GLU F 18 37.82 -7.42 -13.62
C GLU F 18 37.02 -7.33 -12.30
N PRO F 19 35.78 -6.84 -12.34
CA PRO F 19 35.01 -6.75 -11.09
C PRO F 19 35.02 -8.04 -10.28
N GLU F 20 34.68 -7.94 -9.00
CA GLU F 20 34.68 -9.11 -8.16
C GLU F 20 33.31 -9.81 -8.10
N ILE F 21 33.26 -10.92 -7.35
CA ILE F 21 32.06 -11.72 -7.19
C ILE F 21 30.81 -10.92 -6.83
N VAL F 22 29.73 -11.14 -7.57
CA VAL F 22 28.47 -10.43 -7.32
C VAL F 22 27.30 -11.38 -7.05
N TYR F 23 26.68 -11.24 -5.88
CA TYR F 23 25.56 -12.10 -5.52
C TYR F 23 24.25 -11.62 -6.14
N ALA F 24 23.44 -12.60 -6.55
CA ALA F 24 22.15 -12.32 -7.18
C ALA F 24 21.10 -12.02 -6.12
N GLY F 25 21.28 -12.60 -4.93
CA GLY F 25 20.33 -12.40 -3.86
C GLY F 25 19.15 -13.33 -4.06
N TYR F 26 19.38 -14.44 -4.76
CA TYR F 26 18.33 -15.41 -5.03
C TYR F 26 17.82 -16.04 -3.73
N ASP F 27 16.86 -15.38 -3.09
CA ASP F 27 16.28 -15.86 -1.83
C ASP F 27 15.51 -17.15 -2.09
N SER F 28 16.21 -18.28 -2.05
CA SER F 28 15.61 -19.60 -2.28
C SER F 28 14.98 -20.16 -1.00
N ASP F 32 8.59 -18.78 -5.25
CA ASP F 32 9.49 -18.43 -6.33
C ASP F 32 9.01 -18.97 -7.67
N THR F 33 8.41 -18.10 -8.47
CA THR F 33 7.88 -18.47 -9.79
C THR F 33 8.68 -17.84 -10.94
N ALA F 34 8.05 -17.72 -12.12
CA ALA F 34 8.70 -17.14 -13.29
C ALA F 34 8.91 -15.63 -13.12
N GLU F 35 7.96 -14.96 -12.48
CA GLU F 35 8.07 -13.52 -12.24
C GLU F 35 9.27 -13.25 -11.35
N ASN F 36 9.42 -14.09 -10.32
CA ASN F 36 10.50 -13.94 -9.36
C ASN F 36 11.90 -14.17 -9.92
N LEU F 37 12.08 -15.19 -10.75
CA LEU F 37 13.39 -15.47 -11.33
C LEU F 37 13.87 -14.33 -12.24
N LEU F 38 12.97 -13.81 -13.06
CA LEU F 38 13.34 -12.72 -13.97
C LEU F 38 13.68 -11.46 -13.18
N SER F 39 13.00 -11.25 -12.05
CA SER F 39 13.28 -10.10 -11.21
C SER F 39 14.66 -10.27 -10.61
N THR F 40 15.01 -11.51 -10.31
CA THR F 40 16.31 -11.82 -9.74
C THR F 40 17.39 -11.50 -10.77
N LEU F 41 17.14 -11.88 -12.01
CA LEU F 41 18.08 -11.63 -13.10
C LEU F 41 18.29 -10.13 -13.29
N ASN F 42 17.20 -9.36 -13.15
CA ASN F 42 17.26 -7.92 -13.30
C ASN F 42 17.99 -7.23 -12.14
N ARG F 43 17.73 -7.70 -10.91
CA ARG F 43 18.42 -7.12 -9.76
C ARG F 43 19.90 -7.42 -9.95
N LEU F 44 20.20 -8.69 -10.22
CA LEU F 44 21.57 -9.08 -10.45
C LEU F 44 22.16 -8.13 -11.49
N ALA F 45 21.43 -7.94 -12.60
CA ALA F 45 21.86 -7.07 -13.68
C ALA F 45 22.19 -5.64 -13.21
N GLY F 46 21.30 -5.08 -12.39
CA GLY F 46 21.53 -3.72 -11.89
C GLY F 46 22.83 -3.64 -11.10
N LYS F 47 23.06 -4.65 -10.27
CA LYS F 47 24.27 -4.71 -9.46
C LYS F 47 25.51 -4.94 -10.30
N GLN F 48 25.38 -5.60 -11.44
CA GLN F 48 26.56 -5.82 -12.26
C GLN F 48 26.92 -4.56 -13.04
N MET F 49 25.92 -3.73 -13.31
CA MET F 49 26.19 -2.50 -14.06
C MET F 49 27.01 -1.50 -13.25
N ILE F 50 26.88 -1.56 -11.92
CA ILE F 50 27.66 -0.68 -11.06
C ILE F 50 29.11 -1.13 -11.26
N GLN F 51 29.30 -2.42 -11.39
CA GLN F 51 30.64 -2.94 -11.63
C GLN F 51 31.14 -2.50 -13.01
N VAL F 52 30.24 -2.47 -13.99
CA VAL F 52 30.65 -2.08 -15.34
C VAL F 52 31.11 -0.61 -15.41
N VAL F 53 30.43 0.27 -14.65
CA VAL F 53 30.78 1.68 -14.65
C VAL F 53 32.16 1.88 -14.01
N LYS F 54 32.35 1.29 -12.84
CA LYS F 54 33.62 1.37 -12.12
C LYS F 54 34.72 0.83 -13.03
N TRP F 55 34.43 -0.30 -13.68
CA TRP F 55 35.37 -0.94 -14.60
C TRP F 55 35.77 0.00 -15.73
N ALA F 56 34.77 0.65 -16.34
CA ALA F 56 35.03 1.56 -17.45
C ALA F 56 35.89 2.75 -17.05
N LYS F 57 35.67 3.27 -15.84
CA LYS F 57 36.45 4.40 -15.37
C LYS F 57 37.95 4.14 -15.34
N VAL F 58 38.37 2.94 -14.94
CA VAL F 58 39.80 2.64 -14.90
C VAL F 58 40.28 1.93 -16.16
N LEU F 59 39.39 1.82 -17.14
CA LEU F 59 39.72 1.16 -18.40
C LEU F 59 40.64 2.07 -19.23
N PRO F 60 41.87 1.59 -19.53
CA PRO F 60 42.84 2.37 -20.31
C PRO F 60 42.32 2.90 -21.64
N GLY F 61 42.38 4.22 -21.82
CA GLY F 61 41.90 4.85 -23.04
C GLY F 61 40.48 5.39 -22.96
N PHE F 62 39.61 4.60 -22.37
CA PHE F 62 38.20 4.96 -22.24
C PHE F 62 37.96 6.33 -21.64
N LYS F 63 38.57 6.57 -20.48
CA LYS F 63 38.43 7.83 -19.75
C LYS F 63 38.88 9.06 -20.52
N ASN F 64 39.58 8.86 -21.64
CA ASN F 64 40.02 10.00 -22.43
C ASN F 64 38.96 10.46 -23.42
N LEU F 65 37.93 9.64 -23.61
CA LEU F 65 36.85 9.98 -24.53
C LEU F 65 35.93 10.93 -23.78
N PRO F 66 35.15 11.73 -24.51
CA PRO F 66 34.26 12.61 -23.72
C PRO F 66 33.18 11.78 -23.02
N LEU F 67 32.77 12.26 -21.84
CA LEU F 67 31.76 11.61 -21.00
C LEU F 67 30.55 11.10 -21.78
N GLU F 68 29.96 11.96 -22.59
CA GLU F 68 28.78 11.57 -23.38
C GLU F 68 29.06 10.30 -24.17
N ASP F 69 30.22 10.24 -24.81
CA ASP F 69 30.59 9.08 -25.60
C ASP F 69 30.77 7.83 -24.75
N GLN F 70 31.22 8.00 -23.52
CA GLN F 70 31.41 6.88 -22.59
C GLN F 70 30.06 6.30 -22.20
N ILE F 71 29.14 7.18 -21.79
CA ILE F 71 27.80 6.75 -21.40
C ILE F 71 27.13 6.12 -22.59
N THR F 72 27.24 6.76 -23.75
CA THR F 72 26.64 6.24 -24.97
C THR F 72 27.08 4.80 -25.23
N LEU F 73 28.39 4.53 -25.17
CA LEU F 73 28.87 3.17 -25.43
C LEU F 73 28.42 2.14 -24.38
N ILE F 74 28.33 2.53 -23.12
CA ILE F 74 27.91 1.63 -22.05
C ILE F 74 26.47 1.24 -22.32
N GLN F 75 25.64 2.23 -22.62
CA GLN F 75 24.23 2.02 -22.91
C GLN F 75 23.97 1.15 -24.15
N TYR F 76 24.78 1.34 -25.19
CA TYR F 76 24.63 0.55 -26.41
C TYR F 76 25.11 -0.90 -26.24
N SER F 77 26.03 -1.14 -25.30
CA SER F 77 26.61 -2.47 -25.17
C SER F 77 26.53 -3.21 -23.85
N TRP F 78 25.86 -2.65 -22.85
CA TRP F 78 25.76 -3.33 -21.56
C TRP F 78 25.36 -4.79 -21.68
N MET F 79 24.43 -5.08 -22.60
CA MET F 79 23.97 -6.46 -22.76
C MET F 79 25.02 -7.36 -23.38
N CYS F 80 25.92 -6.79 -24.18
CA CYS F 80 26.97 -7.61 -24.79
C CYS F 80 27.90 -7.98 -23.66
N LEU F 81 28.37 -6.96 -22.93
CA LEU F 81 29.29 -7.14 -21.82
C LEU F 81 28.79 -8.16 -20.79
N LEU F 82 27.64 -7.90 -20.21
CA LEU F 82 27.10 -8.81 -19.21
C LEU F 82 26.87 -10.24 -19.71
N SER F 83 26.42 -10.37 -20.96
CA SER F 83 26.14 -11.67 -21.56
C SER F 83 27.43 -12.42 -21.89
N PHE F 84 28.41 -11.70 -22.42
CA PHE F 84 29.70 -12.29 -22.77
C PHE F 84 30.38 -12.80 -21.50
N ALA F 85 30.22 -12.06 -20.41
CA ALA F 85 30.83 -12.43 -19.14
C ALA F 85 30.07 -13.59 -18.52
N LEU F 86 28.80 -13.75 -18.86
CA LEU F 86 28.03 -14.87 -18.34
C LEU F 86 28.67 -16.14 -18.90
N SER F 87 28.96 -16.12 -20.19
CA SER F 87 29.58 -17.26 -20.85
C SER F 87 30.93 -17.58 -20.22
N TRP F 88 31.66 -16.55 -19.79
CA TRP F 88 32.95 -16.75 -19.17
C TRP F 88 32.84 -17.44 -17.81
N ARG F 89 31.98 -16.92 -16.94
CA ARG F 89 31.80 -17.55 -15.64
C ARG F 89 31.25 -18.98 -15.82
N SER F 90 30.42 -19.19 -16.83
CA SER F 90 29.84 -20.50 -17.11
C SER F 90 30.93 -21.45 -17.64
N TYR F 91 31.90 -20.88 -18.33
CA TYR F 91 33.01 -21.62 -18.90
C TYR F 91 34.04 -21.99 -17.84
N LYS F 92 34.34 -21.04 -16.96
CA LYS F 92 35.31 -21.23 -15.88
C LYS F 92 34.80 -22.03 -14.69
N HIS F 93 33.59 -21.73 -14.23
CA HIS F 93 33.04 -22.41 -13.06
C HIS F 93 32.35 -23.74 -13.32
N THR F 94 31.73 -23.91 -14.49
CA THR F 94 31.05 -25.17 -14.77
C THR F 94 31.41 -25.81 -16.12
N ASN F 95 32.55 -25.41 -16.64
CA ASN F 95 33.04 -25.95 -17.90
C ASN F 95 31.98 -25.90 -19.01
N SER F 96 31.28 -24.76 -19.09
CA SER F 96 30.25 -24.53 -20.10
C SER F 96 29.12 -25.56 -20.18
N GLN F 97 28.74 -26.10 -19.04
CA GLN F 97 27.64 -27.07 -19.00
C GLN F 97 26.39 -26.34 -18.54
N PHE F 98 26.56 -25.59 -17.44
CA PHE F 98 25.49 -24.82 -16.83
C PHE F 98 25.75 -23.34 -17.14
N LEU F 99 24.80 -22.48 -16.80
CA LEU F 99 24.99 -21.05 -16.99
C LEU F 99 25.15 -20.49 -15.58
N TYR F 100 26.34 -19.97 -15.31
CA TYR F 100 26.68 -19.43 -13.99
C TYR F 100 26.39 -17.93 -13.84
N PHE F 101 25.15 -17.60 -13.49
CA PHE F 101 24.78 -16.20 -13.32
C PHE F 101 25.47 -15.59 -12.10
N ALA F 102 25.48 -16.35 -11.01
CA ALA F 102 26.10 -15.92 -9.76
C ALA F 102 26.29 -17.14 -8.86
N PRO F 103 27.06 -16.98 -7.76
CA PRO F 103 27.32 -18.08 -6.82
C PRO F 103 26.03 -18.75 -6.33
N ASP F 104 24.99 -17.96 -6.14
CA ASP F 104 23.71 -18.46 -5.66
C ASP F 104 22.66 -18.59 -6.76
N LEU F 105 23.08 -18.61 -8.01
CA LEU F 105 22.13 -18.72 -9.13
C LEU F 105 22.77 -19.36 -10.35
N VAL F 106 22.69 -20.69 -10.43
CA VAL F 106 23.24 -21.44 -11.56
C VAL F 106 22.09 -22.20 -12.22
N PHE F 107 21.96 -22.05 -13.54
CA PHE F 107 20.88 -22.71 -14.26
C PHE F 107 21.30 -24.02 -14.90
N ASN F 108 20.43 -25.02 -14.75
CA ASN F 108 20.65 -26.33 -15.32
C ASN F 108 19.89 -26.39 -16.63
N GLU F 109 18.59 -26.65 -16.53
CA GLU F 109 17.71 -26.72 -17.70
C GLU F 109 16.27 -26.50 -17.28
N GLU F 110 15.95 -26.87 -16.04
CA GLU F 110 14.60 -26.69 -15.52
C GLU F 110 14.42 -25.21 -15.23
N LYS F 111 15.45 -24.61 -14.66
CA LYS F 111 15.45 -23.19 -14.34
C LYS F 111 15.28 -22.41 -15.64
N MET F 112 15.94 -22.88 -16.69
CA MET F 112 15.87 -22.24 -18.00
C MET F 112 14.43 -22.26 -18.51
N HIS F 113 13.69 -23.29 -18.11
CA HIS F 113 12.29 -23.44 -18.51
C HIS F 113 11.34 -22.70 -17.57
N GLN F 114 11.65 -22.72 -16.28
CA GLN F 114 10.82 -22.05 -15.29
C GLN F 114 10.82 -20.55 -15.57
N SER F 115 11.98 -20.02 -15.92
CA SER F 115 12.11 -18.60 -16.23
C SER F 115 11.42 -18.32 -17.56
N ALA F 116 10.93 -19.37 -18.21
CA ALA F 116 10.26 -19.23 -19.50
C ALA F 116 11.22 -18.51 -20.42
N MET F 117 12.50 -18.88 -20.33
CA MET F 117 13.53 -18.23 -21.12
C MET F 117 14.54 -19.16 -21.77
N TYR F 118 14.09 -20.36 -22.18
CA TYR F 118 14.97 -21.31 -22.85
C TYR F 118 15.29 -20.64 -24.19
N GLU F 119 16.06 -21.31 -25.04
CA GLU F 119 16.42 -20.73 -26.33
C GLU F 119 17.40 -19.60 -26.07
N LEU F 120 16.95 -18.59 -25.34
CA LEU F 120 17.79 -17.46 -25.00
C LEU F 120 18.94 -17.94 -24.12
N CYS F 121 18.62 -18.74 -23.11
CA CYS F 121 19.66 -19.28 -22.23
C CYS F 121 20.51 -20.26 -23.03
N GLN F 122 19.97 -20.74 -24.14
CA GLN F 122 20.67 -21.69 -24.98
C GLN F 122 21.61 -20.97 -25.95
N GLY F 123 21.25 -19.75 -26.32
CA GLY F 123 22.07 -18.98 -27.23
C GLY F 123 23.40 -18.57 -26.64
N MET F 124 23.42 -18.29 -25.33
CA MET F 124 24.64 -17.89 -24.65
C MET F 124 25.41 -19.15 -24.27
N HIS F 125 24.68 -20.19 -23.90
CA HIS F 125 25.29 -21.45 -23.55
C HIS F 125 26.08 -21.99 -24.73
N GLN F 126 25.57 -21.75 -25.95
CA GLN F 126 26.26 -22.19 -27.15
C GLN F 126 27.50 -21.32 -27.35
N ILE F 127 27.54 -20.17 -26.68
CA ILE F 127 28.69 -19.28 -26.76
C ILE F 127 29.70 -19.80 -25.74
N SER F 128 29.20 -20.22 -24.59
CA SER F 128 30.08 -20.74 -23.56
C SER F 128 30.74 -22.02 -24.07
N LEU F 129 30.00 -22.79 -24.88
CA LEU F 129 30.53 -24.02 -25.46
C LEU F 129 31.64 -23.71 -26.46
N GLN F 130 31.49 -22.63 -27.21
CA GLN F 130 32.53 -22.27 -28.18
C GLN F 130 33.81 -21.79 -27.48
N PHE F 131 33.71 -21.58 -26.16
CA PHE F 131 34.83 -21.15 -25.35
C PHE F 131 35.72 -22.36 -25.08
N VAL F 132 35.10 -23.53 -24.97
CA VAL F 132 35.82 -24.77 -24.72
C VAL F 132 36.53 -25.19 -26.00
N ARG F 133 35.81 -25.11 -27.11
CA ARG F 133 36.35 -25.47 -28.41
C ARG F 133 37.64 -24.72 -28.70
N LEU F 134 37.63 -23.41 -28.49
CA LEU F 134 38.80 -22.56 -28.74
C LEU F 134 39.73 -22.55 -27.54
N GLN F 135 39.24 -23.05 -26.42
CA GLN F 135 40.03 -23.06 -25.19
C GLN F 135 40.41 -21.60 -24.90
N LEU F 136 39.40 -20.73 -24.91
CA LEU F 136 39.57 -19.30 -24.69
C LEU F 136 40.40 -19.00 -23.45
N THR F 137 41.38 -18.11 -23.59
CA THR F 137 42.25 -17.71 -22.50
C THR F 137 41.80 -16.39 -21.87
N PHE F 138 42.23 -16.15 -20.62
CA PHE F 138 41.86 -14.94 -19.91
C PHE F 138 42.32 -13.66 -20.62
N GLU F 139 43.47 -13.74 -21.27
CA GLU F 139 44.03 -12.60 -22.02
C GLU F 139 43.13 -12.20 -23.21
N GLU F 140 42.65 -13.20 -23.95
CA GLU F 140 41.79 -12.95 -25.12
C GLU F 140 40.42 -12.45 -24.68
N TYR F 141 39.92 -13.06 -23.61
CA TYR F 141 38.62 -12.71 -23.04
C TYR F 141 38.54 -11.24 -22.61
N THR F 142 39.57 -10.78 -21.93
CA THR F 142 39.61 -9.42 -21.42
C THR F 142 39.67 -8.37 -22.54
N ILE F 143 40.32 -8.69 -23.65
CA ILE F 143 40.40 -7.76 -24.77
C ILE F 143 39.11 -7.81 -25.61
N MET F 144 38.55 -9.00 -25.76
CA MET F 144 37.32 -9.16 -26.52
C MET F 144 36.16 -8.38 -25.90
N LYS F 145 36.20 -8.28 -24.57
CA LYS F 145 35.16 -7.58 -23.84
C LYS F 145 35.27 -6.05 -24.03
N VAL F 146 36.49 -5.54 -24.10
CA VAL F 146 36.68 -4.11 -24.34
C VAL F 146 36.19 -3.82 -25.77
N LEU F 147 36.48 -4.73 -26.69
CA LEU F 147 36.05 -4.58 -28.08
C LEU F 147 34.54 -4.52 -28.13
N LEU F 148 33.87 -5.40 -27.39
CA LEU F 148 32.41 -5.38 -27.37
C LEU F 148 31.91 -4.00 -26.87
N LEU F 149 32.59 -3.43 -25.89
CA LEU F 149 32.18 -2.12 -25.38
C LEU F 149 32.22 -1.08 -26.49
N LEU F 150 33.03 -1.33 -27.52
CA LEU F 150 33.20 -0.41 -28.63
C LEU F 150 32.62 -0.99 -29.93
N SER F 151 31.66 -1.90 -29.78
CA SER F 151 31.05 -2.57 -30.90
C SER F 151 29.86 -1.87 -31.59
N THR F 152 29.27 -0.86 -30.95
CA THR F 152 28.13 -0.17 -31.51
C THR F 152 28.17 1.35 -31.31
N ILE F 153 27.85 2.12 -32.36
CA ILE F 153 27.86 3.58 -32.25
C ILE F 153 26.62 4.22 -32.87
N PRO F 154 26.36 5.51 -32.53
CA PRO F 154 25.21 6.26 -33.05
C PRO F 154 25.25 6.30 -34.57
N LYS F 155 24.07 6.39 -35.19
CA LYS F 155 23.99 6.43 -36.64
C LYS F 155 24.94 7.47 -37.22
N ASP F 156 25.05 8.64 -36.59
CA ASP F 156 25.93 9.68 -37.10
C ASP F 156 27.25 9.83 -36.34
N GLY F 157 27.65 8.77 -35.64
CA GLY F 157 28.89 8.81 -34.90
C GLY F 157 28.85 9.50 -33.54
N LEU F 158 29.91 9.29 -32.78
CA LEU F 158 30.05 9.88 -31.45
C LEU F 158 30.55 11.32 -31.58
N LYS F 159 30.59 12.04 -30.45
CA LYS F 159 31.04 13.42 -30.44
C LYS F 159 32.51 13.52 -30.82
N SER F 160 33.26 12.50 -30.46
CA SER F 160 34.69 12.47 -30.76
C SER F 160 34.93 11.13 -31.42
N GLN F 161 34.35 10.98 -32.61
CA GLN F 161 34.42 9.75 -33.40
C GLN F 161 35.84 9.35 -33.75
N ALA F 162 36.69 10.35 -34.01
CA ALA F 162 38.06 10.07 -34.33
C ALA F 162 38.77 9.48 -33.12
N ALA F 163 38.46 10.01 -31.95
CA ALA F 163 39.06 9.54 -30.69
C ALA F 163 38.57 8.12 -30.39
N PHE F 164 37.33 7.83 -30.76
CA PHE F 164 36.78 6.49 -30.55
C PHE F 164 37.54 5.49 -31.42
N GLU F 165 37.83 5.88 -32.65
CA GLU F 165 38.54 5.00 -33.57
C GLU F 165 39.99 4.75 -33.19
N GLU F 166 40.60 5.70 -32.49
CA GLU F 166 41.99 5.53 -32.08
C GLU F 166 42.05 4.46 -31.00
N MET F 167 41.11 4.49 -30.08
CA MET F 167 41.05 3.51 -29.00
C MET F 167 40.62 2.13 -29.51
N ARG F 168 39.76 2.09 -30.53
CA ARG F 168 39.28 0.82 -31.04
C ARG F 168 40.35 0.14 -31.90
N THR F 169 41.04 0.91 -32.72
CA THR F 169 42.09 0.33 -33.54
C THR F 169 43.19 -0.16 -32.59
N ASN F 170 43.40 0.60 -31.52
CA ASN F 170 44.41 0.23 -30.53
C ASN F 170 44.10 -1.13 -29.91
N TYR F 171 42.92 -1.27 -29.31
CA TYR F 171 42.57 -2.54 -28.71
C TYR F 171 42.53 -3.69 -29.72
N ILE F 172 42.27 -3.39 -30.99
CA ILE F 172 42.26 -4.43 -32.02
C ILE F 172 43.70 -4.93 -32.17
N LYS F 173 44.63 -3.99 -32.29
CA LYS F 173 46.05 -4.33 -32.39
C LYS F 173 46.46 -5.23 -31.21
N GLU F 174 45.94 -4.90 -30.02
CA GLU F 174 46.27 -5.66 -28.82
C GLU F 174 45.72 -7.10 -28.88
N LEU F 175 44.57 -7.28 -29.51
CA LEU F 175 43.98 -8.61 -29.65
C LEU F 175 44.89 -9.45 -30.54
N ARG F 176 45.36 -8.83 -31.62
CA ARG F 176 46.26 -9.51 -32.54
C ARG F 176 47.55 -9.81 -31.79
N LYS F 177 47.92 -8.94 -30.86
CA LYS F 177 49.13 -9.14 -30.06
C LYS F 177 48.97 -10.37 -29.16
N MET F 178 47.83 -10.49 -28.49
CA MET F 178 47.57 -11.63 -27.61
C MET F 178 47.41 -12.95 -28.36
N VAL F 179 47.63 -12.92 -29.67
CA VAL F 179 47.52 -14.12 -30.50
C VAL F 179 48.68 -14.25 -31.47
N ASN F 184 55.68 -15.39 -35.07
CA ASN F 184 56.46 -16.63 -35.07
C ASN F 184 55.79 -17.53 -36.06
N ASN F 185 54.48 -17.54 -35.97
CA ASN F 185 53.65 -18.38 -36.81
C ASN F 185 52.43 -17.57 -37.22
N SER F 186 52.64 -16.65 -38.15
CA SER F 186 51.56 -15.78 -38.59
C SER F 186 50.31 -16.46 -39.13
N GLY F 187 50.41 -17.71 -39.58
CA GLY F 187 49.22 -18.37 -40.10
C GLY F 187 48.28 -18.66 -38.94
N GLN F 188 48.83 -19.32 -37.92
CA GLN F 188 48.06 -19.67 -36.75
C GLN F 188 47.61 -18.41 -35.99
N SER F 189 48.45 -17.39 -36.03
CA SER F 189 48.15 -16.13 -35.38
C SER F 189 46.92 -15.48 -36.04
N TRP F 190 46.91 -15.42 -37.38
CA TRP F 190 45.78 -14.83 -38.10
C TRP F 190 44.53 -15.69 -38.10
N GLN F 191 44.70 -16.99 -37.98
CA GLN F 191 43.56 -17.88 -37.95
C GLN F 191 42.86 -17.76 -36.60
N ARG F 192 43.65 -17.53 -35.55
CA ARG F 192 43.09 -17.38 -34.21
C ARG F 192 42.29 -16.08 -34.13
N PHE F 193 42.95 -14.96 -34.41
CA PHE F 193 42.30 -13.64 -34.40
C PHE F 193 40.95 -13.71 -35.12
N TYR F 194 40.94 -14.40 -36.25
CA TYR F 194 39.74 -14.54 -37.05
C TYR F 194 38.60 -15.26 -36.32
N GLN F 195 38.91 -16.41 -35.75
CA GLN F 195 37.89 -17.16 -35.04
C GLN F 195 37.47 -16.37 -33.81
N LEU F 196 38.38 -15.52 -33.32
CA LEU F 196 38.08 -14.71 -32.14
C LEU F 196 37.19 -13.55 -32.54
N THR F 197 37.53 -12.86 -33.64
CA THR F 197 36.70 -11.74 -34.08
C THR F 197 35.38 -12.21 -34.64
N LYS F 198 35.33 -13.44 -35.17
CA LYS F 198 34.09 -13.98 -35.72
C LYS F 198 33.14 -14.32 -34.59
N LEU F 199 33.70 -14.66 -33.43
CA LEU F 199 32.90 -14.98 -32.25
C LEU F 199 32.24 -13.69 -31.76
N LEU F 200 32.95 -12.57 -31.89
CA LEU F 200 32.45 -11.27 -31.48
C LEU F 200 31.32 -10.81 -32.42
N ASP F 201 31.44 -11.14 -33.71
CA ASP F 201 30.42 -10.78 -34.69
C ASP F 201 29.09 -11.40 -34.32
N SER F 202 29.10 -12.73 -34.14
CA SER F 202 27.90 -13.47 -33.80
C SER F 202 27.20 -12.96 -32.54
N MET F 203 27.87 -12.04 -31.82
CA MET F 203 27.30 -11.47 -30.61
C MET F 203 26.23 -10.41 -30.95
N HIS F 204 26.38 -9.72 -32.07
CA HIS F 204 25.39 -8.72 -32.49
C HIS F 204 23.98 -9.31 -32.57
N ASP F 205 23.81 -10.36 -33.36
CA ASP F 205 22.51 -11.00 -33.51
C ASP F 205 22.05 -11.62 -32.19
N LEU F 206 22.98 -12.06 -31.36
CA LEU F 206 22.62 -12.65 -30.08
C LEU F 206 22.08 -11.60 -29.11
N VAL F 207 22.77 -10.46 -29.02
CA VAL F 207 22.33 -9.41 -28.11
C VAL F 207 20.94 -8.89 -28.54
N SER F 208 20.73 -8.74 -29.84
CA SER F 208 19.47 -8.27 -30.38
C SER F 208 18.30 -9.06 -29.81
N ASP F 209 18.41 -10.38 -29.85
CA ASP F 209 17.36 -11.23 -29.31
C ASP F 209 17.20 -10.96 -27.83
N LEU F 210 18.30 -11.00 -27.10
CA LEU F 210 18.24 -10.73 -25.66
C LEU F 210 17.60 -9.38 -25.34
N LEU F 211 18.06 -8.32 -26.03
CA LEU F 211 17.53 -6.98 -25.82
C LEU F 211 16.03 -6.94 -26.17
N GLU F 212 15.65 -7.65 -27.22
CA GLU F 212 14.25 -7.70 -27.62
C GLU F 212 13.37 -8.32 -26.56
N PHE F 213 13.81 -9.43 -25.98
CA PHE F 213 13.01 -10.06 -24.92
C PHE F 213 12.94 -9.10 -23.74
N CYS F 214 14.07 -8.44 -23.46
CA CYS F 214 14.14 -7.50 -22.36
C CYS F 214 13.15 -6.36 -22.59
N PHE F 215 13.18 -5.79 -23.80
CA PHE F 215 12.29 -4.70 -24.14
C PHE F 215 10.83 -5.10 -23.97
N TYR F 216 10.45 -6.24 -24.54
CA TYR F 216 9.09 -6.70 -24.45
C TYR F 216 8.63 -6.85 -23.00
N THR F 217 9.43 -7.55 -22.20
CA THR F 217 9.09 -7.77 -20.80
C THR F 217 8.95 -6.45 -20.05
N PHE F 218 9.71 -5.45 -20.49
CA PHE F 218 9.67 -4.15 -19.85
C PHE F 218 8.26 -3.56 -19.95
N ARG F 219 7.58 -3.84 -21.05
CA ARG F 219 6.21 -3.33 -21.22
C ARG F 219 5.28 -3.87 -20.15
N GLU F 220 5.18 -5.20 -20.04
CA GLU F 220 4.29 -5.83 -19.07
C GLU F 220 4.93 -5.92 -17.68
N SER F 221 5.77 -4.94 -17.33
CA SER F 221 6.44 -4.91 -16.03
C SER F 221 5.49 -5.09 -14.85
N HIS F 222 4.55 -4.15 -14.71
CA HIS F 222 3.57 -4.18 -13.64
C HIS F 222 2.69 -5.41 -13.76
N ALA F 223 2.28 -5.72 -14.99
CA ALA F 223 1.43 -6.88 -15.26
C ALA F 223 2.11 -8.16 -14.79
N LEU F 224 3.25 -8.49 -15.40
CA LEU F 224 4.00 -9.68 -15.02
C LEU F 224 4.62 -9.45 -13.64
N LYS F 225 4.41 -8.24 -13.11
CA LYS F 225 4.94 -7.85 -11.81
C LYS F 225 6.48 -7.85 -11.78
N VAL F 226 7.10 -8.27 -12.89
CA VAL F 226 8.55 -8.30 -13.00
C VAL F 226 9.09 -6.91 -12.67
N GLU F 227 10.14 -6.84 -11.86
CA GLU F 227 10.68 -5.53 -11.51
C GLU F 227 12.05 -5.26 -12.12
N PHE F 228 12.33 -3.98 -12.35
CA PHE F 228 13.59 -3.55 -12.94
C PHE F 228 14.34 -2.54 -12.08
N PRO F 229 15.67 -2.69 -11.96
CA PRO F 229 16.48 -1.77 -11.15
C PRO F 229 16.55 -0.42 -11.89
N ALA F 230 16.60 0.67 -11.12
CA ALA F 230 16.66 2.02 -11.68
C ALA F 230 17.55 2.18 -12.91
N MET F 231 18.81 1.76 -12.80
CA MET F 231 19.76 1.91 -13.92
C MET F 231 19.34 1.12 -15.16
N LEU F 232 18.64 0.02 -14.96
CA LEU F 232 18.16 -0.77 -16.10
C LEU F 232 17.00 -0.01 -16.71
N VAL F 233 16.21 0.63 -15.87
CA VAL F 233 15.07 1.41 -16.34
C VAL F 233 15.56 2.56 -17.23
N GLU F 234 16.66 3.20 -16.83
CA GLU F 234 17.21 4.32 -17.59
C GLU F 234 17.81 3.89 -18.94
N ILE F 235 18.54 2.78 -18.93
CA ILE F 235 19.15 2.25 -20.15
C ILE F 235 18.08 1.83 -21.15
N ILE F 236 17.14 1.02 -20.67
CA ILE F 236 16.06 0.53 -21.51
C ILE F 236 15.22 1.67 -22.07
N SER F 237 14.92 2.64 -21.23
CA SER F 237 14.11 3.78 -21.64
C SER F 237 14.84 4.67 -22.62
N ASP F 238 16.13 4.40 -22.81
CA ASP F 238 16.92 5.22 -23.73
C ASP F 238 17.21 4.48 -25.03
N GLN F 239 17.37 3.17 -24.92
CA GLN F 239 17.65 2.31 -26.07
C GLN F 239 16.41 2.02 -26.92
N LEU F 240 15.32 1.67 -26.23
CA LEU F 240 14.06 1.34 -26.88
C LEU F 240 13.48 2.45 -27.74
N PRO F 241 13.42 3.69 -27.21
CA PRO F 241 12.87 4.82 -27.96
C PRO F 241 13.50 5.05 -29.32
N LYS F 242 13.70 6.32 -29.65
CA LYS F 242 14.29 6.73 -30.92
C LYS F 242 15.41 5.79 -31.39
N VAL F 243 16.17 5.26 -30.44
CA VAL F 243 17.29 4.39 -30.76
C VAL F 243 16.86 3.02 -31.29
N GLU F 244 15.57 2.86 -31.54
CA GLU F 244 15.06 1.61 -32.09
C GLU F 244 15.05 1.78 -33.61
N SER F 245 14.74 2.99 -34.04
CA SER F 245 14.70 3.35 -35.46
C SER F 245 15.91 2.80 -36.20
N GLY F 246 17.01 3.55 -36.18
CA GLY F 246 18.21 3.10 -36.84
C GLY F 246 19.44 3.82 -36.33
N ASN F 247 19.35 4.36 -35.12
CA ASN F 247 20.46 5.10 -34.54
C ASN F 247 21.61 4.16 -34.17
N ALA F 248 21.29 2.88 -33.96
CA ALA F 248 22.29 1.88 -33.60
C ALA F 248 23.05 1.40 -34.83
N LYS F 249 24.35 1.68 -34.88
CA LYS F 249 25.18 1.26 -36.02
C LYS F 249 26.19 0.18 -35.62
N PRO F 250 25.79 -1.10 -35.64
CA PRO F 250 26.71 -2.17 -35.27
C PRO F 250 27.98 -2.20 -36.13
N LEU F 251 29.12 -2.46 -35.49
CA LEU F 251 30.39 -2.53 -36.20
C LEU F 251 30.84 -3.99 -36.30
N TYR F 252 31.10 -4.44 -37.52
CA TYR F 252 31.54 -5.82 -37.78
C TYR F 252 32.99 -5.88 -38.23
N PHE F 253 33.66 -6.99 -37.90
CA PHE F 253 35.04 -7.19 -38.29
C PHE F 253 35.08 -7.85 -39.68
N HIS F 254 34.03 -8.61 -39.98
CA HIS F 254 33.92 -9.30 -41.26
C HIS F 254 32.51 -9.18 -41.83
#